data_8FFN
#
_entry.id   8FFN
#
_cell.length_a   1.00
_cell.length_b   1.00
_cell.length_c   1.00
_cell.angle_alpha   90.00
_cell.angle_beta   90.00
_cell.angle_gamma   90.00
#
_symmetry.space_group_name_H-M   'P 1'
#
loop_
_entity.id
_entity.type
_entity.pdbx_description
1 polymer 'Transient receptor potential cation channel subfamily V member 5'
2 non-polymer 'ruthenium(6+) azanide pentaamino(oxido)ruthenium (1/4/2)'
3 non-polymer '(2S)-3-(hexadecanoyloxy)-2-[(9Z)-octadec-9-enoyloxy]propyl 2-(trimethylammonio)ethyl phosphate'
4 non-polymer ERGOSTEROL
#
_entity_poly.entity_id   1
_entity_poly.type   'polypeptide(L)'
_entity_poly.pdbx_seq_one_letter_code
;MGACPPKAKGPWAQLQKLLISWPVGEQDWEQYRDRVNMLQQERIRDSPLLQAAKENDLRLLKILLLNQSCDFQQRGAVGE
TALHVAALYDNLEAATLLMEAAPELAKEPALCEPFVGQTALHIAVMNQNLNLVRALLARGASVSARATGAAFRRSPHNLI
YYGEHPLSFAACVGSEEIVRLLIEHGADIRAQDSLGNTVLHILILQPNKTFACQMYNLLLSYDEHSDHLQSLELVPNHQG
LTPFKLAGVEGNTVMFQHLMQKRKHVQWTCGPLTSTLYDLTEIDSWGEELSFLELVVSSKKREARQILEQTPVKELVSFK
WKKYGRPYFCVLASLYILYMICFTTCCIYRPLKLRDDNRTDPRDITILQQKLLQEAYVTHQDNIRLVGELVTVTGAVIIL
LLEIPDIFRVGASRYFGQTILGGPFHVIIITYASLVLLTMVMRLTNMNGEVVPLSFALVLGWCSVMYFARGFQMLGPFTI
MIQKMIFGDLMRFCWLMAVVILGFASAFHITFQTEDPNNLGEFSDYPTALFSTFELFLTIIDGPANYSVDLPFMYCITYA
AFAIIATLLMLNLFIAMMGDTHWRVAQERDELWRAQVVATTVMLERKMPRFLWPRSGICGYEYGLGDRWFLRVENHHDQN
PLRVLRYVEAFKCSDKEDGQEQLSEKRPSTVESGMLSRASVAFQTPSLSRTTSQSSNSHRGWEILRRNTLGHLNLGLDLG
EGDGEEVYHFTETSQVAPA
;
_entity_poly.pdbx_strand_id   A,B,C,D
#
# COMPACT_ATOMS: atom_id res chain seq x y z
N ASP A 28 23.96 35.54 -15.59
CA ASP A 28 23.61 34.13 -15.43
C ASP A 28 24.73 33.27 -16.04
N TRP A 29 24.99 32.12 -15.42
CA TRP A 29 26.06 31.26 -15.92
C TRP A 29 25.64 30.52 -17.18
N GLU A 30 24.36 30.18 -17.31
CA GLU A 30 23.89 29.47 -18.49
C GLU A 30 23.93 30.36 -19.73
N GLN A 31 23.55 31.63 -19.58
CA GLN A 31 23.52 32.55 -20.71
C GLN A 31 24.92 32.87 -21.20
N TYR A 32 25.88 33.01 -20.27
CA TYR A 32 27.26 33.28 -20.66
C TYR A 32 27.88 32.09 -21.38
N ARG A 33 27.63 30.87 -20.89
CA ARG A 33 28.14 29.67 -21.55
C ARG A 33 27.50 29.48 -22.92
N ASP A 34 26.20 29.78 -23.03
CA ASP A 34 25.51 29.70 -24.32
C ASP A 34 26.08 30.72 -25.31
N ARG A 35 26.31 31.95 -24.85
CA ARG A 35 26.91 32.97 -25.71
C ARG A 35 28.31 32.59 -26.14
N VAL A 36 29.09 32.00 -25.22
CA VAL A 36 30.44 31.54 -25.54
C VAL A 36 30.40 30.44 -26.60
N ASN A 37 29.46 29.50 -26.47
CA ASN A 37 29.38 28.40 -27.43
C ASN A 37 28.94 28.87 -28.81
N MET A 38 27.92 29.74 -28.88
CA MET A 38 27.49 30.24 -30.19
C MET A 38 28.51 31.20 -30.79
N LEU A 39 29.26 31.94 -29.96
CA LEU A 39 30.33 32.77 -30.49
C LEU A 39 31.47 31.93 -31.04
N GLN A 40 31.79 30.81 -30.36
CA GLN A 40 32.82 29.90 -30.86
C GLN A 40 32.40 29.28 -32.19
N GLN A 41 31.13 28.86 -32.29
CA GLN A 41 30.64 28.30 -33.55
C GLN A 41 30.61 29.35 -34.66
N GLU A 42 30.27 30.60 -34.32
CA GLU A 42 30.23 31.66 -35.32
C GLU A 42 31.64 32.01 -35.82
N ARG A 43 32.62 32.06 -34.92
CA ARG A 43 33.98 32.35 -35.35
C ARG A 43 34.63 31.16 -36.05
N ILE A 44 34.16 29.94 -35.79
CA ILE A 44 34.56 28.82 -36.62
C ILE A 44 33.96 28.95 -38.01
N ARG A 45 32.69 29.38 -38.09
CA ARG A 45 31.99 29.47 -39.37
C ARG A 45 32.56 30.59 -40.24
N ASP A 46 32.97 31.70 -39.63
CA ASP A 46 33.50 32.81 -40.42
C ASP A 46 34.88 32.51 -40.97
N SER A 47 35.74 31.87 -40.18
CA SER A 47 37.10 31.57 -40.61
C SER A 47 37.11 30.36 -41.54
N PRO A 48 37.74 30.44 -42.71
CA PRO A 48 37.78 29.27 -43.60
C PRO A 48 38.71 28.17 -43.11
N LEU A 49 39.80 28.52 -42.42
CA LEU A 49 40.69 27.51 -41.86
C LEU A 49 40.00 26.71 -40.76
N LEU A 50 39.26 27.41 -39.88
CA LEU A 50 38.52 26.72 -38.82
C LEU A 50 37.40 25.87 -39.40
N GLN A 51 36.77 26.35 -40.49
CA GLN A 51 35.71 25.58 -41.14
C GLN A 51 36.26 24.31 -41.77
N ALA A 52 37.41 24.41 -42.46
CA ALA A 52 38.03 23.25 -43.09
C ALA A 52 38.56 22.27 -42.05
N ALA A 53 39.00 22.77 -40.90
CA ALA A 53 39.34 21.88 -39.81
C ALA A 53 38.10 21.26 -39.18
N LYS A 54 36.95 21.92 -39.30
CA LYS A 54 35.72 21.40 -38.72
C LYS A 54 35.17 20.24 -39.53
N GLU A 55 34.87 20.45 -40.82
CA GLU A 55 34.27 19.38 -41.61
C GLU A 55 35.28 18.60 -42.44
N ASN A 56 36.57 18.64 -42.08
CA ASN A 56 37.63 17.81 -42.68
C ASN A 56 37.74 18.00 -44.19
N ASP A 57 37.68 19.26 -44.63
CA ASP A 57 37.80 19.58 -46.05
C ASP A 57 39.29 19.64 -46.34
N LEU A 58 39.82 18.56 -46.94
CA LEU A 58 41.26 18.48 -47.17
C LEU A 58 41.73 19.41 -48.29
N ARG A 59 40.92 19.57 -49.35
CA ARG A 59 41.34 20.30 -50.54
C ARG A 59 41.57 21.78 -50.24
N LEU A 60 40.56 22.42 -49.63
CA LEU A 60 40.70 23.84 -49.31
C LEU A 60 41.72 24.04 -48.19
N LEU A 61 41.94 23.01 -47.37
CA LEU A 61 43.01 23.06 -46.39
C LEU A 61 44.38 23.12 -47.04
N LYS A 62 44.61 22.28 -48.05
CA LYS A 62 45.89 22.33 -48.77
C LYS A 62 46.06 23.64 -49.52
N ILE A 63 44.96 24.16 -50.09
CA ILE A 63 45.00 25.44 -50.79
C ILE A 63 45.36 26.57 -49.82
N LEU A 64 44.78 26.55 -48.62
CA LEU A 64 45.02 27.63 -47.66
C LEU A 64 46.39 27.51 -47.02
N LEU A 65 46.85 26.27 -46.75
CA LEU A 65 48.17 26.09 -46.15
C LEU A 65 49.28 26.34 -47.16
N LEU A 66 49.00 26.15 -48.44
CA LEU A 66 49.96 26.54 -49.47
C LEU A 66 50.06 28.06 -49.56
N ASN A 67 48.94 28.75 -49.37
CA ASN A 67 48.94 30.21 -49.37
C ASN A 67 49.43 30.57 -47.97
N ASP A 71 47.75 33.42 -42.33
CA ASP A 71 47.75 33.29 -40.87
C ASP A 71 47.34 31.88 -40.47
N PHE A 72 48.21 31.19 -39.73
CA PHE A 72 47.93 29.85 -39.25
C PHE A 72 47.65 29.79 -37.76
N GLN A 73 48.05 30.80 -37.00
CA GLN A 73 47.81 30.87 -35.57
C GLN A 73 46.61 31.73 -35.21
N GLN A 74 45.62 31.82 -36.10
CA GLN A 74 44.41 32.57 -35.80
C GLN A 74 43.59 31.83 -34.75
N ARG A 75 42.92 32.61 -33.90
CA ARG A 75 42.17 32.08 -32.78
C ARG A 75 40.70 32.48 -32.90
N GLY A 76 39.83 31.63 -32.35
CA GLY A 76 38.41 31.89 -32.34
C GLY A 76 37.97 32.68 -31.12
N ALA A 77 36.67 32.61 -30.83
CA ALA A 77 36.12 33.30 -29.67
C ALA A 77 36.55 32.66 -28.36
N VAL A 78 36.61 31.32 -28.32
CA VAL A 78 37.15 30.61 -27.17
C VAL A 78 38.64 30.87 -26.98
N GLY A 79 39.35 31.15 -28.05
CA GLY A 79 40.79 31.30 -27.98
C GLY A 79 41.53 30.10 -28.52
N GLU A 80 40.85 29.26 -29.29
CA GLU A 80 41.37 27.98 -29.74
C GLU A 80 41.90 28.10 -31.17
N THR A 81 42.82 27.21 -31.51
CA THR A 81 43.39 27.17 -32.85
C THR A 81 42.56 26.24 -33.74
N ALA A 82 42.98 26.10 -35.00
CA ALA A 82 42.29 25.18 -35.90
C ALA A 82 42.62 23.72 -35.57
N LEU A 83 43.78 23.49 -34.96
CA LEU A 83 44.10 22.15 -34.45
C LEU A 83 43.15 21.74 -33.33
N HIS A 84 42.73 22.70 -32.51
CA HIS A 84 41.70 22.44 -31.50
C HIS A 84 40.39 22.04 -32.15
N VAL A 85 40.02 22.69 -33.25
CA VAL A 85 38.80 22.35 -33.97
C VAL A 85 38.90 20.96 -34.58
N ALA A 86 40.07 20.62 -35.13
CA ALA A 86 40.28 19.30 -35.71
C ALA A 86 40.23 18.20 -34.64
N ALA A 87 40.76 18.49 -33.46
CA ALA A 87 40.66 17.54 -32.36
C ALA A 87 39.25 17.47 -31.80
N LEU A 88 38.49 18.57 -31.91
CA LEU A 88 37.13 18.59 -31.40
C LEU A 88 36.19 17.81 -32.29
N TYR A 89 36.36 17.90 -33.60
CA TYR A 89 35.47 17.23 -34.54
C TYR A 89 36.04 15.93 -35.08
N ASP A 90 37.09 15.40 -34.45
CA ASP A 90 37.67 14.08 -34.72
C ASP A 90 38.14 13.95 -36.17
N ASN A 91 38.89 14.95 -36.61
CA ASN A 91 39.42 15.02 -37.97
C ASN A 91 40.91 14.71 -37.89
N LEU A 92 41.26 13.45 -38.15
CA LEU A 92 42.66 13.02 -38.04
C LEU A 92 43.50 13.57 -39.20
N GLU A 93 42.97 13.49 -40.42
CA GLU A 93 43.73 13.93 -41.60
C GLU A 93 43.96 15.43 -41.58
N ALA A 94 42.94 16.21 -41.20
CA ALA A 94 43.08 17.65 -41.08
C ALA A 94 44.11 18.02 -40.02
N ALA A 95 44.06 17.34 -38.87
CA ALA A 95 44.99 17.60 -37.79
C ALA A 95 46.42 17.30 -38.21
N THR A 96 46.64 16.17 -38.91
CA THR A 96 47.97 15.87 -39.41
C THR A 96 48.42 16.90 -40.45
N LEU A 97 47.49 17.44 -41.23
CA LEU A 97 47.82 18.47 -42.20
C LEU A 97 48.34 19.74 -41.52
N LEU A 98 47.62 20.26 -40.52
CA LEU A 98 48.15 21.49 -39.92
C LEU A 98 49.24 21.25 -38.87
N MET A 99 49.47 20.02 -38.42
CA MET A 99 50.73 19.79 -37.69
C MET A 99 51.91 19.58 -38.63
N GLU A 100 51.66 19.18 -39.87
CA GLU A 100 52.72 19.19 -40.87
C GLU A 100 53.07 20.61 -41.27
N ALA A 101 52.05 21.45 -41.49
CA ALA A 101 52.30 22.83 -41.88
C ALA A 101 52.79 23.67 -40.70
N ALA A 102 52.17 23.50 -39.53
CA ALA A 102 52.51 24.29 -38.35
C ALA A 102 52.81 23.36 -37.19
N PRO A 103 54.07 22.99 -36.97
CA PRO A 103 54.39 22.08 -35.86
C PRO A 103 54.25 22.73 -34.50
N GLU A 104 54.36 24.06 -34.40
CA GLU A 104 54.23 24.75 -33.13
C GLU A 104 52.78 24.88 -32.68
N LEU A 105 51.81 24.56 -33.53
CA LEU A 105 50.39 24.64 -33.18
C LEU A 105 49.96 23.60 -32.16
N ALA A 106 50.77 22.57 -31.91
CA ALA A 106 50.44 21.51 -30.97
C ALA A 106 50.93 21.81 -29.55
N LYS A 107 51.19 23.08 -29.25
CA LYS A 107 51.70 23.44 -27.93
C LYS A 107 50.90 24.60 -27.34
N GLU A 108 50.19 25.34 -28.19
CA GLU A 108 49.44 26.50 -27.74
C GLU A 108 48.11 26.07 -27.15
N PRO A 109 47.79 26.53 -25.93
CA PRO A 109 46.47 26.26 -25.35
C PRO A 109 45.46 27.35 -25.69
N ALA A 110 44.21 27.15 -25.31
CA ALA A 110 43.21 28.21 -25.47
C ALA A 110 43.42 29.29 -24.41
N LEU A 111 43.02 30.51 -24.75
CA LEU A 111 43.41 31.69 -23.97
C LEU A 111 42.30 32.30 -23.13
N CYS A 112 41.09 32.43 -23.66
CA CYS A 112 40.02 33.13 -22.95
C CYS A 112 39.46 32.25 -21.83
N GLU A 113 38.69 32.87 -20.95
CA GLU A 113 38.29 32.37 -19.63
C GLU A 113 37.58 31.00 -19.56
N PRO A 114 36.56 30.68 -20.37
CA PRO A 114 35.86 29.41 -20.13
C PRO A 114 36.65 28.17 -20.51
N PHE A 115 37.74 28.30 -21.27
CA PHE A 115 38.53 27.13 -21.68
C PHE A 115 40.02 27.40 -21.60
N VAL A 116 40.47 28.27 -20.68
CA VAL A 116 41.89 28.63 -20.63
C VAL A 116 42.70 27.45 -20.12
N GLY A 117 43.74 27.10 -20.88
CA GLY A 117 44.61 25.98 -20.56
C GLY A 117 44.34 24.74 -21.38
N GLN A 118 43.21 24.71 -22.09
CA GLN A 118 42.87 23.55 -22.91
C GLN A 118 43.73 23.48 -24.15
N THR A 119 44.50 22.39 -24.27
CA THR A 119 45.29 22.11 -25.45
C THR A 119 44.55 21.15 -26.35
N ALA A 120 45.11 20.91 -27.54
CA ALA A 120 44.57 19.92 -28.45
C ALA A 120 44.71 18.50 -27.92
N LEU A 121 45.70 18.27 -27.04
CA LEU A 121 45.86 16.97 -26.41
C LEU A 121 44.68 16.65 -25.51
N HIS A 122 44.13 17.66 -24.82
CA HIS A 122 42.96 17.46 -23.95
C HIS A 122 41.75 17.01 -24.76
N ILE A 123 41.50 17.68 -25.90
CA ILE A 123 40.33 17.35 -26.70
C ILE A 123 40.53 16.03 -27.44
N ALA A 124 41.78 15.70 -27.80
CA ALA A 124 42.04 14.40 -28.42
C ALA A 124 41.90 13.27 -27.42
N VAL A 125 42.30 13.50 -26.18
CA VAL A 125 42.16 12.50 -25.12
C VAL A 125 40.68 12.31 -24.77
N MET A 126 39.92 13.41 -24.75
CA MET A 126 38.49 13.35 -24.45
C MET A 126 37.73 12.54 -25.51
N ASN A 127 38.13 12.67 -26.76
CA ASN A 127 37.48 11.96 -27.86
C ASN A 127 38.03 10.55 -28.05
N GLN A 128 39.01 10.14 -27.23
CA GLN A 128 39.61 8.80 -27.26
C GLN A 128 40.22 8.47 -28.63
N ASN A 129 40.85 9.46 -29.26
CA ASN A 129 41.51 9.28 -30.54
C ASN A 129 42.97 8.92 -30.27
N LEU A 130 43.31 7.63 -30.45
CA LEU A 130 44.63 7.15 -30.10
C LEU A 130 45.70 7.69 -31.05
N ASN A 131 45.45 7.63 -32.35
CA ASN A 131 46.43 8.08 -33.33
C ASN A 131 46.62 9.58 -33.29
N LEU A 132 45.56 10.33 -32.97
CA LEU A 132 45.70 11.78 -32.82
C LEU A 132 46.53 12.13 -31.61
N VAL A 133 46.37 11.38 -30.50
CA VAL A 133 47.20 11.60 -29.32
C VAL A 133 48.66 11.25 -29.62
N ARG A 134 48.89 10.16 -30.38
CA ARG A 134 50.25 9.81 -30.78
C ARG A 134 50.88 10.87 -31.67
N ALA A 135 50.10 11.43 -32.61
CA ALA A 135 50.63 12.46 -33.50
C ALA A 135 50.88 13.76 -32.76
N LEU A 136 50.05 14.08 -31.77
CA LEU A 136 50.28 15.28 -30.96
C LEU A 136 51.50 15.12 -30.08
N LEU A 137 51.69 13.93 -29.50
CA LEU A 137 52.86 13.69 -28.66
C LEU A 137 54.14 13.62 -29.50
N ALA A 138 54.04 13.23 -30.77
CA ALA A 138 55.19 13.28 -31.66
C ALA A 138 55.57 14.71 -32.01
N ARG A 139 54.59 15.62 -32.05
CA ARG A 139 54.85 17.02 -32.40
C ARG A 139 55.31 17.84 -31.21
N GLY A 140 55.18 17.34 -29.99
CA GLY A 140 55.65 18.05 -28.83
C GLY A 140 54.56 18.61 -27.94
N ALA A 141 53.43 17.91 -27.86
CA ALA A 141 52.36 18.33 -26.96
C ALA A 141 52.78 18.10 -25.51
N SER A 142 52.45 19.08 -24.65
CA SER A 142 52.83 18.99 -23.25
C SER A 142 51.98 17.96 -22.52
N VAL A 143 52.64 17.05 -21.81
CA VAL A 143 51.93 16.04 -21.03
C VAL A 143 51.44 16.55 -19.69
N SER A 144 51.87 17.74 -19.28
CA SER A 144 51.48 18.33 -18.00
C SER A 144 50.77 19.66 -18.19
N ALA A 145 50.01 19.80 -19.28
CA ALA A 145 49.24 21.01 -19.51
C ALA A 145 48.04 21.05 -18.58
N ARG A 146 47.83 22.21 -17.96
CA ARG A 146 46.78 22.38 -16.97
C ARG A 146 45.64 23.20 -17.57
N ALA A 147 44.47 22.57 -17.69
CA ALA A 147 43.28 23.23 -18.24
C ALA A 147 42.53 23.88 -17.08
N THR A 148 42.92 25.12 -16.76
CA THR A 148 42.37 25.85 -15.62
C THR A 148 41.14 26.66 -15.97
N GLY A 149 40.40 26.27 -17.00
CA GLY A 149 39.21 26.99 -17.39
C GLY A 149 38.04 26.74 -16.45
N ALA A 150 36.97 27.51 -16.68
CA ALA A 150 35.77 27.38 -15.88
C ALA A 150 34.91 26.19 -16.29
N ALA A 151 35.19 25.56 -17.42
CA ALA A 151 34.46 24.40 -17.88
C ALA A 151 35.07 23.09 -17.42
N PHE A 152 36.15 23.14 -16.63
CA PHE A 152 36.80 21.95 -16.12
C PHE A 152 36.80 21.85 -14.61
N ARG A 153 36.36 22.89 -13.89
CA ARG A 153 36.30 22.85 -12.44
C ARG A 153 35.13 21.99 -11.98
N ARG A 154 35.24 21.48 -10.76
CA ARG A 154 34.16 20.70 -10.15
C ARG A 154 33.08 21.66 -9.69
N SER A 155 32.09 21.88 -10.54
CA SER A 155 31.00 22.81 -10.27
C SER A 155 29.69 22.17 -10.71
N PRO A 156 28.56 22.60 -10.13
CA PRO A 156 27.26 22.17 -10.68
C PRO A 156 26.99 22.72 -12.06
N HIS A 157 27.71 23.77 -12.50
CA HIS A 157 27.59 24.26 -13.87
C HIS A 157 28.07 23.21 -14.86
N ASN A 158 29.19 22.56 -14.56
CA ASN A 158 29.78 21.57 -15.46
C ASN A 158 29.13 20.21 -15.24
N LEU A 159 28.84 19.53 -16.35
CA LEU A 159 28.24 18.19 -16.25
C LEU A 159 29.27 17.14 -15.84
N ILE A 160 30.55 17.37 -16.15
CA ILE A 160 31.61 16.43 -15.83
C ILE A 160 32.71 17.15 -15.07
N TYR A 161 33.47 16.37 -14.31
CA TYR A 161 34.69 16.85 -13.65
C TYR A 161 35.78 15.82 -13.92
N TYR A 162 36.59 16.07 -14.93
CA TYR A 162 37.64 15.15 -15.33
C TYR A 162 39.03 15.61 -14.90
N GLY A 163 39.12 16.74 -14.21
CA GLY A 163 40.40 17.25 -13.76
C GLY A 163 40.93 18.39 -14.58
N GLU A 164 42.25 18.56 -14.62
CA GLU A 164 42.89 19.60 -15.41
C GLU A 164 44.03 19.11 -16.27
N HIS A 165 44.60 17.94 -15.98
CA HIS A 165 45.73 17.34 -16.67
C HIS A 165 45.25 16.30 -17.68
N PRO A 166 46.00 16.07 -18.77
CA PRO A 166 45.60 15.04 -19.73
C PRO A 166 45.59 13.62 -19.16
N LEU A 167 46.41 13.36 -18.14
CA LEU A 167 46.39 12.02 -17.52
C LEU A 167 45.10 11.78 -16.77
N SER A 168 44.59 12.79 -16.05
CA SER A 168 43.31 12.67 -15.37
C SER A 168 42.18 12.53 -16.38
N PHE A 169 42.26 13.27 -17.49
CA PHE A 169 41.26 13.17 -18.54
C PHE A 169 41.25 11.78 -19.16
N ALA A 170 42.42 11.20 -19.40
CA ALA A 170 42.50 9.86 -19.98
C ALA A 170 42.09 8.79 -18.99
N ALA A 171 42.31 9.02 -17.70
CA ALA A 171 41.84 8.08 -16.68
C ALA A 171 40.32 8.14 -16.55
N CYS A 172 39.73 9.31 -16.81
CA CYS A 172 38.29 9.45 -16.60
C CYS A 172 37.48 9.11 -17.85
N VAL A 173 38.04 9.22 -19.05
CA VAL A 173 37.25 8.86 -20.23
C VAL A 173 37.08 7.35 -20.35
N GLY A 174 37.97 6.58 -19.75
CA GLY A 174 37.85 5.14 -19.76
C GLY A 174 38.80 4.39 -20.67
N SER A 175 39.96 4.97 -20.99
CA SER A 175 40.90 4.36 -21.94
C SER A 175 42.16 3.97 -21.18
N GLU A 176 42.56 2.70 -21.29
CA GLU A 176 43.82 2.26 -20.70
C GLU A 176 45.01 2.74 -21.52
N GLU A 177 44.92 2.61 -22.85
CA GLU A 177 46.09 2.72 -23.71
C GLU A 177 46.65 4.15 -23.73
N ILE A 178 45.78 5.15 -23.75
CA ILE A 178 46.25 6.52 -23.71
C ILE A 178 46.84 6.85 -22.33
N VAL A 179 46.39 6.18 -21.28
CA VAL A 179 47.01 6.35 -19.96
C VAL A 179 48.44 5.81 -19.94
N ARG A 180 48.65 4.59 -20.48
CA ARG A 180 50.01 4.07 -20.54
C ARG A 180 50.90 4.90 -21.47
N LEU A 181 50.33 5.41 -22.56
CA LEU A 181 51.08 6.24 -23.49
C LEU A 181 51.50 7.55 -22.85
N LEU A 182 50.58 8.20 -22.12
CA LEU A 182 50.89 9.46 -21.46
C LEU A 182 51.89 9.26 -20.33
N ILE A 183 51.79 8.15 -19.60
CA ILE A 183 52.74 7.88 -18.53
C ILE A 183 54.13 7.59 -19.10
N GLU A 184 54.19 6.84 -20.20
CA GLU A 184 55.50 6.56 -20.82
C GLU A 184 56.07 7.79 -21.50
N HIS A 185 55.22 8.77 -21.81
CA HIS A 185 55.71 10.03 -22.35
C HIS A 185 56.08 11.04 -21.27
N GLY A 186 55.78 10.76 -20.00
CA GLY A 186 56.26 11.59 -18.92
C GLY A 186 55.21 12.41 -18.19
N ALA A 187 53.97 11.93 -18.15
CA ALA A 187 52.94 12.61 -17.40
C ALA A 187 53.12 12.35 -15.91
N ASP A 188 52.94 13.39 -15.10
CA ASP A 188 53.08 13.24 -13.65
C ASP A 188 51.85 12.53 -13.09
N ILE A 189 52.08 11.39 -12.43
CA ILE A 189 50.98 10.65 -11.83
C ILE A 189 50.47 11.39 -10.60
N ARG A 190 51.34 12.10 -9.89
CA ARG A 190 50.99 12.85 -8.69
C ARG A 190 50.60 14.29 -8.99
N ALA A 191 50.09 14.56 -10.18
CA ALA A 191 49.71 15.93 -10.54
C ALA A 191 48.42 16.32 -9.84
N GLN A 192 48.40 17.53 -9.27
CA GLN A 192 47.26 18.05 -8.55
C GLN A 192 46.71 19.27 -9.28
N ASP A 193 45.38 19.38 -9.32
CA ASP A 193 44.72 20.49 -10.00
C ASP A 193 44.54 21.65 -9.03
N SER A 194 43.69 22.62 -9.41
CA SER A 194 43.46 23.78 -8.55
C SER A 194 42.68 23.40 -7.29
N LEU A 195 41.88 22.33 -7.35
CA LEU A 195 41.19 21.85 -6.17
C LEU A 195 42.07 20.97 -5.28
N GLY A 196 43.31 20.70 -5.69
CA GLY A 196 44.20 19.85 -4.93
C GLY A 196 43.98 18.37 -5.13
N ASN A 197 43.07 17.98 -6.02
CA ASN A 197 42.79 16.57 -6.24
C ASN A 197 43.86 15.93 -7.12
N THR A 198 44.33 14.76 -6.70
CA THR A 198 45.17 13.95 -7.56
C THR A 198 44.30 13.19 -8.55
N VAL A 199 44.93 12.37 -9.40
CA VAL A 199 44.17 11.60 -10.38
C VAL A 199 43.34 10.51 -9.69
N LEU A 200 43.78 10.05 -8.52
CA LEU A 200 43.02 9.08 -7.74
C LEU A 200 41.72 9.69 -7.23
N HIS A 201 41.78 10.94 -6.74
CA HIS A 201 40.59 11.62 -6.26
C HIS A 201 39.56 11.82 -7.37
N ILE A 202 40.02 12.26 -8.55
CA ILE A 202 39.13 12.50 -9.68
C ILE A 202 38.56 11.18 -10.20
N LEU A 203 39.35 10.11 -10.15
CA LEU A 203 38.84 8.78 -10.51
C LEU A 203 37.75 8.32 -9.55
N ILE A 204 37.93 8.60 -8.26
CA ILE A 204 36.89 8.25 -7.28
C ILE A 204 35.62 9.08 -7.50
N LEU A 205 35.78 10.34 -7.92
CA LEU A 205 34.63 11.21 -8.15
C LEU A 205 33.85 10.91 -9.43
N GLN A 206 34.12 9.79 -10.13
CA GLN A 206 33.42 9.44 -11.35
C GLN A 206 32.18 8.62 -11.06
N PRO A 207 31.15 8.73 -11.90
CA PRO A 207 29.94 7.92 -11.70
C PRO A 207 29.96 6.54 -12.36
N ASN A 208 31.07 6.15 -12.98
CA ASN A 208 31.17 4.80 -13.55
C ASN A 208 31.22 3.75 -12.45
N LYS A 209 32.08 3.98 -11.45
CA LYS A 209 32.13 3.27 -10.17
C LYS A 209 32.57 1.81 -10.26
N THR A 210 32.78 1.29 -11.47
CA THR A 210 33.21 -0.09 -11.66
C THR A 210 34.53 -0.20 -12.41
N PHE A 211 34.66 0.47 -13.55
CA PHE A 211 35.91 0.48 -14.31
C PHE A 211 36.93 1.42 -13.69
N ALA A 212 36.47 2.35 -12.85
CA ALA A 212 37.36 3.25 -12.12
C ALA A 212 38.28 2.48 -11.17
N CYS A 213 37.82 1.33 -10.66
CA CYS A 213 38.71 0.45 -9.89
C CYS A 213 39.82 -0.13 -10.74
N GLN A 214 39.54 -0.51 -11.99
CA GLN A 214 40.57 -1.00 -12.89
C GLN A 214 41.58 0.08 -13.22
N MET A 215 41.11 1.30 -13.51
CA MET A 215 42.02 2.41 -13.71
C MET A 215 42.80 2.80 -12.46
N TYR A 216 42.19 2.63 -11.27
CA TYR A 216 42.89 2.87 -10.02
C TYR A 216 44.02 1.88 -9.81
N ASN A 217 43.77 0.60 -10.12
CA ASN A 217 44.82 -0.41 -10.06
C ASN A 217 45.93 -0.12 -11.07
N LEU A 218 45.54 0.30 -12.28
CA LEU A 218 46.53 0.63 -13.31
C LEU A 218 47.41 1.80 -12.89
N LEU A 219 46.81 2.85 -12.31
CA LEU A 219 47.57 4.01 -11.91
C LEU A 219 48.35 3.76 -10.61
N LEU A 220 47.90 2.83 -9.77
CA LEU A 220 48.69 2.46 -8.60
C LEU A 220 49.85 1.55 -8.98
N SER A 221 49.76 0.87 -10.13
CA SER A 221 50.85 0.04 -10.60
C SER A 221 52.08 0.89 -10.95
N TYR A 222 51.86 2.12 -11.41
CA TYR A 222 52.96 3.02 -11.72
C TYR A 222 53.42 3.85 -10.53
N ASP A 223 52.72 3.79 -9.40
CA ASP A 223 53.18 4.50 -8.21
C ASP A 223 54.37 3.80 -7.59
N GLU A 224 54.41 2.47 -7.68
CA GLU A 224 55.49 1.70 -7.09
C GLU A 224 56.67 1.57 -8.04
N GLN A 230 56.43 9.39 -0.28
CA GLN A 230 55.19 8.82 0.24
C GLN A 230 54.34 8.27 -0.89
N SER A 231 53.34 7.46 -0.54
CA SER A 231 52.46 6.86 -1.52
C SER A 231 51.49 7.89 -2.08
N LEU A 232 50.97 7.61 -3.28
CA LEU A 232 49.99 8.49 -3.88
C LEU A 232 48.64 8.39 -3.17
N GLU A 233 48.37 7.28 -2.50
CA GLU A 233 47.13 7.09 -1.77
C GLU A 233 47.06 7.92 -0.49
N LEU A 234 48.16 8.52 -0.07
CA LEU A 234 48.20 9.32 1.15
C LEU A 234 48.41 10.81 0.87
N VAL A 235 48.24 11.24 -0.38
CA VAL A 235 48.36 12.65 -0.73
C VAL A 235 47.04 13.35 -0.42
N PRO A 236 47.02 14.32 0.48
CA PRO A 236 45.75 14.91 0.90
C PRO A 236 45.16 15.83 -0.15
N ASN A 237 43.85 16.06 -0.02
CA ASN A 237 43.12 17.04 -0.80
C ASN A 237 43.32 18.41 -0.16
N HIS A 238 42.88 19.46 -0.87
CA HIS A 238 42.86 20.79 -0.28
C HIS A 238 41.84 20.91 0.84
N GLN A 239 40.85 20.01 0.89
CA GLN A 239 39.99 19.85 2.05
C GLN A 239 40.61 18.94 3.11
N GLY A 240 41.81 18.42 2.86
CA GLY A 240 42.48 17.53 3.80
C GLY A 240 42.09 16.08 3.68
N LEU A 241 41.58 15.64 2.54
CA LEU A 241 41.05 14.30 2.38
C LEU A 241 42.03 13.43 1.59
N THR A 242 42.28 12.23 2.10
CA THR A 242 42.90 11.18 1.32
C THR A 242 41.88 10.63 0.33
N PRO A 243 42.32 9.87 -0.69
CA PRO A 243 41.35 9.16 -1.54
C PRO A 243 40.46 8.19 -0.76
N PHE A 244 40.97 7.60 0.32
CA PHE A 244 40.14 6.79 1.21
C PHE A 244 39.04 7.64 1.86
N LYS A 245 39.42 8.81 2.36
CA LYS A 245 38.44 9.71 2.98
C LYS A 245 37.48 10.29 1.94
N LEU A 246 37.96 10.52 0.72
CA LEU A 246 37.07 11.01 -0.33
C LEU A 246 36.06 9.93 -0.74
N ALA A 247 36.50 8.68 -0.82
CA ALA A 247 35.58 7.58 -1.10
C ALA A 247 34.58 7.40 0.04
N GLY A 248 35.00 7.66 1.27
CA GLY A 248 34.05 7.64 2.39
C GLY A 248 33.05 8.79 2.33
N VAL A 249 33.50 9.98 1.95
CA VAL A 249 32.63 11.16 1.98
C VAL A 249 31.61 11.11 0.86
N GLU A 250 32.06 10.82 -0.37
CA GLU A 250 31.16 10.81 -1.52
C GLU A 250 30.25 9.59 -1.57
N GLY A 251 30.47 8.60 -0.70
CA GLY A 251 29.62 7.43 -0.68
C GLY A 251 29.88 6.44 -1.79
N ASN A 252 31.13 6.30 -2.21
CA ASN A 252 31.50 5.39 -3.29
C ASN A 252 31.73 4.02 -2.67
N THR A 253 30.66 3.21 -2.62
CA THR A 253 30.71 1.95 -1.88
C THR A 253 31.52 0.89 -2.62
N VAL A 254 31.40 0.84 -3.95
CA VAL A 254 32.18 -0.11 -4.74
C VAL A 254 33.66 0.25 -4.67
N MET A 255 33.97 1.54 -4.71
CA MET A 255 35.35 1.98 -4.59
C MET A 255 35.89 1.74 -3.19
N PHE A 256 35.05 1.89 -2.16
CA PHE A 256 35.47 1.56 -0.80
C PHE A 256 35.77 0.08 -0.65
N GLN A 257 34.93 -0.77 -1.27
CA GLN A 257 35.17 -2.21 -1.22
C GLN A 257 36.44 -2.58 -1.97
N HIS A 258 36.71 -1.92 -3.09
CA HIS A 258 37.95 -2.16 -3.82
C HIS A 258 39.17 -1.69 -3.03
N LEU A 259 39.03 -0.57 -2.32
CA LEU A 259 40.13 -0.06 -1.50
C LEU A 259 40.38 -0.96 -0.29
N MET A 260 39.35 -1.62 0.22
CA MET A 260 39.52 -2.49 1.38
C MET A 260 40.11 -3.85 1.04
N GLN A 261 40.28 -4.17 -0.26
CA GLN A 261 40.95 -5.41 -0.61
C GLN A 261 42.43 -5.35 -0.30
N LYS A 262 43.05 -4.18 -0.47
CA LYS A 262 44.47 -4.03 -0.21
C LYS A 262 44.78 -3.89 1.28
N ARG A 263 43.76 -3.69 2.11
CA ARG A 263 43.95 -3.50 3.55
C ARG A 263 43.39 -4.67 4.37
N LYS A 264 43.12 -5.79 3.72
CA LYS A 264 42.64 -6.99 4.40
C LYS A 264 43.71 -8.07 4.30
N HIS A 265 43.57 -9.10 5.15
CA HIS A 265 44.49 -10.22 5.14
C HIS A 265 43.76 -11.45 5.66
N VAL A 266 43.57 -12.44 4.79
CA VAL A 266 42.89 -13.67 5.16
C VAL A 266 43.84 -14.51 6.02
N GLN A 267 43.50 -14.70 7.29
CA GLN A 267 44.35 -15.47 8.18
C GLN A 267 44.31 -16.95 7.81
N TRP A 268 43.11 -17.51 7.65
CA TRP A 268 42.96 -18.90 7.27
C TRP A 268 41.59 -19.10 6.65
N THR A 269 41.41 -20.24 6.00
CA THR A 269 40.12 -20.64 5.45
C THR A 269 39.94 -22.13 5.72
N CYS A 270 38.94 -22.48 6.53
CA CYS A 270 38.68 -23.86 6.92
C CYS A 270 37.24 -24.19 6.56
N GLY A 271 37.05 -24.83 5.41
CA GLY A 271 35.74 -25.16 4.92
C GLY A 271 34.94 -23.92 4.54
N PRO A 272 33.74 -23.79 5.09
CA PRO A 272 32.94 -22.59 4.83
C PRO A 272 33.34 -21.39 5.67
N LEU A 273 34.22 -21.56 6.64
CA LEU A 273 34.62 -20.48 7.54
C LEU A 273 35.96 -19.90 7.09
N THR A 274 36.03 -18.57 7.03
CA THR A 274 37.27 -17.87 6.72
C THR A 274 37.42 -16.71 7.68
N SER A 275 38.66 -16.45 8.11
CA SER A 275 38.95 -15.36 9.04
C SER A 275 39.75 -14.29 8.31
N THR A 276 39.24 -13.06 8.34
CA THR A 276 39.84 -11.94 7.63
C THR A 276 40.28 -10.88 8.64
N LEU A 277 41.40 -10.22 8.34
CA LEU A 277 42.01 -9.25 9.24
C LEU A 277 42.07 -7.89 8.54
N TYR A 278 41.04 -7.08 8.76
CA TYR A 278 40.94 -5.77 8.12
C TYR A 278 41.76 -4.75 8.90
N ASP A 279 42.45 -3.87 8.16
CA ASP A 279 43.26 -2.83 8.78
C ASP A 279 42.38 -1.63 9.14
N LEU A 280 42.54 -1.11 10.35
CA LEU A 280 41.74 0.00 10.84
C LEU A 280 42.54 1.30 10.94
N THR A 281 43.63 1.42 10.18
CA THR A 281 44.43 2.63 10.23
C THR A 281 43.69 3.80 9.59
N GLU A 282 43.15 3.60 8.40
CA GLU A 282 42.45 4.67 7.70
C GLU A 282 41.01 4.84 8.18
N ILE A 283 40.46 3.85 8.86
CA ILE A 283 39.04 3.85 9.19
C ILE A 283 38.79 4.39 10.59
N ASP A 284 39.52 3.88 11.59
CA ASP A 284 39.35 4.36 12.95
C ASP A 284 39.90 5.78 13.09
N SER A 285 41.06 6.04 12.47
CA SER A 285 41.75 7.33 12.45
C SER A 285 42.01 7.86 13.86
N TRP A 286 42.77 7.10 14.65
CA TRP A 286 43.03 7.44 16.04
C TRP A 286 44.02 8.59 16.12
N GLY A 287 43.67 9.61 16.91
CA GLY A 287 44.50 10.79 17.06
C GLY A 287 44.19 11.91 16.10
N GLU A 288 43.48 11.63 15.02
CA GLU A 288 43.13 12.68 14.06
C GLU A 288 41.95 13.50 14.59
N GLU A 289 41.99 14.81 14.33
CA GLU A 289 40.89 15.67 14.73
C GLU A 289 39.65 15.39 13.88
N LEU A 290 39.84 15.18 12.58
CA LEU A 290 38.77 14.83 11.67
C LEU A 290 38.98 13.39 11.20
N SER A 291 38.20 12.48 11.75
CA SER A 291 38.34 11.05 11.50
C SER A 291 37.56 10.66 10.24
N PHE A 292 37.70 9.40 9.86
CA PHE A 292 36.97 8.87 8.70
C PHE A 292 35.48 8.83 8.96
N LEU A 293 35.07 8.24 10.09
CA LEU A 293 33.67 8.08 10.41
C LEU A 293 32.96 9.40 10.68
N GLU A 294 33.67 10.37 11.26
CA GLU A 294 33.10 11.71 11.46
C GLU A 294 32.82 12.40 10.13
N LEU A 295 33.73 12.27 9.16
CA LEU A 295 33.49 12.80 7.83
C LEU A 295 32.38 12.06 7.10
N VAL A 296 32.26 10.75 7.32
CA VAL A 296 31.21 9.99 6.68
C VAL A 296 29.81 10.34 7.22
N VAL A 297 29.64 10.38 8.55
CA VAL A 297 28.32 10.63 9.11
C VAL A 297 27.91 12.11 8.99
N SER A 298 28.85 13.02 8.76
CA SER A 298 28.54 14.43 8.61
C SER A 298 28.67 14.88 7.15
N SER A 299 28.48 13.97 6.20
CA SER A 299 28.55 14.30 4.79
C SER A 299 27.17 14.63 4.27
N LYS A 300 27.11 15.57 3.32
CA LYS A 300 25.83 16.02 2.77
C LYS A 300 25.27 15.08 1.71
N LYS A 301 26.04 14.08 1.28
CA LYS A 301 25.56 13.12 0.30
C LYS A 301 24.72 12.04 0.95
N ARG A 302 23.68 11.61 0.23
CA ARG A 302 22.82 10.54 0.71
C ARG A 302 23.48 9.17 0.60
N GLU A 303 24.47 9.03 -0.29
CA GLU A 303 25.16 7.75 -0.46
C GLU A 303 26.25 7.51 0.56
N ALA A 304 26.59 8.51 1.38
CA ALA A 304 27.65 8.34 2.36
C ALA A 304 27.22 7.43 3.51
N ARG A 305 25.92 7.33 3.76
CA ARG A 305 25.42 6.47 4.83
C ARG A 305 25.50 4.99 4.48
N GLN A 306 25.73 4.64 3.21
CA GLN A 306 25.94 3.26 2.82
C GLN A 306 27.36 2.78 3.04
N ILE A 307 28.30 3.70 3.32
CA ILE A 307 29.66 3.32 3.69
C ILE A 307 29.67 2.66 5.07
N LEU A 308 28.73 3.04 5.93
CA LEU A 308 28.67 2.50 7.28
C LEU A 308 28.17 1.06 7.34
N GLU A 309 27.71 0.50 6.22
CA GLU A 309 27.25 -0.88 6.16
C GLU A 309 28.26 -1.82 5.50
N GLN A 310 29.49 -1.37 5.31
CA GLN A 310 30.48 -2.18 4.61
C GLN A 310 31.17 -3.15 5.55
N THR A 311 32.15 -3.87 5.01
CA THR A 311 32.62 -5.09 5.67
C THR A 311 33.52 -4.85 6.89
N PRO A 312 34.41 -3.84 6.96
CA PRO A 312 34.99 -3.52 8.28
C PRO A 312 34.14 -2.60 9.13
N VAL A 313 33.48 -1.63 8.48
CA VAL A 313 32.94 -0.46 9.17
C VAL A 313 31.71 -0.83 9.98
N LYS A 314 30.85 -1.71 9.44
CA LYS A 314 29.62 -2.08 10.13
C LYS A 314 29.89 -2.79 11.45
N GLU A 315 30.77 -3.78 11.45
CA GLU A 315 31.11 -4.46 12.69
C GLU A 315 31.97 -3.59 13.61
N LEU A 316 32.77 -2.66 13.05
CA LEU A 316 33.51 -1.75 13.90
C LEU A 316 32.57 -0.84 14.69
N VAL A 317 31.63 -0.19 14.02
CA VAL A 317 30.71 0.70 14.71
C VAL A 317 29.70 -0.09 15.54
N SER A 318 29.43 -1.35 15.17
CA SER A 318 28.55 -2.18 15.98
C SER A 318 29.21 -2.59 17.28
N PHE A 319 30.49 -2.94 17.24
CA PHE A 319 31.23 -3.23 18.46
C PHE A 319 31.37 -1.99 19.34
N LYS A 320 31.61 -0.83 18.71
CA LYS A 320 31.71 0.42 19.47
C LYS A 320 30.38 0.79 20.12
N TRP A 321 29.25 0.55 19.44
CA TRP A 321 27.95 0.85 20.03
C TRP A 321 27.57 -0.15 21.11
N LYS A 322 27.83 -1.44 20.88
CA LYS A 322 27.40 -2.46 21.83
C LYS A 322 28.26 -2.46 23.09
N LYS A 323 29.56 -2.18 22.96
CA LYS A 323 30.43 -2.27 24.12
C LYS A 323 30.46 -0.99 24.95
N TYR A 324 30.44 0.18 24.30
CA TYR A 324 30.61 1.44 25.01
C TYR A 324 29.53 2.46 24.72
N GLY A 325 29.03 2.52 23.48
CA GLY A 325 28.14 3.61 23.11
C GLY A 325 26.78 3.53 23.76
N ARG A 326 26.18 2.32 23.77
CA ARG A 326 24.84 2.17 24.32
C ARG A 326 24.77 2.38 25.84
N PRO A 327 25.66 1.80 26.69
CA PRO A 327 25.55 2.11 28.13
C PRO A 327 25.84 3.57 28.47
N TYR A 328 26.78 4.20 27.79
CA TYR A 328 27.08 5.60 28.07
C TYR A 328 25.94 6.50 27.61
N PHE A 329 25.32 6.17 26.48
CA PHE A 329 24.14 6.92 26.03
C PHE A 329 22.98 6.72 26.98
N CYS A 330 22.83 5.51 27.54
CA CYS A 330 21.74 5.25 28.47
C CYS A 330 21.94 6.00 29.79
N VAL A 331 23.17 6.04 30.31
CA VAL A 331 23.37 6.77 31.56
C VAL A 331 23.32 8.28 31.33
N LEU A 332 23.70 8.76 30.15
CA LEU A 332 23.53 10.17 29.84
C LEU A 332 22.05 10.54 29.70
N ALA A 333 21.25 9.64 29.12
CA ALA A 333 19.82 9.86 29.03
C ALA A 333 19.17 9.86 30.41
N SER A 334 19.62 8.97 31.30
CA SER A 334 19.10 8.95 32.67
C SER A 334 19.48 10.22 33.42
N LEU A 335 20.71 10.70 33.24
CA LEU A 335 21.13 11.95 33.88
C LEU A 335 20.35 13.14 33.34
N TYR A 336 20.08 13.17 32.03
CA TYR A 336 19.27 14.25 31.47
C TYR A 336 17.83 14.19 31.93
N ILE A 337 17.28 12.98 32.10
CA ILE A 337 15.92 12.86 32.61
C ILE A 337 15.84 13.32 34.07
N LEU A 338 16.85 12.98 34.87
CA LEU A 338 16.89 13.46 36.25
C LEU A 338 17.04 14.99 36.32
N TYR A 339 17.85 15.55 35.42
CA TYR A 339 18.00 17.00 35.34
C TYR A 339 16.69 17.67 34.91
N MET A 340 15.96 17.04 33.98
CA MET A 340 14.67 17.56 33.56
C MET A 340 13.65 17.49 34.70
N ILE A 341 13.69 16.42 35.50
CA ILE A 341 12.81 16.30 36.66
C ILE A 341 13.13 17.39 37.68
N CYS A 342 14.42 17.66 37.90
CA CYS A 342 14.83 18.72 38.83
C CYS A 342 14.38 20.10 38.33
N PHE A 343 14.52 20.37 37.03
CA PHE A 343 14.09 21.64 36.48
C PHE A 343 12.58 21.80 36.55
N THR A 344 11.84 20.71 36.30
CA THR A 344 10.39 20.74 36.40
C THR A 344 9.94 20.99 37.83
N THR A 345 10.60 20.33 38.80
CA THR A 345 10.26 20.53 40.21
C THR A 345 10.59 21.94 40.67
N CYS A 346 11.65 22.54 40.12
CA CYS A 346 11.94 23.94 40.42
C CYS A 346 10.92 24.87 39.77
N CYS A 347 10.35 24.46 38.63
CA CYS A 347 9.31 25.27 38.00
C CYS A 347 8.00 25.20 38.76
N ILE A 348 7.66 24.03 39.31
CA ILE A 348 6.39 23.88 40.01
C ILE A 348 6.40 24.66 41.33
N TYR A 349 7.52 24.59 42.06
CA TYR A 349 7.63 25.22 43.37
C TYR A 349 8.19 26.64 43.31
N ARG A 350 7.97 27.34 42.20
CA ARG A 350 8.51 28.69 42.02
C ARG A 350 7.85 29.66 43.01
N PRO A 351 8.58 30.68 43.46
CA PRO A 351 8.05 31.59 44.50
C PRO A 351 6.93 32.46 43.97
N LEU A 352 5.76 32.35 44.60
CA LEU A 352 4.60 33.17 44.27
C LEU A 352 3.97 33.69 45.56
N LYS A 353 3.54 34.95 45.53
CA LYS A 353 2.88 35.57 46.66
C LYS A 353 1.49 36.04 46.24
N LEU A 354 0.66 36.35 47.24
CA LEU A 354 -0.68 36.84 46.98
C LEU A 354 -0.63 38.23 46.34
N ARG A 355 -1.58 38.49 45.43
CA ARG A 355 -1.59 39.74 44.69
C ARG A 355 -2.04 40.88 45.59
N ASP A 356 -1.21 41.93 45.67
CA ASP A 356 -1.54 43.07 46.51
C ASP A 356 -2.64 43.93 45.89
N ASP A 357 -2.58 44.12 44.57
CA ASP A 357 -3.60 44.93 43.90
C ASP A 357 -4.90 44.16 43.78
N ASN A 358 -6.01 44.84 44.04
CA ASN A 358 -7.32 44.22 44.01
C ASN A 358 -7.76 43.98 42.56
N ARG A 359 -8.57 42.95 42.38
CA ARG A 359 -9.08 42.57 41.06
C ARG A 359 -10.21 43.53 40.69
N THR A 360 -9.85 44.63 40.05
CA THR A 360 -10.86 45.61 39.64
C THR A 360 -11.69 45.10 38.47
N ASP A 361 -11.02 44.53 37.47
CA ASP A 361 -11.72 44.01 36.30
C ASP A 361 -12.41 42.69 36.65
N PRO A 362 -13.70 42.54 36.34
CA PRO A 362 -14.36 41.24 36.56
C PRO A 362 -13.76 40.10 35.77
N ARG A 363 -13.24 40.36 34.57
CA ARG A 363 -12.62 39.30 33.78
C ARG A 363 -11.24 38.93 34.27
N ASP A 364 -10.61 39.78 35.08
CA ASP A 364 -9.29 39.48 35.62
C ASP A 364 -9.38 38.40 36.69
N ILE A 365 -8.57 37.35 36.56
CA ILE A 365 -8.58 36.23 37.46
C ILE A 365 -7.22 35.98 38.11
N THR A 366 -6.28 36.91 37.93
CA THR A 366 -4.95 36.76 38.51
C THR A 366 -5.00 37.03 40.00
N ILE A 367 -4.77 36.00 40.81
CA ILE A 367 -4.79 36.12 42.26
C ILE A 367 -3.41 36.04 42.89
N LEU A 368 -2.39 35.60 42.14
CA LEU A 368 -1.05 35.44 42.67
C LEU A 368 -0.07 36.19 41.77
N GLN A 369 1.05 36.61 42.36
CA GLN A 369 2.10 37.28 41.60
C GLN A 369 3.46 36.85 42.14
N GLN A 370 4.50 37.22 41.39
CA GLN A 370 5.84 36.75 41.68
C GLN A 370 6.41 37.41 42.93
N LYS A 371 7.26 36.66 43.64
CA LYS A 371 7.99 37.20 44.77
C LYS A 371 9.24 37.91 44.29
N LEU A 372 9.82 38.71 45.19
CA LEU A 372 11.05 39.42 44.90
C LEU A 372 12.25 38.56 45.29
N LEU A 373 13.46 39.12 45.14
CA LEU A 373 14.67 38.37 45.41
C LEU A 373 14.85 38.12 46.91
N GLN A 374 14.71 39.17 47.72
CA GLN A 374 14.89 39.01 49.17
C GLN A 374 13.68 38.34 49.80
N GLU A 375 12.52 38.45 49.17
CA GLU A 375 11.30 37.87 49.73
C GLU A 375 11.18 36.37 49.49
N ALA A 376 11.91 35.84 48.50
CA ALA A 376 11.72 34.43 48.13
C ALA A 376 12.52 33.50 49.05
N TYR A 377 13.85 33.58 49.01
CA TYR A 377 14.70 32.59 49.67
C TYR A 377 14.83 32.91 51.14
N VAL A 378 13.78 32.59 51.91
CA VAL A 378 13.76 32.85 53.34
C VAL A 378 13.49 31.57 54.13
N THR A 379 13.06 30.49 53.46
CA THR A 379 12.74 29.26 54.16
C THR A 379 13.67 28.11 53.74
N HIS A 380 13.45 26.95 54.37
CA HIS A 380 14.26 25.77 54.08
C HIS A 380 13.89 25.15 52.74
N GLN A 381 12.59 25.08 52.43
CA GLN A 381 12.14 24.64 51.11
C GLN A 381 12.64 25.58 50.02
N ASP A 382 12.73 26.88 50.34
CA ASP A 382 13.33 27.83 49.42
C ASP A 382 14.81 27.57 49.23
N ASN A 383 15.50 27.07 50.26
CA ASN A 383 16.91 26.70 50.10
C ASN A 383 17.06 25.44 49.24
N ILE A 384 16.14 24.49 49.39
CA ILE A 384 16.14 23.31 48.52
C ILE A 384 15.89 23.70 47.08
N ARG A 385 14.93 24.60 46.84
CA ARG A 385 14.72 25.13 45.49
C ARG A 385 15.91 25.96 45.01
N LEU A 386 16.64 26.61 45.92
CA LEU A 386 17.84 27.36 45.53
C LEU A 386 18.92 26.41 45.01
N VAL A 387 19.18 25.31 45.73
CA VAL A 387 20.20 24.39 45.24
C VAL A 387 19.72 23.66 43.99
N GLY A 388 18.40 23.43 43.84
CA GLY A 388 17.88 22.89 42.60
C GLY A 388 18.02 23.81 41.41
N GLU A 389 17.75 25.11 41.61
CA GLU A 389 17.94 26.11 40.57
C GLU A 389 19.41 26.32 40.23
N LEU A 390 20.30 26.23 41.21
CA LEU A 390 21.74 26.23 40.93
C LEU A 390 22.17 25.03 40.11
N VAL A 391 21.63 23.84 40.40
CA VAL A 391 21.87 22.67 39.57
C VAL A 391 21.34 22.88 38.15
N THR A 392 20.16 23.51 38.02
CA THR A 392 19.58 23.79 36.71
C THR A 392 20.45 24.76 35.89
N VAL A 393 20.91 25.84 36.53
CA VAL A 393 21.77 26.81 35.85
C VAL A 393 23.12 26.19 35.51
N THR A 394 23.67 25.35 36.39
CA THR A 394 24.91 24.64 36.11
C THR A 394 24.76 23.71 34.92
N GLY A 395 23.64 22.98 34.85
CA GLY A 395 23.36 22.14 33.70
C GLY A 395 23.18 22.90 32.41
N ALA A 396 22.52 24.05 32.45
CA ALA A 396 22.39 24.91 31.28
C ALA A 396 23.72 25.48 30.81
N VAL A 397 24.61 25.81 31.74
CA VAL A 397 25.94 26.30 31.37
C VAL A 397 26.77 25.16 30.78
N ILE A 398 26.67 23.96 31.37
CA ILE A 398 27.38 22.79 30.87
C ILE A 398 26.90 22.43 29.46
N ILE A 399 25.60 22.59 29.21
CA ILE A 399 25.02 22.37 27.89
C ILE A 399 25.63 23.31 26.86
N LEU A 400 25.79 24.59 27.19
CA LEU A 400 26.40 25.53 26.26
C LEU A 400 27.89 25.36 26.14
N LEU A 401 28.54 24.70 27.10
CA LEU A 401 29.97 24.41 26.98
C LEU A 401 30.23 23.19 26.12
N LEU A 402 29.18 22.42 25.79
CA LEU A 402 29.34 21.21 25.00
C LEU A 402 28.81 21.36 23.58
N GLU A 403 27.94 22.34 23.34
CA GLU A 403 27.30 22.47 22.04
C GLU A 403 27.91 23.59 21.20
N ILE A 404 28.15 24.75 21.81
CA ILE A 404 28.65 25.95 21.12
C ILE A 404 30.05 25.70 20.52
N PRO A 405 30.99 24.97 21.16
CA PRO A 405 32.18 24.54 20.40
C PRO A 405 31.88 23.66 19.19
N ASP A 406 30.85 22.81 19.26
CA ASP A 406 30.58 21.87 18.18
C ASP A 406 29.98 22.54 16.95
N ILE A 407 29.41 23.73 17.09
CA ILE A 407 28.95 24.47 15.91
C ILE A 407 30.15 24.95 15.09
N PHE A 408 31.22 25.36 15.76
CA PHE A 408 32.35 25.96 15.06
C PHE A 408 33.20 24.93 14.36
N ARG A 409 33.25 23.69 14.89
CA ARG A 409 34.09 22.67 14.27
C ARG A 409 33.47 22.16 12.97
N VAL A 410 32.15 22.16 12.87
CA VAL A 410 31.45 21.61 11.71
C VAL A 410 30.80 22.68 10.85
N GLY A 411 30.06 23.60 11.44
CA GLY A 411 29.34 24.60 10.67
C GLY A 411 27.87 24.66 11.04
N ALA A 412 27.33 25.89 11.03
CA ALA A 412 25.96 26.10 11.48
C ALA A 412 24.93 25.51 10.53
N SER A 413 25.28 25.36 9.25
CA SER A 413 24.35 24.76 8.30
C SER A 413 24.27 23.24 8.50
N ARG A 414 25.39 22.61 8.84
CA ARG A 414 25.41 21.16 9.00
C ARG A 414 25.06 20.72 10.41
N TYR A 415 25.39 21.52 11.42
CA TYR A 415 25.08 21.14 12.80
C TYR A 415 23.58 21.16 13.06
N PHE A 416 22.87 22.11 12.46
CA PHE A 416 21.44 22.26 12.68
C PHE A 416 20.59 21.70 11.54
N GLY A 417 21.20 21.37 10.40
CA GLY A 417 20.43 20.94 9.24
C GLY A 417 20.48 19.45 8.97
N GLN A 418 21.47 18.76 9.54
CA GLN A 418 21.64 17.33 9.33
C GLN A 418 20.92 16.57 10.43
N THR A 419 19.94 15.75 10.05
CA THR A 419 19.24 14.91 11.01
C THR A 419 20.07 13.73 11.49
N ILE A 420 21.20 13.44 10.82
CA ILE A 420 22.09 12.39 11.26
C ILE A 420 22.73 12.76 12.60
N LEU A 421 23.20 14.00 12.70
CA LEU A 421 23.88 14.46 13.91
C LEU A 421 22.93 14.91 15.01
N GLY A 422 21.63 15.01 14.72
CA GLY A 422 20.71 15.58 15.68
C GLY A 422 20.51 17.06 15.48
N GLY A 423 20.10 17.44 14.27
CA GLY A 423 20.01 18.83 13.87
C GLY A 423 19.06 19.69 14.68
N PRO A 424 17.74 19.45 14.56
CA PRO A 424 16.78 20.27 15.33
C PRO A 424 16.88 20.10 16.83
N PHE A 425 17.37 18.95 17.30
CA PHE A 425 17.52 18.73 18.72
C PHE A 425 18.59 19.65 19.32
N HIS A 426 19.65 19.92 18.57
CA HIS A 426 20.65 20.87 19.02
C HIS A 426 20.08 22.29 19.07
N VAL A 427 19.19 22.62 18.13
CA VAL A 427 18.53 23.93 18.12
C VAL A 427 17.67 24.09 19.37
N ILE A 428 16.85 23.08 19.69
CA ILE A 428 15.97 23.22 20.85
C ILE A 428 16.74 23.11 22.15
N ILE A 429 17.88 22.40 22.16
CA ILE A 429 18.71 22.31 23.36
C ILE A 429 19.39 23.65 23.63
N ILE A 430 19.95 24.27 22.59
CA ILE A 430 20.57 25.59 22.73
C ILE A 430 19.54 26.64 23.12
N THR A 431 18.34 26.56 22.54
CA THR A 431 17.27 27.47 22.90
C THR A 431 16.83 27.27 24.35
N TYR A 432 16.77 26.02 24.82
CA TYR A 432 16.41 25.73 26.19
C TYR A 432 17.44 26.30 27.16
N ALA A 433 18.73 26.14 26.85
CA ALA A 433 19.77 26.71 27.70
C ALA A 433 19.73 28.23 27.71
N SER A 434 19.47 28.85 26.55
CA SER A 434 19.36 30.30 26.49
C SER A 434 18.15 30.80 27.28
N LEU A 435 17.04 30.06 27.23
CA LEU A 435 15.85 30.47 27.98
C LEU A 435 16.05 30.27 29.48
N VAL A 436 16.79 29.25 29.89
CA VAL A 436 17.09 29.07 31.31
C VAL A 436 18.00 30.19 31.82
N LEU A 437 18.99 30.58 31.02
CA LEU A 437 19.83 31.71 31.42
C LEU A 437 19.06 33.03 31.40
N LEU A 438 18.12 33.19 30.47
CA LEU A 438 17.27 34.37 30.47
C LEU A 438 16.38 34.42 31.70
N THR A 439 15.85 33.26 32.13
CA THR A 439 15.09 33.21 33.37
C THR A 439 15.97 33.48 34.59
N MET A 440 17.23 33.05 34.53
CA MET A 440 18.16 33.32 35.63
C MET A 440 18.44 34.81 35.77
N VAL A 441 18.71 35.49 34.65
CA VAL A 441 18.93 36.93 34.73
C VAL A 441 17.63 37.69 34.99
N MET A 442 16.47 37.11 34.64
CA MET A 442 15.20 37.69 35.02
C MET A 442 14.98 37.62 36.53
N ARG A 443 15.37 36.49 37.14
CA ARG A 443 15.28 36.34 38.58
C ARG A 443 16.24 37.29 39.29
N LEU A 444 17.47 37.40 38.79
CA LEU A 444 18.45 38.27 39.42
C LEU A 444 18.17 39.75 39.17
N THR A 445 17.43 40.09 38.12
CA THR A 445 17.07 41.46 37.82
C THR A 445 15.69 41.84 38.36
N ASN A 446 14.93 40.86 38.87
CA ASN A 446 13.58 41.03 39.42
C ASN A 446 12.62 41.61 38.38
N MET A 447 12.50 40.94 37.25
CA MET A 447 11.56 41.32 36.20
C MET A 447 10.36 40.39 36.22
N ASN A 448 9.17 40.98 36.17
CA ASN A 448 7.93 40.22 36.13
C ASN A 448 7.78 39.56 34.75
N GLY A 449 7.23 38.35 34.74
CA GLY A 449 7.01 37.65 33.50
C GLY A 449 7.93 36.47 33.29
N GLU A 450 8.25 35.75 34.37
CA GLU A 450 9.05 34.54 34.27
C GLU A 450 8.29 33.37 33.65
N VAL A 451 6.96 33.46 33.61
CA VAL A 451 6.15 32.35 33.10
C VAL A 451 6.38 32.15 31.61
N VAL A 452 6.72 33.20 30.88
CA VAL A 452 6.95 33.12 29.44
C VAL A 452 8.24 32.32 29.14
N PRO A 453 9.44 32.71 29.63
CA PRO A 453 10.60 31.85 29.31
C PRO A 453 10.59 30.54 30.06
N LEU A 454 9.90 30.46 31.21
CA LEU A 454 9.79 29.17 31.88
C LEU A 454 8.91 28.19 31.11
N SER A 455 7.85 28.69 30.45
CA SER A 455 7.01 27.83 29.64
C SER A 455 7.72 27.36 28.39
N PHE A 456 8.40 28.29 27.68
CA PHE A 456 9.20 27.88 26.52
C PHE A 456 10.31 26.92 26.92
N ALA A 457 10.98 27.17 28.05
CA ALA A 457 12.07 26.31 28.49
C ALA A 457 11.56 24.94 28.89
N LEU A 458 10.40 24.87 29.56
CA LEU A 458 9.84 23.57 29.96
C LEU A 458 9.46 22.74 28.74
N VAL A 459 8.77 23.35 27.77
CA VAL A 459 8.34 22.60 26.58
C VAL A 459 9.56 22.14 25.77
N LEU A 460 10.51 23.05 25.53
CA LEU A 460 11.66 22.70 24.69
C LEU A 460 12.59 21.72 25.40
N GLY A 461 12.83 21.90 26.70
CA GLY A 461 13.70 20.99 27.42
C GLY A 461 13.12 19.61 27.58
N TRP A 462 11.80 19.50 27.76
CA TRP A 462 11.21 18.18 27.83
C TRP A 462 11.15 17.53 26.46
N CYS A 463 10.88 18.30 25.40
CA CYS A 463 10.89 17.73 24.07
C CYS A 463 12.30 17.40 23.58
N SER A 464 13.34 17.93 24.24
CA SER A 464 14.71 17.56 23.93
C SER A 464 15.10 16.19 24.47
N VAL A 465 14.26 15.55 25.29
CA VAL A 465 14.53 14.19 25.74
C VAL A 465 14.35 13.19 24.61
N MET A 466 13.62 13.56 23.55
CA MET A 466 13.50 12.73 22.36
C MET A 466 14.81 12.61 21.58
N TYR A 467 15.83 13.40 21.90
CA TYR A 467 17.14 13.23 21.29
C TYR A 467 17.74 11.87 21.65
N PHE A 468 17.51 11.42 22.88
CA PHE A 468 18.05 10.15 23.35
C PHE A 468 17.25 8.96 22.86
N ALA A 469 16.17 9.18 22.10
CA ALA A 469 15.41 8.09 21.50
C ALA A 469 16.16 7.41 20.38
N ARG A 470 17.16 8.07 19.80
CA ARG A 470 17.92 7.50 18.67
C ARG A 470 18.77 6.31 19.07
N GLY A 471 19.04 6.13 20.36
CA GLY A 471 19.80 4.99 20.83
C GLY A 471 19.00 3.72 20.99
N PHE A 472 17.71 3.75 20.66
CA PHE A 472 16.83 2.60 20.81
C PHE A 472 16.13 2.32 19.50
N GLN A 473 16.00 1.03 19.17
CA GLN A 473 15.33 0.62 17.95
C GLN A 473 13.85 0.94 17.99
N MET A 474 13.24 0.88 19.18
CA MET A 474 11.81 1.10 19.31
C MET A 474 11.43 2.55 19.03
N LEU A 475 12.27 3.50 19.43
CA LEU A 475 11.88 4.90 19.42
C LEU A 475 12.60 5.76 18.39
N GLY A 476 13.79 5.36 17.95
CA GLY A 476 14.58 6.13 17.01
C GLY A 476 13.96 6.39 15.65
N PRO A 477 13.57 5.32 14.94
CA PRO A 477 12.84 5.51 13.68
C PRO A 477 11.53 6.28 13.82
N PHE A 478 10.81 6.11 14.93
CA PHE A 478 9.58 6.89 15.13
C PHE A 478 9.89 8.37 15.31
N THR A 479 10.99 8.68 16.00
CA THR A 479 11.40 10.07 16.16
C THR A 479 11.82 10.68 14.82
N ILE A 480 12.49 9.89 13.98
CA ILE A 480 12.86 10.37 12.65
C ILE A 480 11.61 10.58 11.79
N MET A 481 10.61 9.69 11.92
CA MET A 481 9.36 9.88 11.19
C MET A 481 8.62 11.12 11.66
N ILE A 482 8.69 11.43 12.96
CA ILE A 482 8.12 12.67 13.47
C ILE A 482 8.84 13.87 12.86
N GLN A 483 10.16 13.80 12.76
CA GLN A 483 10.93 14.88 12.14
C GLN A 483 10.58 15.05 10.66
N LYS A 484 10.37 13.94 9.95
CA LYS A 484 10.01 14.03 8.53
C LYS A 484 8.58 14.53 8.34
N MET A 485 7.68 14.20 9.25
CA MET A 485 6.29 14.67 9.10
C MET A 485 6.13 16.12 9.52
N ILE A 486 6.95 16.61 10.46
CA ILE A 486 6.86 18.03 10.86
C ILE A 486 7.31 18.93 9.72
N PHE A 487 8.44 18.62 9.10
CA PHE A 487 8.96 19.43 8.01
C PHE A 487 8.36 19.05 6.66
N GLY A 488 7.46 18.06 6.64
CA GLY A 488 6.84 17.61 5.41
C GLY A 488 5.36 17.94 5.33
N ASP A 489 4.52 16.97 5.69
CA ASP A 489 3.08 17.11 5.52
C ASP A 489 2.49 18.17 6.45
N LEU A 490 3.04 18.30 7.67
CA LEU A 490 2.49 19.27 8.62
C LEU A 490 2.70 20.71 8.16
N MET A 491 3.82 20.99 7.48
CA MET A 491 4.10 22.35 7.04
C MET A 491 3.13 22.79 5.94
N ARG A 492 2.93 21.95 4.92
CA ARG A 492 2.00 22.29 3.85
C ARG A 492 0.56 22.29 4.35
N PHE A 493 0.24 21.38 5.27
CA PHE A 493 -1.10 21.33 5.84
C PHE A 493 -1.39 22.58 6.65
N CYS A 494 -0.40 23.05 7.43
CA CYS A 494 -0.58 24.29 8.18
C CYS A 494 -0.61 25.51 7.27
N TRP A 495 0.10 25.46 6.14
CA TRP A 495 0.10 26.58 5.21
C TRP A 495 -1.27 26.77 4.55
N LEU A 496 -1.95 25.67 4.21
CA LEU A 496 -3.30 25.82 3.68
C LEU A 496 -4.33 25.97 4.80
N MET A 497 -4.00 25.45 5.98
CA MET A 497 -4.83 25.58 7.17
C MET A 497 -4.94 27.03 7.62
N ALA A 498 -3.87 27.81 7.46
CA ALA A 498 -3.93 29.24 7.76
C ALA A 498 -4.93 29.96 6.87
N VAL A 499 -4.97 29.59 5.60
CA VAL A 499 -5.92 30.16 4.64
C VAL A 499 -7.35 29.82 5.04
N VAL A 500 -7.62 28.54 5.32
CA VAL A 500 -8.98 28.10 5.66
C VAL A 500 -9.44 28.75 6.96
N ILE A 501 -8.58 28.75 7.98
CA ILE A 501 -8.93 29.29 9.28
C ILE A 501 -9.09 30.80 9.22
N LEU A 502 -8.27 31.51 8.44
CA LEU A 502 -8.42 32.95 8.29
C LEU A 502 -9.73 33.32 7.64
N GLY A 503 -10.09 32.61 6.56
CA GLY A 503 -11.34 32.90 5.87
C GLY A 503 -12.56 32.63 6.74
N PHE A 504 -12.59 31.46 7.38
CA PHE A 504 -13.76 31.13 8.19
C PHE A 504 -13.80 31.90 9.50
N ALA A 505 -12.65 32.31 10.04
CA ALA A 505 -12.64 33.16 11.23
C ALA A 505 -13.16 34.54 10.91
N SER A 506 -12.78 35.10 9.76
CA SER A 506 -13.32 36.39 9.34
C SER A 506 -14.83 36.30 9.12
N ALA A 507 -15.29 35.20 8.50
CA ALA A 507 -16.73 35.01 8.28
C ALA A 507 -17.49 34.88 9.60
N PHE A 508 -16.94 34.12 10.55
CA PHE A 508 -17.60 33.95 11.84
C PHE A 508 -17.62 35.25 12.64
N HIS A 509 -16.53 36.03 12.59
CA HIS A 509 -16.48 37.27 13.35
C HIS A 509 -17.43 38.31 12.76
N ILE A 510 -17.54 38.40 11.43
CA ILE A 510 -18.52 39.33 10.88
C ILE A 510 -19.95 38.81 11.02
N THR A 511 -20.14 37.49 11.18
CA THR A 511 -21.47 36.96 11.44
C THR A 511 -21.93 37.32 12.85
N PHE A 512 -21.05 37.17 13.84
CA PHE A 512 -21.39 37.48 15.23
C PHE A 512 -20.95 38.88 15.64
N GLN A 513 -20.87 39.81 14.69
CA GLN A 513 -20.54 41.20 15.04
C GLN A 513 -21.76 41.99 15.49
N THR A 514 -22.96 41.47 15.27
CA THR A 514 -24.19 42.16 15.63
C THR A 514 -24.95 41.48 16.75
N GLU A 515 -24.42 40.41 17.32
CA GLU A 515 -25.09 39.64 18.36
C GLU A 515 -24.48 39.96 19.73
N ASP A 516 -25.15 39.46 20.77
CA ASP A 516 -24.69 39.65 22.13
C ASP A 516 -23.49 38.74 22.40
N PRO A 517 -22.34 39.26 22.84
CA PRO A 517 -21.19 38.39 23.11
C PRO A 517 -21.35 37.53 24.36
N ASN A 518 -22.36 37.77 25.20
CA ASN A 518 -22.53 36.97 26.39
C ASN A 518 -23.09 35.59 26.06
N ASN A 519 -24.00 35.51 25.09
CA ASN A 519 -24.63 34.24 24.75
C ASN A 519 -23.77 33.39 23.82
N LEU A 520 -22.89 34.00 23.02
CA LEU A 520 -21.96 33.25 22.20
C LEU A 520 -20.71 34.12 22.04
N GLY A 521 -19.71 33.86 22.88
CA GLY A 521 -18.48 34.64 22.90
C GLY A 521 -17.30 34.00 22.21
N GLU A 522 -17.50 32.98 21.38
CA GLU A 522 -16.39 32.37 20.66
C GLU A 522 -15.84 33.30 19.60
N PHE A 523 -16.69 34.14 19.01
CA PHE A 523 -16.29 35.01 17.91
C PHE A 523 -16.56 36.48 18.24
N SER A 524 -16.42 36.85 19.52
CA SER A 524 -16.67 38.23 19.92
C SER A 524 -15.55 39.16 19.44
N ASP A 525 -14.30 38.73 19.61
CA ASP A 525 -13.15 39.47 19.13
C ASP A 525 -12.46 38.70 18.02
N TYR A 526 -11.79 39.43 17.12
CA TYR A 526 -11.13 38.77 15.99
C TYR A 526 -9.98 37.84 16.37
N PRO A 527 -9.06 38.16 17.32
CA PRO A 527 -8.14 37.11 17.78
C PRO A 527 -8.84 35.94 18.45
N THR A 528 -9.90 36.22 19.21
CA THR A 528 -10.71 35.15 19.79
C THR A 528 -11.43 34.36 18.71
N ALA A 529 -11.87 35.03 17.63
CA ALA A 529 -12.49 34.31 16.52
C ALA A 529 -11.49 33.43 15.80
N LEU A 530 -10.25 33.90 15.64
CA LEU A 530 -9.21 33.11 14.99
C LEU A 530 -8.86 31.88 15.82
N PHE A 531 -8.71 32.07 17.15
CA PHE A 531 -8.40 30.95 18.03
C PHE A 531 -9.56 29.95 18.08
N SER A 532 -10.79 30.45 18.14
CA SER A 532 -11.96 29.57 18.19
C SER A 532 -12.14 28.80 16.89
N THR A 533 -11.87 29.44 15.74
CA THR A 533 -11.95 28.76 14.47
C THR A 533 -10.85 27.72 14.29
N PHE A 534 -9.65 27.99 14.79
CA PHE A 534 -8.59 26.98 14.78
C PHE A 534 -8.97 25.78 15.65
N GLU A 535 -9.52 26.04 16.84
CA GLU A 535 -9.97 24.96 17.72
C GLU A 535 -11.15 24.20 17.13
N LEU A 536 -12.03 24.89 16.39
CA LEU A 536 -13.17 24.23 15.78
C LEU A 536 -12.74 23.40 14.57
N PHE A 537 -11.68 23.82 13.89
CA PHE A 537 -11.09 22.97 12.85
C PHE A 537 -10.52 21.70 13.46
N LEU A 538 -9.76 21.84 14.55
CA LEU A 538 -9.20 20.66 15.21
C LEU A 538 -10.20 19.95 16.11
N THR A 539 -11.42 20.49 16.22
CA THR A 539 -12.53 19.93 17.02
C THR A 539 -12.13 19.65 18.46
N ILE A 540 -11.25 20.50 19.01
CA ILE A 540 -10.90 20.40 20.41
C ILE A 540 -11.83 21.20 21.31
N ILE A 541 -12.74 21.99 20.72
CA ILE A 541 -13.85 22.60 21.43
C ILE A 541 -15.13 22.25 20.70
N ASP A 542 -16.24 22.35 21.41
CA ASP A 542 -17.54 22.06 20.82
C ASP A 542 -17.97 23.17 19.86
N GLY A 543 -18.84 22.80 18.92
CA GLY A 543 -19.49 23.77 18.07
C GLY A 543 -20.39 24.66 18.88
N PRO A 544 -20.20 25.98 18.79
CA PRO A 544 -20.96 26.92 19.63
C PRO A 544 -22.43 26.98 19.26
N ALA A 545 -23.27 26.40 20.10
CA ALA A 545 -24.71 26.37 19.87
C ALA A 545 -25.42 26.65 21.19
N ASN A 546 -26.27 27.67 21.20
CA ASN A 546 -27.10 28.00 22.36
C ASN A 546 -28.54 27.88 21.92
N TYR A 547 -29.20 26.79 22.31
CA TYR A 547 -30.55 26.50 21.86
C TYR A 547 -31.60 27.37 22.54
N SER A 548 -31.25 28.04 23.65
CA SER A 548 -32.19 28.96 24.29
C SER A 548 -32.35 30.26 23.52
N VAL A 549 -31.39 30.61 22.66
CA VAL A 549 -31.43 31.83 21.87
C VAL A 549 -31.46 31.47 20.39
N ASP A 550 -31.69 32.49 19.57
CA ASP A 550 -31.77 32.32 18.12
C ASP A 550 -30.48 32.81 17.48
N LEU A 551 -29.65 31.87 17.05
CA LEU A 551 -28.43 32.20 16.33
C LEU A 551 -28.77 32.60 14.89
N PRO A 552 -27.93 33.44 14.27
CA PRO A 552 -28.15 33.77 12.85
C PRO A 552 -27.97 32.56 11.95
N PHE A 553 -28.73 32.55 10.85
CA PHE A 553 -28.64 31.45 9.90
C PHE A 553 -27.34 31.46 9.12
N MET A 554 -26.68 32.63 9.01
CA MET A 554 -25.39 32.71 8.34
C MET A 554 -24.33 31.92 9.08
N TYR A 555 -24.39 31.92 10.43
CA TYR A 555 -23.50 31.07 11.20
C TYR A 555 -23.76 29.60 10.91
N CYS A 556 -25.03 29.21 10.75
CA CYS A 556 -25.35 27.82 10.48
C CYS A 556 -24.82 27.38 9.11
N ILE A 557 -25.00 28.22 8.09
CA ILE A 557 -24.51 27.88 6.75
C ILE A 557 -22.97 27.86 6.72
N THR A 558 -22.35 28.88 7.32
CA THR A 558 -20.89 28.96 7.33
C THR A 558 -20.27 27.84 8.15
N TYR A 559 -20.91 27.44 9.25
CA TYR A 559 -20.38 26.35 10.06
C TYR A 559 -20.64 25.00 9.43
N ALA A 560 -21.72 24.84 8.67
CA ALA A 560 -21.91 23.62 7.89
C ALA A 560 -20.82 23.47 6.83
N ALA A 561 -20.51 24.57 6.13
CA ALA A 561 -19.42 24.53 5.15
C ALA A 561 -18.07 24.32 5.82
N PHE A 562 -17.87 24.91 7.00
CA PHE A 562 -16.63 24.72 7.76
C PHE A 562 -16.47 23.27 8.21
N ALA A 563 -17.58 22.66 8.64
CA ALA A 563 -17.52 21.26 9.07
C ALA A 563 -17.33 20.32 7.89
N ILE A 564 -17.86 20.67 6.71
CA ILE A 564 -17.67 19.82 5.54
C ILE A 564 -16.23 19.92 5.03
N ILE A 565 -15.72 21.14 4.86
CA ILE A 565 -14.41 21.31 4.23
C ILE A 565 -13.29 21.10 5.22
N ALA A 566 -13.37 21.71 6.40
CA ALA A 566 -12.28 21.67 7.37
C ALA A 566 -12.29 20.39 8.19
N THR A 567 -13.42 20.09 8.84
CA THR A 567 -13.48 18.94 9.74
C THR A 567 -13.53 17.62 8.98
N LEU A 568 -14.39 17.53 7.96
CA LEU A 568 -14.63 16.24 7.31
C LEU A 568 -13.57 15.96 6.26
N LEU A 569 -13.32 16.91 5.35
CA LEU A 569 -12.36 16.70 4.28
C LEU A 569 -10.92 16.84 4.75
N MET A 570 -10.55 18.02 5.26
CA MET A 570 -9.15 18.36 5.46
C MET A 570 -8.50 17.60 6.61
N LEU A 571 -9.20 17.43 7.73
CA LEU A 571 -8.62 16.78 8.90
C LEU A 571 -8.36 15.30 8.67
N ASN A 572 -9.11 14.65 7.79
CA ASN A 572 -8.87 13.26 7.46
C ASN A 572 -7.97 13.10 6.23
N LEU A 573 -7.94 14.11 5.36
CA LEU A 573 -6.98 14.12 4.27
C LEU A 573 -5.55 14.23 4.78
N PHE A 574 -5.36 14.90 5.93
CA PHE A 574 -4.05 14.90 6.57
C PHE A 574 -3.64 13.51 7.02
N ILE A 575 -4.59 12.74 7.56
CA ILE A 575 -4.31 11.36 7.96
C ILE A 575 -3.98 10.51 6.75
N ALA A 576 -4.72 10.71 5.65
CA ALA A 576 -4.44 9.96 4.41
C ALA A 576 -3.07 10.31 3.83
N MET A 577 -2.73 11.61 3.82
CA MET A 577 -1.45 12.05 3.31
C MET A 577 -0.29 11.52 4.14
N MET A 578 -0.45 11.54 5.47
CA MET A 578 0.60 11.00 6.33
C MET A 578 0.67 9.48 6.23
N GLY A 579 -0.45 8.81 5.98
CA GLY A 579 -0.41 7.37 5.75
C GLY A 579 0.32 7.00 4.48
N ASP A 580 0.19 7.82 3.44
CA ASP A 580 0.97 7.60 2.23
C ASP A 580 2.45 7.89 2.47
N THR A 581 2.76 9.04 3.07
CA THR A 581 4.14 9.44 3.29
C THR A 581 4.86 8.55 4.30
N HIS A 582 4.12 7.87 5.18
CA HIS A 582 4.75 6.98 6.15
C HIS A 582 5.35 5.76 5.47
N TRP A 583 4.59 5.11 4.59
CA TRP A 583 5.15 3.96 3.89
C TRP A 583 6.08 4.36 2.76
N ARG A 584 6.00 5.59 2.27
CA ARG A 584 6.92 5.95 1.18
C ARG A 584 8.33 6.28 1.64
N VAL A 585 8.58 6.54 2.93
CA VAL A 585 9.93 6.88 3.40
C VAL A 585 10.40 5.96 4.53
N ALA A 586 9.80 4.77 4.67
CA ALA A 586 10.12 3.91 5.80
C ALA A 586 11.52 3.31 5.69
N GLN A 587 11.94 2.93 4.48
CA GLN A 587 13.30 2.42 4.28
C GLN A 587 14.33 3.49 4.55
N GLU A 588 14.09 4.70 4.03
CA GLU A 588 14.94 5.85 4.33
C GLU A 588 14.97 6.15 5.82
N ARG A 589 13.83 5.97 6.50
CA ARG A 589 13.76 6.13 7.95
C ARG A 589 14.68 5.14 8.67
N ASP A 590 14.68 3.88 8.23
CA ASP A 590 15.53 2.89 8.87
C ASP A 590 17.02 3.16 8.64
N GLU A 591 17.39 3.54 7.41
CA GLU A 591 18.80 3.88 7.15
C GLU A 591 19.22 5.15 7.87
N LEU A 592 18.31 6.12 8.00
CA LEU A 592 18.58 7.32 8.77
C LEU A 592 18.80 6.99 10.25
N TRP A 593 18.03 6.04 10.79
CA TRP A 593 18.24 5.67 12.19
C TRP A 593 19.57 4.94 12.39
N ARG A 594 19.95 4.07 11.45
CA ARG A 594 21.22 3.38 11.57
C ARG A 594 22.40 4.36 11.49
N ALA A 595 22.33 5.33 10.56
CA ALA A 595 23.37 6.35 10.49
C ALA A 595 23.34 7.28 11.71
N GLN A 596 22.17 7.49 12.31
CA GLN A 596 22.09 8.26 13.55
C GLN A 596 22.78 7.54 14.70
N VAL A 597 22.61 6.21 14.76
CA VAL A 597 23.29 5.43 15.79
C VAL A 597 24.81 5.51 15.61
N VAL A 598 25.27 5.41 14.36
CA VAL A 598 26.71 5.51 14.10
C VAL A 598 27.24 6.91 14.44
N ALA A 599 26.49 7.96 14.09
CA ALA A 599 26.92 9.31 14.41
C ALA A 599 26.90 9.59 15.90
N THR A 600 25.94 9.01 16.63
CA THR A 600 25.92 9.11 18.08
C THR A 600 27.14 8.42 18.68
N THR A 601 27.52 7.27 18.12
CA THR A 601 28.73 6.58 18.57
C THR A 601 29.97 7.42 18.33
N VAL A 602 30.05 8.07 17.17
CA VAL A 602 31.19 8.93 16.84
C VAL A 602 31.25 10.14 17.77
N MET A 603 30.11 10.76 18.04
CA MET A 603 30.06 11.90 18.96
C MET A 603 30.44 11.50 20.38
N LEU A 604 29.98 10.33 20.83
CA LEU A 604 30.33 9.86 22.16
C LEU A 604 31.80 9.52 22.27
N GLU A 605 32.39 8.95 21.21
CA GLU A 605 33.82 8.67 21.25
C GLU A 605 34.65 9.96 21.20
N ARG A 606 34.15 10.98 20.50
CA ARG A 606 34.91 12.23 20.40
C ARG A 606 34.83 13.04 21.70
N LYS A 607 33.66 13.11 22.32
CA LYS A 607 33.48 14.04 23.44
C LYS A 607 33.79 13.44 24.80
N MET A 608 33.53 12.15 25.01
CA MET A 608 33.80 11.52 26.29
C MET A 608 35.31 11.34 26.48
N PRO A 609 35.77 11.24 27.73
CA PRO A 609 37.21 11.07 27.97
C PRO A 609 37.75 9.75 27.43
N ARG A 610 39.06 9.75 27.13
CA ARG A 610 39.69 8.62 26.46
C ARG A 610 39.78 7.39 27.37
N PHE A 611 39.88 7.59 28.68
CA PHE A 611 40.00 6.47 29.60
C PHE A 611 38.71 5.65 29.70
N LEU A 612 37.57 6.21 29.30
CA LEU A 612 36.32 5.48 29.25
C LEU A 612 36.02 4.92 27.87
N TRP A 613 36.75 5.36 26.84
CA TRP A 613 36.62 4.84 25.47
C TRP A 613 37.96 4.27 25.04
N PRO A 614 38.23 2.99 25.31
CA PRO A 614 39.47 2.39 24.84
C PRO A 614 39.48 2.24 23.33
N ARG A 615 40.69 2.14 22.78
CA ARG A 615 40.86 2.05 21.34
C ARG A 615 40.33 0.72 20.82
N SER A 616 39.56 0.78 19.75
CA SER A 616 38.90 -0.40 19.22
C SER A 616 39.83 -1.18 18.30
N GLY A 617 39.65 -2.49 18.28
CA GLY A 617 40.43 -3.38 17.44
C GLY A 617 41.45 -4.16 18.23
N ILE A 618 42.25 -4.92 17.49
CA ILE A 618 43.31 -5.75 18.07
C ILE A 618 44.64 -5.10 17.76
N CYS A 619 45.44 -4.85 18.80
CA CYS A 619 46.72 -4.19 18.63
C CYS A 619 47.73 -5.12 17.96
N GLY A 620 48.40 -4.63 16.92
CA GLY A 620 49.38 -5.42 16.23
C GLY A 620 50.75 -5.49 16.88
N TYR A 621 51.01 -4.64 17.87
CA TYR A 621 52.30 -4.67 18.55
C TYR A 621 52.42 -5.88 19.45
N GLU A 622 51.29 -6.42 19.93
CA GLU A 622 51.31 -7.60 20.77
C GLU A 622 51.62 -8.87 19.99
N TYR A 623 51.52 -8.83 18.66
CA TYR A 623 51.70 -10.01 17.84
C TYR A 623 52.74 -9.81 16.74
N GLY A 624 53.47 -8.70 16.75
CA GLY A 624 54.52 -8.48 15.79
C GLY A 624 54.10 -7.96 14.43
N LEU A 625 52.90 -7.38 14.32
CA LEU A 625 52.41 -6.85 13.06
C LEU A 625 52.56 -5.33 12.99
N GLY A 626 53.63 -4.79 13.56
CA GLY A 626 53.86 -3.36 13.50
C GLY A 626 53.05 -2.58 14.51
N ASP A 627 52.73 -1.35 14.16
CA ASP A 627 51.97 -0.45 15.03
C ASP A 627 50.60 -0.15 14.44
N ARG A 628 49.96 -1.15 13.87
CA ARG A 628 48.63 -1.03 13.30
C ARG A 628 47.62 -1.78 14.16
N TRP A 629 46.37 -1.34 14.10
CA TRP A 629 45.27 -1.98 14.81
C TRP A 629 44.32 -2.61 13.79
N PHE A 630 43.89 -3.84 14.07
CA PHE A 630 43.12 -4.63 13.12
C PHE A 630 41.81 -5.07 13.76
N LEU A 631 40.84 -5.37 12.89
CA LEU A 631 39.57 -5.94 13.30
C LEU A 631 39.37 -7.27 12.57
N ARG A 632 39.06 -8.32 13.33
CA ARG A 632 38.94 -9.66 12.79
C ARG A 632 37.49 -9.99 12.50
N VAL A 633 37.21 -10.39 11.27
CA VAL A 633 35.87 -10.74 10.82
C VAL A 633 35.90 -12.19 10.36
N GLU A 634 35.04 -13.02 10.97
CA GLU A 634 34.86 -14.40 10.54
C GLU A 634 33.50 -14.53 9.87
N ASN A 635 33.50 -14.88 8.59
CA ASN A 635 32.28 -14.98 7.81
C ASN A 635 32.10 -16.40 7.31
N HIS A 636 30.94 -16.63 6.67
CA HIS A 636 30.54 -17.94 6.18
C HIS A 636 30.23 -17.83 4.70
N HIS A 637 30.96 -18.57 3.87
CA HIS A 637 30.72 -18.58 2.44
C HIS A 637 30.31 -19.95 1.96
N ASP B 28 34.78 -10.98 27.39
CA ASP B 28 33.95 -11.06 26.19
C ASP B 28 34.39 -12.28 25.38
N TRP B 29 33.42 -12.93 24.72
CA TRP B 29 33.74 -14.12 23.94
C TRP B 29 34.42 -13.76 22.62
N GLU B 30 34.06 -12.60 22.04
CA GLU B 30 34.67 -12.20 20.78
C GLU B 30 36.13 -11.82 20.95
N GLN B 31 36.46 -11.13 22.04
CA GLN B 31 37.83 -10.71 22.28
C GLN B 31 38.74 -11.90 22.59
N TYR B 32 38.22 -12.90 23.32
CA TYR B 32 39.01 -14.08 23.62
C TYR B 32 39.29 -14.91 22.37
N ARG B 33 38.27 -15.06 21.51
CA ARG B 33 38.46 -15.79 20.26
C ARG B 33 39.40 -15.04 19.31
N ASP B 34 39.29 -13.71 19.28
CA ASP B 34 40.21 -12.92 18.47
C ASP B 34 41.65 -13.04 18.97
N ARG B 35 41.84 -12.98 20.30
CA ARG B 35 43.18 -13.15 20.86
C ARG B 35 43.73 -14.54 20.59
N VAL B 36 42.86 -15.57 20.66
CA VAL B 36 43.27 -16.94 20.36
C VAL B 36 43.72 -17.06 18.90
N ASN B 37 42.97 -16.45 17.98
CA ASN B 37 43.30 -16.54 16.56
C ASN B 37 44.60 -15.81 16.23
N MET B 38 44.78 -14.58 16.75
CA MET B 38 46.03 -13.87 16.48
C MET B 38 47.22 -14.50 17.20
N LEU B 39 47.00 -15.11 18.37
CA LEU B 39 48.08 -15.85 19.03
C LEU B 39 48.47 -17.09 18.24
N GLN B 40 47.48 -17.79 17.67
CA GLN B 40 47.77 -18.94 16.83
C GLN B 40 48.54 -18.55 15.59
N GLN B 41 48.15 -17.43 14.95
CA GLN B 41 48.88 -16.96 13.78
C GLN B 41 50.28 -16.50 14.13
N GLU B 42 50.45 -15.87 15.31
CA GLU B 42 51.77 -15.42 15.74
C GLU B 42 52.70 -16.59 16.05
N ARG B 43 52.18 -17.63 16.71
CA ARG B 43 53.01 -18.79 17.00
C ARG B 43 53.26 -19.65 15.76
N ILE B 44 52.40 -19.57 14.76
CA ILE B 44 52.72 -20.14 13.46
C ILE B 44 53.85 -19.35 12.79
N ARG B 45 53.78 -18.03 12.89
CA ARG B 45 54.76 -17.16 12.24
C ARG B 45 56.15 -17.27 12.88
N ASP B 46 56.20 -17.44 14.20
CA ASP B 46 57.49 -17.53 14.88
C ASP B 46 58.18 -18.86 14.60
N SER B 47 57.42 -19.95 14.60
CA SER B 47 58.00 -21.28 14.37
C SER B 47 58.28 -21.49 12.89
N PRO B 48 59.49 -21.92 12.51
CA PRO B 48 59.76 -22.16 11.09
C PRO B 48 59.09 -23.40 10.55
N LEU B 49 58.91 -24.45 11.37
CA LEU B 49 58.21 -25.65 10.94
C LEU B 49 56.74 -25.36 10.65
N LEU B 50 56.10 -24.58 11.53
CA LEU B 50 54.70 -24.21 11.32
C LEU B 50 54.57 -23.29 10.11
N GLN B 51 55.55 -22.41 9.88
CA GLN B 51 55.53 -21.53 8.72
C GLN B 51 55.66 -22.33 7.43
N ALA B 52 56.59 -23.29 7.38
CA ALA B 52 56.78 -24.12 6.20
C ALA B 52 55.59 -25.03 5.96
N ALA B 53 54.92 -25.47 7.02
CA ALA B 53 53.66 -26.18 6.83
C ALA B 53 52.55 -25.26 6.37
N LYS B 54 52.66 -23.96 6.69
CA LYS B 54 51.62 -23.01 6.29
C LYS B 54 51.69 -22.69 4.80
N GLU B 55 52.83 -22.19 4.32
CA GLU B 55 52.90 -21.80 2.91
C GLU B 55 53.53 -22.87 2.02
N ASN B 56 53.55 -24.14 2.47
CA ASN B 56 53.97 -25.29 1.66
C ASN B 56 55.40 -25.14 1.12
N ASP B 57 56.31 -24.69 1.98
CA ASP B 57 57.70 -24.52 1.59
C ASP B 57 58.35 -25.89 1.77
N LEU B 58 58.54 -26.61 0.67
CA LEU B 58 59.05 -27.98 0.74
C LEU B 58 60.54 -28.01 1.08
N ARG B 59 61.32 -27.06 0.56
CA ARG B 59 62.78 -27.10 0.69
C ARG B 59 63.21 -26.94 2.15
N LEU B 60 62.72 -25.90 2.82
CA LEU B 60 63.09 -25.67 4.21
C LEU B 60 62.46 -26.74 5.10
N LEU B 61 61.35 -27.34 4.65
CA LEU B 61 60.78 -28.48 5.36
C LEU B 61 61.71 -29.69 5.35
N LYS B 62 62.28 -30.01 4.19
CA LYS B 62 63.24 -31.12 4.12
C LYS B 62 64.51 -30.81 4.91
N ILE B 63 64.94 -29.54 4.88
CA ILE B 63 66.12 -29.15 5.66
C ILE B 63 65.86 -29.29 7.16
N LEU B 64 64.66 -28.91 7.61
CA LEU B 64 64.36 -28.96 9.04
C LEU B 64 64.08 -30.39 9.49
N LEU B 65 63.43 -31.21 8.64
CA LEU B 65 63.15 -32.59 9.01
C LEU B 65 64.41 -33.45 8.95
N LEU B 66 65.37 -33.06 8.11
CA LEU B 66 66.67 -33.73 8.13
C LEU B 66 67.43 -33.40 9.41
N ASN B 67 67.29 -32.17 9.90
CA ASN B 67 67.93 -31.77 11.15
C ASN B 67 66.99 -32.32 12.22
N ASP B 71 62.91 -30.68 17.07
CA ASP B 71 61.59 -30.92 17.65
C ASP B 71 60.53 -30.96 16.56
N PHE B 72 59.81 -32.07 16.49
CA PHE B 72 58.73 -32.24 15.51
C PHE B 72 57.35 -32.19 16.12
N GLN B 73 57.23 -32.40 17.43
CA GLN B 73 55.94 -32.35 18.13
C GLN B 73 55.72 -31.00 18.82
N GLN B 74 56.29 -29.92 18.29
CA GLN B 74 56.05 -28.60 18.85
C GLN B 74 54.62 -28.15 18.57
N ARG B 75 54.06 -27.42 19.53
CA ARG B 75 52.67 -26.99 19.48
C ARG B 75 52.59 -25.48 19.50
N GLY B 76 51.54 -24.95 18.88
CA GLY B 76 51.28 -23.52 18.85
C GLY B 76 50.45 -23.06 20.02
N ALA B 77 49.87 -21.88 19.88
CA ALA B 77 49.02 -21.31 20.92
C ALA B 77 47.71 -22.07 21.08
N VAL B 78 47.12 -22.51 19.96
CA VAL B 78 45.94 -23.36 20.00
C VAL B 78 46.25 -24.74 20.58
N GLY B 79 47.48 -25.20 20.44
CA GLY B 79 47.84 -26.54 20.86
C GLY B 79 47.97 -27.50 19.70
N GLU B 80 48.10 -26.98 18.49
CA GLU B 80 48.07 -27.77 17.27
C GLU B 80 49.49 -28.05 16.79
N THR B 81 49.63 -29.14 16.02
CA THR B 81 50.91 -29.50 15.45
C THR B 81 51.08 -28.85 14.08
N ALA B 82 52.21 -29.12 13.43
CA ALA B 82 52.42 -28.60 12.08
C ALA B 82 51.59 -29.36 11.05
N LEU B 83 51.23 -30.61 11.35
CA LEU B 83 50.31 -31.34 10.51
C LEU B 83 48.93 -30.71 10.52
N HIS B 84 48.52 -30.15 11.66
CA HIS B 84 47.28 -29.38 11.74
C HIS B 84 47.34 -28.15 10.83
N VAL B 85 48.50 -27.49 10.80
CA VAL B 85 48.67 -26.31 9.94
C VAL B 85 48.63 -26.71 8.47
N ALA B 86 49.24 -27.84 8.13
CA ALA B 86 49.22 -28.32 6.75
C ALA B 86 47.82 -28.74 6.32
N ALA B 87 47.04 -29.32 7.23
CA ALA B 87 45.65 -29.63 6.92
C ALA B 87 44.79 -28.37 6.88
N LEU B 88 45.17 -27.33 7.62
CA LEU B 88 44.40 -26.10 7.65
C LEU B 88 44.60 -25.29 6.38
N TYR B 89 45.83 -25.26 5.86
CA TYR B 89 46.13 -24.47 4.67
C TYR B 89 46.18 -25.30 3.40
N ASP B 90 45.66 -26.53 3.44
CA ASP B 90 45.47 -27.41 2.27
C ASP B 90 46.78 -27.71 1.56
N ASN B 91 47.78 -28.08 2.35
CA ASN B 91 49.12 -28.39 1.85
C ASN B 91 49.28 -29.90 1.88
N LEU B 92 49.04 -30.55 0.74
CA LEU B 92 49.12 -32.01 0.67
C LEU B 92 50.55 -32.50 0.75
N GLU B 93 51.46 -31.86 0.00
CA GLU B 93 52.85 -32.31 -0.05
C GLU B 93 53.54 -32.12 1.29
N ALA B 94 53.30 -30.98 1.95
CA ALA B 94 53.86 -30.74 3.28
C ALA B 94 53.34 -31.75 4.28
N ALA B 95 52.04 -32.04 4.25
CA ALA B 95 51.45 -33.01 5.16
C ALA B 95 52.03 -34.40 4.96
N THR B 96 52.21 -34.81 3.70
CA THR B 96 52.84 -36.10 3.43
C THR B 96 54.29 -36.12 3.89
N LEU B 97 54.97 -34.97 3.81
CA LEU B 97 56.35 -34.88 4.31
C LEU B 97 56.43 -35.11 5.82
N LEU B 98 55.61 -34.41 6.61
CA LEU B 98 55.75 -34.67 8.04
C LEU B 98 55.01 -35.91 8.55
N MET B 99 54.14 -36.53 7.75
CA MET B 99 53.72 -37.88 8.12
C MET B 99 54.73 -38.93 7.71
N GLU B 100 55.57 -38.65 6.71
CA GLU B 100 56.70 -39.53 6.44
C GLU B 100 57.76 -39.40 7.53
N ALA B 101 58.05 -38.18 7.97
CA ALA B 101 59.06 -37.99 9.01
C ALA B 101 58.52 -38.38 10.39
N ALA B 102 57.27 -38.00 10.70
CA ALA B 102 56.68 -38.26 12.00
C ALA B 102 55.34 -38.95 11.81
N PRO B 103 55.30 -40.28 11.82
CA PRO B 103 54.03 -40.98 11.63
C PRO B 103 53.08 -40.85 12.82
N GLU B 104 53.61 -40.61 14.02
CA GLU B 104 52.77 -40.45 15.21
C GLU B 104 52.07 -39.10 15.28
N LEU B 105 52.43 -38.15 14.41
CA LEU B 105 51.82 -36.83 14.40
C LEU B 105 50.38 -36.83 13.91
N ALA B 106 49.92 -37.93 13.29
CA ALA B 106 48.56 -38.02 12.77
C ALA B 106 47.58 -38.59 13.79
N LYS B 107 47.92 -38.54 15.08
CA LYS B 107 47.06 -39.09 16.12
C LYS B 107 46.86 -38.09 17.25
N GLU B 108 47.74 -37.10 17.34
CA GLU B 108 47.66 -36.13 18.42
C GLU B 108 46.64 -35.05 18.10
N PRO B 109 45.71 -34.78 19.02
CA PRO B 109 44.77 -33.67 18.82
C PRO B 109 45.28 -32.38 19.42
N ALA B 110 44.56 -31.28 19.20
CA ALA B 110 44.91 -30.02 19.86
C ALA B 110 44.52 -30.08 21.32
N LEU B 111 45.24 -29.31 22.15
CA LEU B 111 45.17 -29.47 23.59
C LEU B 111 44.43 -28.34 24.32
N CYS B 112 44.65 -27.08 23.96
CA CYS B 112 44.08 -25.98 24.71
C CYS B 112 42.60 -25.83 24.38
N GLU B 113 41.90 -25.04 25.20
CA GLU B 113 40.44 -24.96 25.33
C GLU B 113 39.62 -24.68 24.07
N PRO B 114 39.93 -23.69 23.21
CA PRO B 114 38.99 -23.40 22.10
C PRO B 114 38.98 -24.46 21.00
N PHE B 115 39.97 -25.35 20.96
CA PHE B 115 40.00 -26.36 19.90
C PHE B 115 40.42 -27.73 20.42
N VAL B 116 40.12 -28.03 21.69
CA VAL B 116 40.57 -29.28 22.29
C VAL B 116 39.83 -30.46 21.67
N GLY B 117 40.57 -31.45 21.20
CA GLY B 117 40.04 -32.62 20.55
C GLY B 117 40.15 -32.59 19.03
N GLN B 118 40.48 -31.44 18.46
CA GLN B 118 40.59 -31.31 17.02
C GLN B 118 41.85 -32.00 16.51
N THR B 119 41.67 -33.00 15.66
CA THR B 119 42.76 -33.69 15.00
C THR B 119 42.95 -33.12 13.60
N ALA B 120 44.02 -33.57 12.94
CA ALA B 120 44.24 -33.20 11.55
C ALA B 120 43.20 -33.80 10.62
N LEU B 121 42.59 -34.92 11.01
CA LEU B 121 41.51 -35.51 10.23
C LEU B 121 40.30 -34.59 10.17
N HIS B 122 40.01 -33.89 11.27
CA HIS B 122 38.89 -32.95 11.30
C HIS B 122 39.10 -31.81 10.32
N ILE B 123 40.31 -31.24 10.28
CA ILE B 123 40.57 -30.10 9.41
C ILE B 123 40.70 -30.57 7.96
N ALA B 124 41.17 -31.79 7.73
CA ALA B 124 41.23 -32.32 6.37
C ALA B 124 39.82 -32.63 5.84
N VAL B 125 38.94 -33.11 6.72
CA VAL B 125 37.56 -33.39 6.33
C VAL B 125 36.81 -32.09 6.08
N MET B 126 37.08 -31.06 6.90
CA MET B 126 36.43 -29.76 6.72
C MET B 126 36.82 -29.11 5.40
N ASN B 127 38.07 -29.29 4.97
CA ASN B 127 38.55 -28.72 3.72
C ASN B 127 38.24 -29.60 2.51
N GLN B 128 37.60 -30.75 2.72
CA GLN B 128 37.19 -31.70 1.67
C GLN B 128 38.38 -32.18 0.84
N ASN B 129 39.50 -32.43 1.51
CA ASN B 129 40.71 -32.94 0.85
C ASN B 129 40.67 -34.46 0.94
N LEU B 130 40.36 -35.11 -0.19
CA LEU B 130 40.17 -36.56 -0.20
C LEU B 130 41.49 -37.31 0.01
N ASN B 131 42.53 -36.90 -0.72
CA ASN B 131 43.81 -37.59 -0.63
C ASN B 131 44.47 -37.36 0.72
N LEU B 132 44.26 -36.19 1.33
CA LEU B 132 44.79 -35.94 2.67
C LEU B 132 44.09 -36.80 3.71
N VAL B 133 42.78 -37.00 3.56
CA VAL B 133 42.05 -37.89 4.46
C VAL B 133 42.51 -39.34 4.29
N ARG B 134 42.76 -39.75 3.04
CA ARG B 134 43.28 -41.08 2.78
C ARG B 134 44.67 -41.27 3.38
N ALA B 135 45.53 -40.26 3.27
CA ALA B 135 46.88 -40.35 3.82
C ALA B 135 46.87 -40.34 5.34
N LEU B 136 45.95 -39.58 5.94
CA LEU B 136 45.82 -39.58 7.40
C LEU B 136 45.29 -40.92 7.91
N LEU B 137 44.31 -41.50 7.19
CA LEU B 137 43.77 -42.79 7.60
C LEU B 137 44.78 -43.91 7.38
N ALA B 138 45.69 -43.74 6.41
CA ALA B 138 46.76 -44.72 6.24
C ALA B 138 47.77 -44.64 7.37
N ARG B 139 47.97 -43.45 7.95
CA ARG B 139 48.94 -43.27 9.03
C ARG B 139 48.38 -43.64 10.40
N GLY B 140 47.07 -43.82 10.52
CA GLY B 140 46.48 -44.23 11.78
C GLY B 140 45.69 -43.14 12.49
N ALA B 141 45.04 -42.28 11.72
CA ALA B 141 44.17 -41.26 12.31
C ALA B 141 42.92 -41.91 12.90
N SER B 142 42.51 -41.45 14.07
CA SER B 142 41.36 -42.01 14.74
C SER B 142 40.08 -41.58 14.05
N VAL B 143 39.22 -42.56 13.74
CA VAL B 143 37.94 -42.26 13.10
C VAL B 143 36.88 -41.83 14.10
N SER B 144 37.14 -41.97 15.40
CA SER B 144 36.19 -41.61 16.44
C SER B 144 36.76 -40.54 17.37
N ALA B 145 37.58 -39.64 16.83
CA ALA B 145 38.11 -38.54 17.61
C ALA B 145 37.02 -37.51 17.87
N ARG B 146 36.93 -37.07 19.13
CA ARG B 146 35.89 -36.15 19.58
C ARG B 146 36.49 -34.76 19.77
N ALA B 147 36.04 -33.81 18.96
CA ALA B 147 36.51 -32.42 19.07
C ALA B 147 35.60 -31.67 20.03
N THR B 148 35.95 -31.75 21.31
CA THR B 148 35.14 -31.19 22.38
C THR B 148 35.50 -29.74 22.70
N GLY B 149 36.03 -29.00 21.73
CA GLY B 149 36.40 -27.62 21.96
C GLY B 149 35.19 -26.69 21.98
N ALA B 150 35.45 -25.45 22.33
CA ALA B 150 34.40 -24.43 22.39
C ALA B 150 34.04 -23.88 21.02
N ALA B 151 34.83 -24.19 19.98
CA ALA B 151 34.53 -23.75 18.62
C ALA B 151 33.71 -24.76 17.84
N PHE B 152 33.32 -25.87 18.46
CA PHE B 152 32.51 -26.88 17.79
C PHE B 152 31.16 -27.11 18.45
N ARG B 153 30.89 -26.49 19.59
CA ARG B 153 29.60 -26.64 20.24
C ARG B 153 28.54 -25.82 19.51
N ARG B 154 27.28 -26.23 19.68
CA ARG B 154 26.16 -25.50 19.11
C ARG B 154 25.91 -24.26 19.97
N SER B 155 26.50 -23.14 19.57
CA SER B 155 26.39 -21.89 20.29
C SER B 155 26.17 -20.77 19.29
N PRO B 156 25.58 -19.65 19.72
CA PRO B 156 25.56 -18.46 18.87
C PRO B 156 26.93 -17.85 18.62
N HIS B 157 27.93 -18.19 19.44
CA HIS B 157 29.30 -17.77 19.18
C HIS B 157 29.84 -18.39 17.90
N ASN B 158 29.57 -19.67 17.68
CA ASN B 158 30.06 -20.38 16.52
C ASN B 158 29.13 -20.18 15.34
N LEU B 159 29.71 -19.94 14.16
CA LEU B 159 28.91 -19.75 12.96
C LEU B 159 28.36 -21.07 12.44
N ILE B 160 29.03 -22.18 12.71
CA ILE B 160 28.61 -23.49 12.25
C ILE B 160 28.52 -24.44 13.44
N TYR B 161 27.71 -25.49 13.26
CA TYR B 161 27.65 -26.59 14.22
C TYR B 161 27.71 -27.88 13.40
N TYR B 162 28.90 -28.45 13.28
CA TYR B 162 29.10 -29.65 12.49
C TYR B 162 29.27 -30.90 13.35
N GLY B 163 29.18 -30.77 14.66
CA GLY B 163 29.31 -31.92 15.55
C GLY B 163 30.66 -31.99 16.24
N GLU B 164 31.08 -33.20 16.59
CA GLU B 164 32.37 -33.41 17.23
C GLU B 164 33.20 -34.53 16.59
N HIS B 165 32.58 -35.43 15.84
CA HIS B 165 33.20 -36.58 15.19
C HIS B 165 33.51 -36.27 13.73
N PRO B 166 34.52 -36.91 13.15
CA PRO B 166 34.82 -36.69 11.72
C PRO B 166 33.72 -37.14 10.79
N LEU B 167 32.91 -38.13 11.18
CA LEU B 167 31.80 -38.56 10.34
C LEU B 167 30.71 -37.49 10.26
N SER B 168 30.41 -36.83 11.38
CA SER B 168 29.46 -35.73 11.36
C SER B 168 29.99 -34.55 10.56
N PHE B 169 31.29 -34.28 10.68
CA PHE B 169 31.92 -33.22 9.90
C PHE B 169 31.85 -33.50 8.41
N ALA B 170 32.09 -34.76 8.01
CA ALA B 170 32.04 -35.13 6.60
C ALA B 170 30.61 -35.15 6.08
N ALA B 171 29.64 -35.49 6.94
CA ALA B 171 28.25 -35.42 6.53
C ALA B 171 27.79 -33.98 6.37
N CYS B 172 28.37 -33.05 7.14
CA CYS B 172 27.90 -31.67 7.10
C CYS B 172 28.62 -30.83 6.07
N VAL B 173 29.86 -31.17 5.68
CA VAL B 173 30.53 -30.37 4.68
C VAL B 173 29.94 -30.59 3.29
N GLY B 174 29.30 -31.73 3.07
CA GLY B 174 28.66 -32.02 1.82
C GLY B 174 29.36 -33.01 0.90
N SER B 175 30.17 -33.91 1.45
CA SER B 175 30.96 -34.85 0.65
C SER B 175 30.45 -36.26 0.91
N GLU B 176 30.09 -36.97 -0.17
CA GLU B 176 29.69 -38.36 -0.03
C GLU B 176 30.91 -39.26 0.20
N GLU B 177 31.98 -39.04 -0.56
CA GLU B 177 33.07 -40.01 -0.66
C GLU B 177 33.84 -40.15 0.65
N ILE B 178 34.07 -39.04 1.34
CA ILE B 178 34.75 -39.11 2.64
C ILE B 178 33.85 -39.78 3.68
N VAL B 179 32.52 -39.67 3.53
CA VAL B 179 31.61 -40.38 4.41
C VAL B 179 31.71 -41.89 4.21
N ARG B 180 31.70 -42.36 2.95
CA ARG B 180 31.86 -43.79 2.71
C ARG B 180 33.24 -44.28 3.15
N LEU B 181 34.27 -43.46 2.95
CA LEU B 181 35.62 -43.82 3.36
C LEU B 181 35.74 -43.95 4.87
N LEU B 182 35.16 -42.99 5.61
CA LEU B 182 35.21 -43.02 7.06
C LEU B 182 34.39 -44.17 7.62
N ILE B 183 33.25 -44.50 7.00
CA ILE B 183 32.43 -45.61 7.45
C ILE B 183 33.14 -46.93 7.19
N GLU B 184 33.79 -47.06 6.02
CA GLU B 184 34.52 -48.29 5.71
C GLU B 184 35.79 -48.41 6.55
N HIS B 185 36.28 -47.29 7.09
CA HIS B 185 37.41 -47.34 8.01
C HIS B 185 36.99 -47.55 9.46
N GLY B 186 35.70 -47.52 9.77
CA GLY B 186 35.25 -47.89 11.09
C GLY B 186 34.71 -46.77 11.96
N ALA B 187 34.16 -45.73 11.34
CA ALA B 187 33.55 -44.64 12.10
C ALA B 187 32.19 -45.08 12.61
N ASP B 188 31.89 -44.74 13.86
CA ASP B 188 30.61 -45.10 14.45
C ASP B 188 29.52 -44.21 13.90
N ILE B 189 28.50 -44.82 13.26
CA ILE B 189 27.38 -44.06 12.72
C ILE B 189 26.52 -43.53 13.85
N ARG B 190 26.42 -44.26 14.96
CA ARG B 190 25.61 -43.88 16.11
C ARG B 190 26.40 -43.08 17.14
N ALA B 191 27.44 -42.35 16.71
CA ALA B 191 28.24 -41.57 17.64
C ALA B 191 27.49 -40.32 18.08
N GLN B 192 27.52 -40.05 19.38
CA GLN B 192 26.84 -38.90 19.98
C GLN B 192 27.85 -37.95 20.57
N ASP B 193 27.62 -36.65 20.41
CA ASP B 193 28.52 -35.64 20.91
C ASP B 193 28.14 -35.26 22.34
N SER B 194 28.68 -34.15 22.83
CA SER B 194 28.38 -33.71 24.20
C SER B 194 26.93 -33.24 24.34
N LEU B 195 26.33 -32.78 23.25
CA LEU B 195 24.91 -32.40 23.28
C LEU B 195 24.00 -33.61 23.12
N GLY B 196 24.53 -34.80 22.92
CA GLY B 196 23.72 -35.98 22.70
C GLY B 196 23.19 -36.15 21.29
N ASN B 197 23.57 -35.28 20.37
CA ASN B 197 23.10 -35.36 19.00
C ASN B 197 23.84 -36.45 18.23
N THR B 198 23.10 -37.27 17.51
CA THR B 198 23.69 -38.18 16.54
C THR B 198 24.01 -37.43 15.26
N VAL B 199 24.55 -38.14 14.27
CA VAL B 199 24.87 -37.51 12.99
C VAL B 199 23.60 -37.11 12.25
N LEU B 200 22.49 -37.81 12.49
CA LEU B 200 21.21 -37.44 11.89
C LEU B 200 20.70 -36.11 12.42
N HIS B 201 20.84 -35.89 13.74
CA HIS B 201 20.44 -34.63 14.34
C HIS B 201 21.23 -33.45 13.79
N ILE B 202 22.54 -33.61 13.69
CA ILE B 202 23.41 -32.55 13.19
C ILE B 202 23.16 -32.30 11.71
N LEU B 203 22.84 -33.36 10.95
CA LEU B 203 22.46 -33.19 9.55
C LEU B 203 21.16 -32.40 9.42
N ILE B 204 20.20 -32.65 10.31
CA ILE B 204 18.94 -31.90 10.29
C ILE B 204 19.18 -30.44 10.67
N LEU B 205 20.13 -30.18 11.58
CA LEU B 205 20.42 -28.81 12.01
C LEU B 205 21.21 -27.99 10.98
N GLN B 206 21.41 -28.46 9.75
CA GLN B 206 22.15 -27.73 8.73
C GLN B 206 21.23 -26.80 7.95
N PRO B 207 21.75 -25.68 7.44
CA PRO B 207 20.93 -24.79 6.62
C PRO B 207 20.92 -25.10 5.14
N ASN B 208 21.56 -26.18 4.69
CA ASN B 208 21.49 -26.57 3.29
C ASN B 208 20.09 -27.05 2.92
N LYS B 209 19.53 -27.95 3.74
CA LYS B 209 18.13 -28.36 3.76
C LYS B 209 17.69 -29.16 2.54
N THR B 210 18.55 -29.35 1.55
CA THR B 210 18.24 -30.12 0.36
C THR B 210 19.16 -31.30 0.14
N PHE B 211 20.47 -31.09 0.20
CA PHE B 211 21.45 -32.17 0.07
C PHE B 211 21.56 -32.97 1.36
N ALA B 212 21.12 -32.38 2.48
CA ALA B 212 21.10 -33.09 3.76
C ALA B 212 20.16 -34.29 3.72
N CYS B 213 19.12 -34.24 2.90
CA CYS B 213 18.29 -35.43 2.67
C CYS B 213 19.04 -36.54 1.96
N GLN B 214 19.90 -36.20 0.98
CA GLN B 214 20.71 -37.20 0.32
C GLN B 214 21.72 -37.83 1.28
N MET B 215 22.37 -37.01 2.09
CA MET B 215 23.26 -37.54 3.12
C MET B 215 22.52 -38.33 4.20
N TYR B 216 21.28 -37.96 4.51
CA TYR B 216 20.47 -38.73 5.44
C TYR B 216 20.14 -40.11 4.89
N ASN B 217 19.79 -40.18 3.60
CA ASN B 217 19.56 -41.47 2.95
C ASN B 217 20.83 -42.31 2.92
N LEU B 218 21.97 -41.67 2.63
CA LEU B 218 23.25 -42.38 2.60
C LEU B 218 23.61 -42.94 3.97
N LEU B 219 23.41 -42.16 5.03
CA LEU B 219 23.74 -42.64 6.37
C LEU B 219 22.71 -43.61 6.92
N LEU B 220 21.47 -43.55 6.44
CA LEU B 220 20.48 -44.56 6.82
C LEU B 220 20.71 -45.86 6.07
N SER B 221 21.38 -45.80 4.91
CA SER B 221 21.71 -47.03 4.18
C SER B 221 22.67 -47.91 4.96
N TYR B 222 23.55 -47.30 5.76
CA TYR B 222 24.49 -48.05 6.58
C TYR B 222 23.92 -48.42 7.94
N ASP B 223 22.75 -47.91 8.31
CA ASP B 223 22.13 -48.32 9.57
C ASP B 223 21.58 -49.74 9.49
N GLU B 224 21.10 -50.13 8.31
CA GLU B 224 20.50 -51.45 8.12
C GLU B 224 21.57 -52.47 7.77
N GLN B 230 18.16 -51.12 18.17
CA GLN B 230 17.16 -50.17 17.70
C GLN B 230 17.70 -49.36 16.52
N SER B 231 16.80 -48.68 15.82
CA SER B 231 17.17 -47.87 14.68
C SER B 231 17.87 -46.59 15.12
N LEU B 232 18.65 -46.02 14.21
CA LEU B 232 19.32 -44.75 14.49
C LEU B 232 18.33 -43.59 14.51
N GLU B 233 17.20 -43.74 13.82
CA GLU B 233 16.18 -42.70 13.79
C GLU B 233 15.42 -42.57 15.10
N LEU B 234 15.57 -43.52 16.02
CA LEU B 234 14.87 -43.49 17.30
C LEU B 234 15.81 -43.24 18.48
N VAL B 235 17.04 -42.79 18.23
CA VAL B 235 17.99 -42.48 19.29
C VAL B 235 17.69 -41.08 19.79
N PRO B 236 17.32 -40.91 21.06
CA PRO B 236 16.90 -39.59 21.53
C PRO B 236 18.07 -38.64 21.72
N ASN B 237 17.73 -37.35 21.73
CA ASN B 237 18.65 -36.27 22.06
C ASN B 237 18.75 -36.17 23.59
N HIS B 238 19.71 -35.37 24.07
CA HIS B 238 19.77 -35.06 25.50
C HIS B 238 18.59 -34.21 25.94
N GLN B 239 17.92 -33.52 25.02
CA GLN B 239 16.62 -32.90 25.28
C GLN B 239 15.47 -33.88 25.12
N GLY B 240 15.75 -35.13 24.77
CA GLY B 240 14.73 -36.13 24.58
C GLY B 240 14.10 -36.16 23.22
N LEU B 241 14.78 -35.64 22.19
CA LEU B 241 14.20 -35.48 20.87
C LEU B 241 14.75 -36.55 19.92
N THR B 242 13.86 -37.18 19.18
CA THR B 242 14.23 -37.96 18.01
C THR B 242 14.60 -37.01 16.88
N PRO B 243 15.26 -37.50 15.82
CA PRO B 243 15.45 -36.66 14.62
C PRO B 243 14.15 -36.18 14.01
N PHE B 244 13.07 -36.97 14.11
CA PHE B 244 11.75 -36.52 13.69
C PHE B 244 11.28 -35.33 14.54
N LYS B 245 11.44 -35.43 15.85
CA LYS B 245 11.06 -34.33 16.74
C LYS B 245 11.97 -33.13 16.57
N LEU B 246 13.25 -33.35 16.27
CA LEU B 246 14.16 -32.23 16.02
C LEU B 246 13.80 -31.51 14.72
N ALA B 247 13.42 -32.27 13.68
CA ALA B 247 12.97 -31.66 12.44
C ALA B 247 11.66 -30.91 12.64
N GLY B 248 10.81 -31.40 13.54
CA GLY B 248 9.61 -30.64 13.89
C GLY B 248 9.89 -29.37 14.66
N VAL B 249 10.86 -29.41 15.58
CA VAL B 249 11.12 -28.27 16.45
C VAL B 249 11.82 -27.16 15.68
N GLU B 250 12.87 -27.51 14.93
CA GLU B 250 13.65 -26.50 14.21
C GLU B 250 12.94 -25.97 12.97
N GLY B 251 11.81 -26.56 12.58
CA GLY B 251 11.08 -26.07 11.43
C GLY B 251 11.68 -26.45 10.09
N ASN B 252 12.30 -27.63 10.01
CA ASN B 252 12.92 -28.09 8.77
C ASN B 252 11.84 -28.76 7.93
N THR B 253 11.20 -27.97 7.07
CA THR B 253 10.02 -28.45 6.35
C THR B 253 10.40 -29.42 5.23
N VAL B 254 11.50 -29.15 4.52
CA VAL B 254 11.97 -30.05 3.48
C VAL B 254 12.43 -31.37 4.08
N MET B 255 13.10 -31.30 5.23
CA MET B 255 13.53 -32.52 5.91
C MET B 255 12.33 -33.29 6.48
N PHE B 256 11.31 -32.58 6.94
CA PHE B 256 10.09 -33.24 7.39
C PHE B 256 9.39 -33.95 6.24
N GLN B 257 9.35 -33.32 5.07
CA GLN B 257 8.74 -33.94 3.90
C GLN B 257 9.54 -35.15 3.45
N HIS B 258 10.87 -35.08 3.54
CA HIS B 258 11.71 -36.24 3.19
C HIS B 258 11.52 -37.36 4.20
N LEU B 259 11.35 -37.03 5.48
CA LEU B 259 11.13 -38.05 6.50
C LEU B 259 9.75 -38.68 6.36
N MET B 260 8.77 -37.95 5.86
CA MET B 260 7.43 -38.50 5.69
C MET B 260 7.30 -39.39 4.47
N GLN B 261 8.31 -39.47 3.61
CA GLN B 261 8.25 -40.41 2.48
C GLN B 261 8.37 -41.84 2.96
N LYS B 262 9.17 -42.08 4.00
CA LYS B 262 9.36 -43.44 4.51
C LYS B 262 8.21 -43.89 5.40
N ARG B 263 7.31 -42.97 5.79
CA ARG B 263 6.21 -43.29 6.67
C ARG B 263 4.86 -43.19 5.96
N LYS B 264 4.86 -43.14 4.64
CA LYS B 264 3.63 -43.12 3.84
C LYS B 264 3.50 -44.42 3.06
N HIS B 265 2.30 -44.67 2.55
CA HIS B 265 2.04 -45.86 1.75
C HIS B 265 0.88 -45.57 0.83
N VAL B 266 1.16 -45.54 -0.48
CA VAL B 266 0.13 -45.29 -1.48
C VAL B 266 -0.72 -46.54 -1.62
N GLN B 267 -2.00 -46.43 -1.23
CA GLN B 267 -2.90 -47.58 -1.32
C GLN B 267 -3.23 -47.90 -2.77
N TRP B 268 -3.62 -46.88 -3.55
CA TRP B 268 -3.93 -47.07 -4.95
C TRP B 268 -3.81 -45.74 -5.66
N THR B 269 -3.79 -45.80 -6.99
CA THR B 269 -3.80 -44.60 -7.83
C THR B 269 -4.73 -44.88 -9.01
N CYS B 270 -5.82 -44.13 -9.10
CA CYS B 270 -6.83 -44.32 -10.15
C CYS B 270 -7.00 -42.99 -10.87
N GLY B 271 -6.33 -42.83 -12.00
CA GLY B 271 -6.37 -41.61 -12.76
C GLY B 271 -5.70 -40.46 -12.02
N PRO B 272 -6.42 -39.35 -11.86
CA PRO B 272 -5.87 -38.21 -11.10
C PRO B 272 -5.98 -38.38 -9.59
N LEU B 273 -6.68 -39.39 -9.11
CA LEU B 273 -6.90 -39.60 -7.68
C LEU B 273 -5.93 -40.65 -7.16
N THR B 274 -5.27 -40.35 -6.04
CA THR B 274 -4.41 -41.29 -5.35
C THR B 274 -4.70 -41.24 -3.87
N SER B 275 -4.65 -42.41 -3.21
CA SER B 275 -4.92 -42.51 -1.79
C SER B 275 -3.63 -42.88 -1.07
N THR B 276 -3.24 -42.06 -0.10
CA THR B 276 -2.00 -42.23 0.63
C THR B 276 -2.30 -42.50 2.11
N LEU B 277 -1.49 -43.33 2.73
CA LEU B 277 -1.70 -43.78 4.11
C LEU B 277 -0.50 -43.37 4.95
N TYR B 278 -0.58 -42.19 5.57
CA TYR B 278 0.51 -41.66 6.37
C TYR B 278 0.49 -42.25 7.77
N ASP B 279 1.67 -42.57 8.29
CA ASP B 279 1.78 -43.14 9.63
C ASP B 279 1.78 -42.02 10.67
N LEU B 280 0.99 -42.20 11.72
CA LEU B 280 0.84 -41.19 12.77
C LEU B 280 1.52 -41.60 14.08
N THR B 281 2.49 -42.51 14.01
CA THR B 281 3.18 -42.95 15.23
C THR B 281 4.06 -41.83 15.79
N GLU B 282 4.87 -41.21 14.95
CA GLU B 282 5.78 -40.16 15.41
C GLU B 282 5.08 -38.81 15.52
N ILE B 283 3.92 -38.65 14.89
CA ILE B 283 3.28 -37.34 14.79
C ILE B 283 2.24 -37.14 15.88
N ASP B 284 1.33 -38.11 16.05
CA ASP B 284 0.32 -37.99 17.10
C ASP B 284 0.94 -38.14 18.48
N SER B 285 1.88 -39.10 18.62
CA SER B 285 2.62 -39.39 19.84
C SER B 285 1.70 -39.68 21.01
N TRP B 286 0.87 -40.72 20.88
CA TRP B 286 -0.13 -41.06 21.88
C TRP B 286 0.55 -41.69 23.10
N GLY B 287 0.21 -41.19 24.28
CA GLY B 287 0.79 -41.67 25.52
C GLY B 287 2.03 -40.94 25.97
N GLU B 288 2.69 -40.20 25.08
CA GLU B 288 3.88 -39.45 25.46
C GLU B 288 3.48 -38.17 26.20
N GLU B 289 4.28 -37.81 27.20
CA GLU B 289 4.05 -36.58 27.94
C GLU B 289 4.36 -35.36 27.07
N LEU B 290 5.44 -35.43 26.30
CA LEU B 290 5.81 -34.39 25.36
C LEU B 290 5.65 -34.92 23.94
N SER B 291 4.59 -34.51 23.27
CA SER B 291 4.24 -35.00 21.95
C SER B 291 4.95 -34.19 20.88
N PHE B 292 4.77 -34.63 19.63
CA PHE B 292 5.37 -33.92 18.50
C PHE B 292 4.76 -32.54 18.32
N LEU B 293 3.44 -32.47 18.27
CA LEU B 293 2.73 -31.22 18.04
C LEU B 293 2.90 -30.22 19.19
N GLU B 294 3.00 -30.70 20.42
CA GLU B 294 3.25 -29.83 21.56
C GLU B 294 4.64 -29.19 21.47
N LEU B 295 5.64 -29.96 21.05
CA LEU B 295 6.97 -29.41 20.83
C LEU B 295 7.01 -28.46 19.64
N VAL B 296 6.22 -28.74 18.60
CA VAL B 296 6.20 -27.85 17.44
C VAL B 296 5.53 -26.51 17.75
N VAL B 297 4.36 -26.50 18.40
CA VAL B 297 3.67 -25.25 18.64
C VAL B 297 4.29 -24.44 19.77
N SER B 298 5.12 -25.05 20.61
CA SER B 298 5.80 -24.34 21.70
C SER B 298 7.28 -24.16 21.41
N SER B 299 7.66 -24.10 20.14
CA SER B 299 9.05 -23.89 19.75
C SER B 299 9.31 -22.41 19.54
N LYS B 300 10.51 -21.97 19.89
CA LYS B 300 10.88 -20.57 19.78
C LYS B 300 11.25 -20.15 18.36
N LYS B 301 11.37 -21.10 17.43
CA LYS B 301 11.71 -20.78 16.05
C LYS B 301 10.46 -20.36 15.27
N ARG B 302 10.65 -19.38 14.38
CA ARG B 302 9.55 -18.93 13.53
C ARG B 302 9.22 -19.91 12.42
N GLU B 303 10.17 -20.80 12.06
CA GLU B 303 9.94 -21.76 11.00
C GLU B 303 9.21 -23.01 11.48
N ALA B 304 9.03 -23.16 12.79
CA ALA B 304 8.36 -24.35 13.31
C ALA B 304 6.87 -24.34 13.00
N ARG B 305 6.27 -23.17 12.80
CA ARG B 305 4.85 -23.07 12.48
C ARG B 305 4.54 -23.52 11.07
N GLN B 306 5.55 -23.66 10.21
CA GLN B 306 5.33 -24.18 8.86
C GLN B 306 5.29 -25.71 8.82
N ILE B 307 5.67 -26.37 9.90
CA ILE B 307 5.53 -27.82 10.00
C ILE B 307 4.05 -28.20 10.10
N LEU B 308 3.23 -27.31 10.67
CA LEU B 308 1.81 -27.57 10.84
C LEU B 308 1.02 -27.51 9.55
N GLU B 309 1.63 -27.08 8.44
CA GLU B 309 0.97 -27.01 7.14
C GLU B 309 1.38 -28.14 6.21
N GLN B 310 2.05 -29.17 6.73
CA GLN B 310 2.55 -30.23 5.87
C GLN B 310 1.47 -31.29 5.62
N THR B 311 1.88 -32.34 4.91
CA THR B 311 0.89 -33.22 4.27
C THR B 311 0.15 -34.17 5.22
N PRO B 312 0.76 -34.74 6.29
CA PRO B 312 -0.10 -35.39 7.29
C PRO B 312 -0.66 -34.43 8.35
N VAL B 313 0.16 -33.46 8.74
CA VAL B 313 -0.07 -32.71 9.98
C VAL B 313 -1.24 -31.75 9.83
N LYS B 314 -1.36 -31.10 8.66
CA LYS B 314 -2.41 -30.12 8.45
C LYS B 314 -3.80 -30.75 8.52
N GLU B 315 -4.00 -31.86 7.83
CA GLU B 315 -5.29 -32.54 7.90
C GLU B 315 -5.50 -33.24 9.24
N LEU B 316 -4.42 -33.67 9.92
CA LEU B 316 -4.58 -34.23 11.25
C LEU B 316 -5.11 -33.20 12.24
N VAL B 317 -4.46 -32.03 12.30
CA VAL B 317 -4.91 -31.00 13.23
C VAL B 317 -6.22 -30.37 12.76
N SER B 318 -6.51 -30.41 11.45
CA SER B 318 -7.79 -29.90 10.98
C SER B 318 -8.94 -30.82 11.37
N PHE B 319 -8.73 -32.13 11.27
CA PHE B 319 -9.74 -33.08 11.74
C PHE B 319 -9.93 -32.98 13.25
N LYS B 320 -8.83 -32.80 13.99
CA LYS B 320 -8.91 -32.66 15.44
C LYS B 320 -9.65 -31.39 15.84
N TRP B 321 -9.44 -30.29 15.10
CA TRP B 321 -10.13 -29.04 15.41
C TRP B 321 -11.60 -29.09 15.00
N LYS B 322 -11.90 -29.65 13.83
CA LYS B 322 -13.27 -29.66 13.33
C LYS B 322 -14.15 -30.65 14.08
N LYS B 323 -13.60 -31.79 14.50
CA LYS B 323 -14.43 -32.80 15.14
C LYS B 323 -14.58 -32.58 16.64
N TYR B 324 -13.52 -32.16 17.33
CA TYR B 324 -13.55 -32.07 18.78
C TYR B 324 -13.12 -30.72 19.32
N GLY B 325 -12.15 -30.06 18.69
CA GLY B 325 -11.56 -28.86 19.29
C GLY B 325 -12.50 -27.67 19.29
N ARG B 326 -13.19 -27.44 18.15
CA ARG B 326 -14.06 -26.27 18.04
C ARG B 326 -15.30 -26.35 18.93
N PRO B 327 -16.07 -27.47 19.00
CA PRO B 327 -17.22 -27.47 19.94
C PRO B 327 -16.81 -27.39 21.41
N TYR B 328 -15.71 -28.03 21.79
CA TYR B 328 -15.28 -27.97 23.19
C TYR B 328 -14.77 -26.57 23.53
N PHE B 329 -14.08 -25.92 22.58
CA PHE B 329 -13.65 -24.53 22.80
C PHE B 329 -14.86 -23.60 22.89
N CYS B 330 -15.90 -23.87 22.08
CA CYS B 330 -17.09 -23.03 22.11
C CYS B 330 -17.86 -23.18 23.42
N VAL B 331 -18.00 -24.42 23.93
CA VAL B 331 -18.71 -24.58 25.18
C VAL B 331 -17.88 -24.08 26.37
N LEU B 332 -16.54 -24.15 26.27
CA LEU B 332 -15.71 -23.56 27.31
C LEU B 332 -15.78 -22.04 27.29
N ALA B 333 -15.86 -21.45 26.10
CA ALA B 333 -16.05 -20.01 25.98
C ALA B 333 -17.40 -19.57 26.53
N SER B 334 -18.44 -20.36 26.27
CA SER B 334 -19.77 -20.05 26.82
C SER B 334 -19.78 -20.16 28.34
N LEU B 335 -19.12 -21.19 28.88
CA LEU B 335 -19.02 -21.32 30.34
C LEU B 335 -18.24 -20.18 30.97
N TYR B 336 -17.16 -19.74 30.31
CA TYR B 336 -16.40 -18.61 30.82
C TYR B 336 -17.17 -17.31 30.73
N ILE B 337 -17.99 -17.14 29.69
CA ILE B 337 -18.81 -15.94 29.57
C ILE B 337 -19.90 -15.93 30.65
N LEU B 338 -20.50 -17.09 30.93
CA LEU B 338 -21.48 -17.18 32.01
C LEU B 338 -20.83 -16.92 33.37
N TYR B 339 -19.61 -17.41 33.57
CA TYR B 339 -18.88 -17.14 34.81
C TYR B 339 -18.54 -15.66 34.93
N MET B 340 -18.19 -15.01 33.82
CA MET B 340 -17.91 -13.58 33.83
C MET B 340 -19.17 -12.78 34.14
N ILE B 341 -20.32 -13.22 33.61
CA ILE B 341 -21.60 -12.57 33.91
C ILE B 341 -21.94 -12.71 35.39
N CYS B 342 -21.69 -13.90 35.96
CA CYS B 342 -21.93 -14.11 37.38
C CYS B 342 -21.03 -13.25 38.25
N PHE B 343 -19.75 -13.14 37.88
CA PHE B 343 -18.81 -12.30 38.64
C PHE B 343 -19.18 -10.82 38.53
N THR B 344 -19.61 -10.39 37.33
CA THR B 344 -20.05 -9.01 37.16
C THR B 344 -21.30 -8.71 37.98
N THR B 345 -22.25 -9.64 38.00
CA THR B 345 -23.48 -9.45 38.78
C THR B 345 -23.19 -9.44 40.26
N CYS B 346 -22.19 -10.21 40.71
CA CYS B 346 -21.77 -10.13 42.11
C CYS B 346 -21.05 -8.83 42.40
N CYS B 347 -20.38 -8.25 41.41
CA CYS B 347 -19.74 -6.95 41.61
C CYS B 347 -20.76 -5.82 41.69
N ILE B 348 -21.82 -5.89 40.88
CA ILE B 348 -22.81 -4.81 40.86
C ILE B 348 -23.60 -4.79 42.15
N TYR B 349 -24.01 -5.97 42.65
CA TYR B 349 -24.84 -6.07 43.84
C TYR B 349 -24.03 -6.21 45.13
N ARG B 350 -22.81 -5.66 45.16
CA ARG B 350 -21.95 -5.78 46.33
C ARG B 350 -22.55 -5.02 47.52
N PRO B 351 -22.31 -5.49 48.74
CA PRO B 351 -22.96 -4.87 49.93
C PRO B 351 -22.39 -3.49 50.22
N LEU B 352 -23.27 -2.49 50.22
CA LEU B 352 -22.92 -1.12 50.54
C LEU B 352 -23.96 -0.55 51.49
N LYS B 353 -23.50 0.21 52.48
CA LYS B 353 -24.37 0.87 53.45
C LYS B 353 -24.16 2.37 53.39
N LEU B 354 -25.09 3.12 53.99
CA LEU B 354 -24.97 4.56 54.04
C LEU B 354 -23.81 4.98 54.93
N ARG B 355 -23.15 6.07 54.55
CA ARG B 355 -21.96 6.53 55.27
C ARG B 355 -22.36 7.14 56.61
N ASP B 356 -21.76 6.63 57.69
CA ASP B 356 -22.08 7.15 59.02
C ASP B 356 -21.44 8.52 59.25
N ASP B 357 -20.20 8.69 58.79
CA ASP B 357 -19.52 9.97 58.98
C ASP B 357 -20.07 11.02 58.02
N ASN B 358 -20.27 12.22 58.53
CA ASN B 358 -20.83 13.31 57.75
C ASN B 358 -19.79 13.85 56.77
N ARG B 359 -20.28 14.36 55.65
CA ARG B 359 -19.42 14.91 54.60
C ARG B 359 -18.97 16.30 55.03
N THR B 360 -17.85 16.36 55.75
CA THR B 360 -17.33 17.64 56.21
C THR B 360 -16.72 18.43 55.06
N ASP B 361 -15.94 17.78 54.21
CA ASP B 361 -15.32 18.45 53.07
C ASP B 361 -16.36 18.70 51.99
N PRO B 362 -16.48 19.93 51.47
CA PRO B 362 -17.39 20.18 50.34
C PRO B 362 -17.05 19.39 49.09
N ARG B 363 -15.77 19.13 48.83
CA ARG B 363 -15.39 18.35 47.65
C ARG B 363 -15.63 16.86 47.83
N ASP B 364 -15.82 16.40 49.06
CA ASP B 364 -16.09 14.99 49.30
C ASP B 364 -17.51 14.64 48.86
N ILE B 365 -17.65 13.59 48.06
CA ILE B 365 -18.93 13.17 47.52
C ILE B 365 -19.26 11.73 47.87
N THR B 366 -18.48 11.11 48.75
CA THR B 366 -18.71 9.73 49.14
C THR B 366 -19.91 9.65 50.08
N ILE B 367 -20.99 9.03 49.62
CA ILE B 367 -22.20 8.90 50.42
C ILE B 367 -22.45 7.48 50.90
N LEU B 368 -21.74 6.49 50.35
CA LEU B 368 -21.93 5.10 50.71
C LEU B 368 -20.59 4.49 51.10
N GLN B 369 -20.64 3.46 51.94
CA GLN B 369 -19.44 2.75 52.35
C GLN B 369 -19.76 1.26 52.48
N GLN B 370 -18.69 0.47 52.63
CA GLN B 370 -18.82 -0.98 52.61
C GLN B 370 -19.48 -1.50 53.87
N LYS B 371 -20.21 -2.61 53.72
CA LYS B 371 -20.78 -3.31 54.86
C LYS B 371 -19.74 -4.24 55.47
N LEU B 372 -20.04 -4.69 56.69
CA LEU B 372 -19.18 -5.63 57.39
C LEU B 372 -19.59 -7.07 57.05
N LEU B 373 -18.92 -8.03 57.68
CA LEU B 373 -19.19 -9.44 57.39
C LEU B 373 -20.55 -9.87 57.92
N GLN B 374 -20.84 -9.56 59.19
CA GLN B 374 -22.12 -9.97 59.78
C GLN B 374 -23.25 -9.07 59.29
N GLU B 375 -22.94 -7.86 58.86
CA GLU B 375 -23.97 -6.93 58.41
C GLU B 375 -24.44 -7.21 56.99
N ALA B 376 -23.64 -7.91 56.18
CA ALA B 376 -23.97 -8.08 54.77
C ALA B 376 -24.98 -9.20 54.57
N TYR B 377 -24.58 -10.44 54.85
CA TYR B 377 -25.37 -11.62 54.46
C TYR B 377 -26.48 -11.85 55.48
N VAL B 378 -27.54 -11.03 55.37
CA VAL B 378 -28.68 -11.14 56.27
C VAL B 378 -29.98 -11.33 55.51
N THR B 379 -29.98 -11.13 54.19
CA THR B 379 -31.20 -11.26 53.41
C THR B 379 -31.10 -12.40 52.39
N HIS B 380 -32.20 -12.60 51.65
CA HIS B 380 -32.26 -13.66 50.64
C HIS B 380 -31.45 -13.30 49.40
N GLN B 381 -31.54 -12.03 48.97
CA GLN B 381 -30.69 -11.55 47.87
C GLN B 381 -29.22 -11.62 48.25
N ASP B 382 -28.91 -11.40 49.53
CA ASP B 382 -27.55 -11.59 50.01
C ASP B 382 -27.14 -13.04 49.97
N ASN B 383 -28.08 -13.98 50.15
CA ASN B 383 -27.75 -15.39 50.01
C ASN B 383 -27.51 -15.77 48.55
N ILE B 384 -28.28 -15.18 47.64
CA ILE B 384 -28.04 -15.39 46.21
C ILE B 384 -26.68 -14.85 45.81
N ARG B 385 -26.33 -13.65 46.29
CA ARG B 385 -24.97 -13.14 46.06
C ARG B 385 -23.91 -13.97 46.76
N LEU B 386 -24.23 -14.60 47.89
CA LEU B 386 -23.28 -15.49 48.55
C LEU B 386 -22.97 -16.72 47.70
N VAL B 387 -24.00 -17.35 47.14
CA VAL B 387 -23.73 -18.52 46.30
C VAL B 387 -23.08 -18.10 44.98
N GLY B 388 -23.38 -16.89 44.48
CA GLY B 388 -22.66 -16.38 43.33
C GLY B 388 -21.19 -16.10 43.59
N GLU B 389 -20.87 -15.51 44.73
CA GLU B 389 -19.49 -15.27 45.13
C GLU B 389 -18.75 -16.57 45.42
N LEU B 390 -19.41 -17.59 45.97
CA LEU B 390 -18.82 -18.91 46.10
C LEU B 390 -18.53 -19.54 44.75
N VAL B 391 -19.42 -19.38 43.78
CA VAL B 391 -19.14 -19.83 42.41
C VAL B 391 -17.95 -19.07 41.82
N THR B 392 -17.85 -17.76 42.08
CA THR B 392 -16.74 -16.96 41.59
C THR B 392 -15.41 -17.42 42.18
N VAL B 393 -15.37 -17.64 43.51
CA VAL B 393 -14.15 -18.11 44.17
C VAL B 393 -13.79 -19.52 43.72
N THR B 394 -14.79 -20.39 43.51
CA THR B 394 -14.54 -21.72 43.00
C THR B 394 -13.96 -21.68 41.59
N GLY B 395 -14.48 -20.81 40.73
CA GLY B 395 -13.92 -20.63 39.41
C GLY B 395 -12.51 -20.07 39.40
N ALA B 396 -12.22 -19.13 40.30
CA ALA B 396 -10.86 -18.62 40.44
C ALA B 396 -9.88 -19.66 40.96
N VAL B 397 -10.32 -20.54 41.86
CA VAL B 397 -9.47 -21.62 42.33
C VAL B 397 -9.24 -22.65 41.22
N ILE B 398 -10.29 -22.97 40.46
CA ILE B 398 -10.19 -23.89 39.34
C ILE B 398 -9.26 -23.35 38.27
N ILE B 399 -9.28 -22.03 38.06
CA ILE B 399 -8.37 -21.37 37.12
C ILE B 399 -6.91 -21.55 37.54
N LEU B 400 -6.61 -21.40 38.84
CA LEU B 400 -5.25 -21.59 39.31
C LEU B 400 -4.85 -23.06 39.36
N LEU B 401 -5.81 -23.97 39.38
CA LEU B 401 -5.48 -25.40 39.34
C LEU B 401 -5.21 -25.87 37.92
N LEU B 402 -5.51 -25.05 36.92
CA LEU B 402 -5.30 -25.42 35.53
C LEU B 402 -4.14 -24.69 34.88
N GLU B 403 -3.71 -23.56 35.44
CA GLU B 403 -2.68 -22.74 34.82
C GLU B 403 -1.33 -22.89 35.49
N ILE B 404 -1.29 -22.88 36.82
CA ILE B 404 -0.07 -22.95 37.61
C ILE B 404 0.70 -24.27 37.36
N PRO B 405 0.06 -25.45 37.21
CA PRO B 405 0.83 -26.60 36.69
C PRO B 405 1.42 -26.40 35.30
N ASP B 406 0.74 -25.65 34.42
CA ASP B 406 1.20 -25.52 33.05
C ASP B 406 2.41 -24.59 32.93
N ILE B 407 2.67 -23.75 33.92
CA ILE B 407 3.90 -22.96 33.90
C ILE B 407 5.11 -23.85 34.13
N PHE B 408 4.97 -24.84 35.00
CA PHE B 408 6.12 -25.67 35.39
C PHE B 408 6.47 -26.67 34.31
N ARG B 409 5.51 -27.13 33.52
CA ARG B 409 5.80 -28.12 32.49
C ARG B 409 6.56 -27.50 31.32
N VAL B 410 6.32 -26.23 31.04
CA VAL B 410 6.92 -25.57 29.88
C VAL B 410 7.97 -24.53 30.27
N GLY B 411 7.67 -23.66 31.21
CA GLY B 411 8.60 -22.59 31.57
C GLY B 411 7.94 -21.23 31.53
N ALA B 412 8.35 -20.37 32.47
CA ALA B 412 7.71 -19.06 32.63
C ALA B 412 8.03 -18.12 31.48
N SER B 413 9.16 -18.32 30.81
CA SER B 413 9.49 -17.49 29.66
C SER B 413 8.65 -17.85 28.44
N ARG B 414 8.35 -19.14 28.26
CA ARG B 414 7.59 -19.58 27.10
C ARG B 414 6.09 -19.54 27.33
N TYR B 415 5.64 -19.76 28.57
CA TYR B 415 4.20 -19.76 28.85
C TYR B 415 3.62 -18.36 28.71
N PHE B 416 4.37 -17.35 29.11
CA PHE B 416 3.90 -15.97 29.08
C PHE B 416 4.44 -15.18 27.91
N GLY B 417 5.43 -15.69 27.19
CA GLY B 417 6.06 -14.93 26.12
C GLY B 417 5.67 -15.35 24.73
N GLN B 418 5.11 -16.55 24.58
CA GLN B 418 4.72 -17.07 23.28
C GLN B 418 3.26 -16.75 23.03
N THR B 419 3.00 -15.99 21.96
CA THR B 419 1.62 -15.68 21.57
C THR B 419 0.91 -16.86 20.94
N ILE B 420 1.64 -17.92 20.58
CA ILE B 420 1.02 -19.13 20.05
C ILE B 420 0.18 -19.82 21.13
N LEU B 421 0.74 -19.94 22.33
CA LEU B 421 0.06 -20.62 23.43
C LEU B 421 -0.94 -19.73 24.16
N GLY B 422 -0.96 -18.43 23.88
CA GLY B 422 -1.78 -17.51 24.66
C GLY B 422 -1.00 -16.90 25.80
N GLY B 423 0.10 -16.25 25.47
CA GLY B 423 1.03 -15.71 26.45
C GLY B 423 0.47 -14.68 27.41
N PRO B 424 0.13 -13.48 26.91
CA PRO B 424 -0.40 -12.44 27.80
C PRO B 424 -1.75 -12.78 28.39
N PHE B 425 -2.54 -13.62 27.72
CA PHE B 425 -3.84 -14.03 28.25
C PHE B 425 -3.69 -14.86 29.51
N HIS B 426 -2.66 -15.71 29.57
CA HIS B 426 -2.39 -16.45 30.80
C HIS B 426 -1.97 -15.51 31.93
N VAL B 427 -1.22 -14.45 31.60
CA VAL B 427 -0.82 -13.46 32.60
C VAL B 427 -2.04 -12.77 33.18
N ILE B 428 -2.95 -12.31 32.32
CA ILE B 428 -4.11 -11.58 32.83
C ILE B 428 -5.10 -12.53 33.50
N ILE B 429 -5.13 -13.80 33.10
CA ILE B 429 -6.01 -14.77 33.76
C ILE B 429 -5.51 -15.10 35.17
N ILE B 430 -4.19 -15.31 35.30
CA ILE B 430 -3.59 -15.57 36.61
C ILE B 430 -3.73 -14.35 37.51
N THR B 431 -3.55 -13.14 36.94
CA THR B 431 -3.74 -11.92 37.70
C THR B 431 -5.19 -11.75 38.15
N TYR B 432 -6.15 -12.10 37.28
CA TYR B 432 -7.56 -12.03 37.63
C TYR B 432 -7.90 -12.98 38.77
N ALA B 433 -7.38 -14.20 38.72
CA ALA B 433 -7.62 -15.16 39.81
C ALA B 433 -6.98 -14.69 41.11
N SER B 434 -5.78 -14.13 41.03
CA SER B 434 -5.11 -13.61 42.23
C SER B 434 -5.87 -12.42 42.82
N LEU B 435 -6.42 -11.56 41.96
CA LEU B 435 -7.20 -10.43 42.46
C LEU B 435 -8.53 -10.86 43.04
N VAL B 436 -9.14 -11.91 42.50
CA VAL B 436 -10.38 -12.42 43.08
C VAL B 436 -10.12 -13.05 44.45
N LEU B 437 -9.01 -13.78 44.58
CA LEU B 437 -8.66 -14.32 45.89
C LEU B 437 -8.26 -13.24 46.88
N LEU B 438 -7.62 -12.16 46.40
CA LEU B 438 -7.32 -11.03 47.26
C LEU B 438 -8.58 -10.33 47.73
N THR B 439 -9.58 -10.20 46.85
CA THR B 439 -10.87 -9.65 47.26
C THR B 439 -11.60 -10.58 48.23
N MET B 440 -11.42 -11.89 48.07
CA MET B 440 -12.03 -12.85 48.99
C MET B 440 -11.43 -12.72 50.39
N VAL B 441 -10.10 -12.64 50.48
CA VAL B 441 -9.50 -12.48 51.81
C VAL B 441 -9.71 -11.06 52.34
N MET B 442 -9.95 -10.08 51.47
CA MET B 442 -10.34 -8.74 51.92
C MET B 442 -11.73 -8.76 52.54
N ARG B 443 -12.65 -9.51 51.93
CA ARG B 443 -13.99 -9.66 52.48
C ARG B 443 -13.96 -10.41 53.81
N LEU B 444 -13.18 -11.49 53.88
CA LEU B 444 -13.11 -12.26 55.11
C LEU B 444 -12.32 -11.56 56.21
N THR B 445 -11.44 -10.63 55.86
CA THR B 445 -10.68 -9.86 56.84
C THR B 445 -11.32 -8.51 57.16
N ASN B 446 -12.37 -8.13 56.44
CA ASN B 446 -13.10 -6.86 56.60
C ASN B 446 -12.19 -5.66 56.43
N MET B 447 -11.52 -5.58 55.29
CA MET B 447 -10.69 -4.44 54.94
C MET B 447 -11.40 -3.56 53.93
N ASN B 448 -11.40 -2.25 54.20
CA ASN B 448 -11.99 -1.28 53.30
C ASN B 448 -11.11 -1.14 52.06
N GLY B 449 -11.77 -0.94 50.90
CA GLY B 449 -11.05 -0.76 49.66
C GLY B 449 -11.16 -1.93 48.72
N GLU B 450 -12.32 -2.58 48.67
CA GLU B 450 -12.56 -3.66 47.74
C GLU B 450 -12.72 -3.17 46.30
N VAL B 451 -12.97 -1.88 46.11
CA VAL B 451 -13.21 -1.34 44.77
C VAL B 451 -11.95 -1.42 43.92
N VAL B 452 -10.77 -1.35 44.54
CA VAL B 452 -9.50 -1.41 43.82
C VAL B 452 -9.27 -2.82 43.22
N PRO B 453 -9.22 -3.92 44.01
CA PRO B 453 -9.04 -5.22 43.34
C PRO B 453 -10.26 -5.67 42.56
N LEU B 454 -11.46 -5.18 42.92
CA LEU B 454 -12.63 -5.52 42.12
C LEU B 454 -12.59 -4.85 40.75
N SER B 455 -12.07 -3.62 40.66
CA SER B 455 -11.95 -2.95 39.38
C SER B 455 -10.89 -3.59 38.51
N PHE B 456 -9.70 -3.88 39.09
CA PHE B 456 -8.69 -4.61 38.33
C PHE B 456 -9.18 -5.98 37.89
N ALA B 457 -9.87 -6.70 38.78
CA ALA B 457 -10.37 -8.03 38.44
C ALA B 457 -11.44 -7.98 37.37
N LEU B 458 -12.33 -6.98 37.42
CA LEU B 458 -13.37 -6.85 36.39
C LEU B 458 -12.77 -6.57 35.02
N VAL B 459 -11.84 -5.61 34.96
CA VAL B 459 -11.23 -5.26 33.67
C VAL B 459 -10.42 -6.42 33.11
N LEU B 460 -9.59 -7.05 33.94
CA LEU B 460 -8.74 -8.14 33.46
C LEU B 460 -9.54 -9.38 33.12
N GLY B 461 -10.53 -9.73 33.94
CA GLY B 461 -11.33 -10.90 33.66
C GLY B 461 -12.22 -10.76 32.44
N TRP B 462 -12.74 -9.55 32.20
CA TRP B 462 -13.52 -9.36 30.99
C TRP B 462 -12.63 -9.30 29.77
N CYS B 463 -11.45 -8.70 29.88
CA CYS B 463 -10.52 -8.68 28.75
C CYS B 463 -9.91 -10.05 28.48
N SER B 464 -9.99 -10.98 29.44
CA SER B 464 -9.54 -12.35 29.22
C SER B 464 -10.51 -13.17 28.38
N VAL B 465 -11.70 -12.65 28.07
CA VAL B 465 -12.62 -13.34 27.17
C VAL B 465 -12.10 -13.30 25.73
N MET B 466 -11.21 -12.36 25.41
CA MET B 466 -10.56 -12.33 24.10
C MET B 466 -9.62 -13.49 23.86
N TYR B 467 -9.31 -14.29 24.89
CA TYR B 467 -8.52 -15.50 24.67
C TYR B 467 -9.28 -16.50 23.81
N PHE B 468 -10.60 -16.56 23.96
CA PHE B 468 -11.43 -17.49 23.19
C PHE B 468 -11.71 -16.99 21.78
N ALA B 469 -11.22 -15.80 21.41
CA ALA B 469 -11.36 -15.30 20.07
C ALA B 469 -10.50 -16.05 19.07
N ARG B 470 -9.46 -16.76 19.54
CA ARG B 470 -8.55 -17.47 18.65
C ARG B 470 -9.20 -18.66 17.97
N GLY B 471 -10.33 -19.14 18.49
CA GLY B 471 -11.04 -20.24 17.87
C GLY B 471 -11.92 -19.85 16.70
N PHE B 472 -11.95 -18.57 16.34
CA PHE B 472 -12.80 -18.07 15.27
C PHE B 472 -11.95 -17.30 14.27
N GLN B 473 -12.25 -17.49 12.99
CA GLN B 473 -11.52 -16.81 11.92
C GLN B 473 -11.80 -15.31 11.95
N MET B 474 -13.00 -14.91 12.36
CA MET B 474 -13.38 -13.50 12.35
C MET B 474 -12.60 -12.70 13.39
N LEU B 475 -12.32 -13.30 14.56
CA LEU B 475 -11.80 -12.54 15.68
C LEU B 475 -10.36 -12.85 16.05
N GLY B 476 -9.86 -14.03 15.72
CA GLY B 476 -8.51 -14.46 16.08
C GLY B 476 -7.38 -13.61 15.53
N PRO B 477 -7.32 -13.44 14.20
CA PRO B 477 -6.32 -12.52 13.63
C PRO B 477 -6.44 -11.09 14.12
N PHE B 478 -7.65 -10.59 14.37
CA PHE B 478 -7.78 -9.24 14.91
C PHE B 478 -7.23 -9.15 16.33
N THR B 479 -7.42 -10.20 17.13
CA THR B 479 -6.86 -10.23 18.47
C THR B 479 -5.33 -10.28 18.43
N ILE B 480 -4.78 -11.03 17.47
CA ILE B 480 -3.33 -11.07 17.31
C ILE B 480 -2.79 -9.71 16.85
N MET B 481 -3.53 -9.03 15.98
CA MET B 481 -3.13 -7.68 15.55
C MET B 481 -3.18 -6.69 16.71
N ILE B 482 -4.16 -6.85 17.60
CA ILE B 482 -4.21 -6.03 18.82
C ILE B 482 -2.98 -6.30 19.68
N GLN B 483 -2.60 -7.57 19.82
CA GLN B 483 -1.40 -7.93 20.59
C GLN B 483 -0.14 -7.34 19.96
N LYS B 484 -0.05 -7.35 18.63
CA LYS B 484 1.13 -6.80 17.96
C LYS B 484 1.17 -5.29 18.04
N MET B 485 0.02 -4.63 18.03
CA MET B 485 0.00 -3.17 18.11
C MET B 485 0.23 -2.66 19.53
N ILE B 486 -0.17 -3.43 20.54
CA ILE B 486 0.07 -3.02 21.93
C ILE B 486 1.56 -3.04 22.25
N PHE B 487 2.24 -4.12 21.89
CA PHE B 487 3.66 -4.26 22.15
C PHE B 487 4.52 -3.61 21.07
N GLY B 488 3.89 -3.02 20.05
CA GLY B 488 4.61 -2.40 18.96
C GLY B 488 4.46 -0.89 18.94
N ASP B 489 3.52 -0.39 18.12
CA ASP B 489 3.37 1.04 17.91
C ASP B 489 2.89 1.77 19.15
N LEU B 490 2.02 1.13 19.95
CA LEU B 490 1.48 1.79 21.14
C LEU B 490 2.55 2.04 22.19
N MET B 491 3.53 1.14 22.31
CA MET B 491 4.58 1.31 23.31
C MET B 491 5.48 2.49 22.99
N ARG B 492 5.96 2.58 21.75
CA ARG B 492 6.81 3.71 21.36
C ARG B 492 6.02 5.02 21.33
N PHE B 493 4.74 4.95 20.95
CA PHE B 493 3.91 6.13 20.92
C PHE B 493 3.66 6.66 22.33
N CYS B 494 3.43 5.74 23.29
CA CYS B 494 3.27 6.14 24.68
C CYS B 494 4.59 6.63 25.28
N TRP B 495 5.72 6.09 24.82
CA TRP B 495 7.01 6.52 25.35
C TRP B 495 7.33 7.96 24.95
N LEU B 496 6.98 8.34 23.72
CA LEU B 496 7.18 9.75 23.34
C LEU B 496 6.02 10.63 23.83
N MET B 497 4.85 10.01 24.01
CA MET B 497 3.67 10.69 24.54
C MET B 497 3.87 11.13 25.98
N ALA B 498 4.62 10.35 26.76
CA ALA B 498 4.96 10.75 28.13
C ALA B 498 5.79 12.01 28.13
N VAL B 499 6.74 12.12 27.19
CA VAL B 499 7.57 13.32 27.06
C VAL B 499 6.73 14.53 26.69
N VAL B 500 5.86 14.40 25.68
CA VAL B 500 5.05 15.53 25.23
C VAL B 500 4.08 15.97 26.32
N ILE B 501 3.42 15.01 26.96
CA ILE B 501 2.44 15.32 28.00
C ILE B 501 3.10 15.91 29.23
N LEU B 502 4.29 15.42 29.61
CA LEU B 502 5.00 15.97 30.76
C LEU B 502 5.41 17.42 30.52
N GLY B 503 5.96 17.70 29.32
CA GLY B 503 6.36 19.08 29.02
C GLY B 503 5.19 20.04 28.97
N PHE B 504 4.12 19.66 28.28
CA PHE B 504 3.00 20.58 28.17
C PHE B 504 2.18 20.66 29.45
N ALA B 505 2.18 19.60 30.27
CA ALA B 505 1.51 19.66 31.56
C ALA B 505 2.25 20.58 32.52
N SER B 506 3.59 20.53 32.51
CA SER B 506 4.37 21.46 33.32
C SER B 506 4.16 22.89 32.86
N ALA B 507 4.11 23.12 31.54
CA ALA B 507 3.86 24.46 31.02
C ALA B 507 2.48 24.98 31.39
N PHE B 508 1.46 24.12 31.29
CA PHE B 508 0.10 24.53 31.65
C PHE B 508 -0.03 24.80 33.14
N HIS B 509 0.61 23.97 33.98
CA HIS B 509 0.52 24.17 35.42
C HIS B 509 1.23 25.45 35.86
N ILE B 510 2.39 25.75 35.28
CA ILE B 510 3.03 27.01 35.64
C ILE B 510 2.33 28.21 35.00
N THR B 511 1.58 28.00 33.91
CA THR B 511 0.81 29.10 33.34
C THR B 511 -0.38 29.44 34.24
N PHE B 512 -1.09 28.43 34.74
CA PHE B 512 -2.24 28.65 35.62
C PHE B 512 -1.89 28.57 37.09
N GLN B 513 -0.64 28.88 37.46
CA GLN B 513 -0.26 28.90 38.86
C GLN B 513 -0.61 30.21 39.55
N THR B 514 -0.94 31.25 38.77
CA THR B 514 -1.25 32.56 39.32
C THR B 514 -2.71 32.94 39.14
N GLU B 515 -3.53 32.07 38.58
CA GLU B 515 -4.93 32.36 38.30
C GLU B 515 -5.84 31.69 39.34
N ASP B 516 -7.11 32.05 39.28
CA ASP B 516 -8.10 31.48 40.19
C ASP B 516 -8.43 30.06 39.74
N PRO B 517 -8.29 29.05 40.61
CA PRO B 517 -8.64 27.68 40.21
C PRO B 517 -10.13 27.43 40.04
N ASN B 518 -10.99 28.34 40.47
CA ASN B 518 -12.43 28.13 40.32
C ASN B 518 -12.87 28.33 38.87
N ASN B 519 -12.28 29.29 38.18
CA ASN B 519 -12.69 29.59 36.80
C ASN B 519 -12.05 28.66 35.79
N LEU B 520 -10.87 28.11 36.08
CA LEU B 520 -10.25 27.11 35.22
C LEU B 520 -9.43 26.18 36.11
N GLY B 521 -10.02 25.05 36.48
CA GLY B 521 -9.41 24.09 37.38
C GLY B 521 -8.80 22.87 36.73
N GLU B 522 -8.58 22.91 35.41
CA GLU B 522 -7.94 21.78 34.74
C GLU B 522 -6.47 21.64 35.13
N PHE B 523 -5.80 22.76 35.41
CA PHE B 523 -4.38 22.78 35.71
C PHE B 523 -4.10 23.38 37.08
N SER B 524 -5.02 23.18 38.03
CA SER B 524 -4.83 23.74 39.37
C SER B 524 -3.73 23.00 40.13
N ASP B 525 -3.75 21.68 40.07
CA ASP B 525 -2.73 20.85 40.69
C ASP B 525 -1.94 20.11 39.61
N TYR B 526 -0.69 19.81 39.93
CA TYR B 526 0.18 19.14 38.95
C TYR B 526 -0.27 17.74 38.55
N PRO B 527 -0.73 16.84 39.43
CA PRO B 527 -1.35 15.60 38.92
C PRO B 527 -2.62 15.86 38.11
N THR B 528 -3.42 16.85 38.53
CA THR B 528 -4.57 17.24 37.74
C THR B 528 -4.16 17.85 36.40
N ALA B 529 -3.05 18.60 36.38
CA ALA B 529 -2.54 19.15 35.14
C ALA B 529 -2.06 18.03 34.20
N LEU B 530 -1.40 17.02 34.76
CA LEU B 530 -0.93 15.88 33.95
C LEU B 530 -2.11 15.11 33.36
N PHE B 531 -3.12 14.83 34.19
CA PHE B 531 -4.31 14.12 33.70
C PHE B 531 -5.06 14.94 32.66
N SER B 532 -5.21 16.25 32.89
CA SER B 532 -5.91 17.11 31.96
C SER B 532 -5.16 17.25 30.64
N THR B 533 -3.82 17.32 30.69
CA THR B 533 -3.04 17.37 29.47
C THR B 533 -3.07 16.06 28.69
N PHE B 534 -3.08 14.93 29.38
CA PHE B 534 -3.26 13.64 28.70
C PHE B 534 -4.63 13.55 28.02
N GLU B 535 -5.68 14.00 28.72
CA GLU B 535 -7.02 14.02 28.13
C GLU B 535 -7.12 15.01 26.98
N LEU B 536 -6.40 16.12 27.05
CA LEU B 536 -6.43 17.11 25.98
C LEU B 536 -5.64 16.63 24.77
N PHE B 537 -4.60 15.83 25.00
CA PHE B 537 -3.92 15.17 23.89
C PHE B 537 -4.86 14.20 23.19
N LEU B 538 -5.57 13.38 23.97
CA LEU B 538 -6.50 12.43 23.37
C LEU B 538 -7.84 13.06 23.01
N THR B 539 -8.00 14.36 23.30
CA THR B 539 -9.20 15.15 23.01
C THR B 539 -10.48 14.52 23.53
N ILE B 540 -10.38 13.84 24.68
CA ILE B 540 -11.55 13.27 25.34
C ILE B 540 -12.21 14.28 26.28
N ILE B 541 -11.59 15.43 26.51
CA ILE B 541 -12.21 16.56 27.17
C ILE B 541 -12.04 17.78 26.29
N ASP B 542 -12.87 18.78 26.52
CA ASP B 542 -12.82 20.01 25.74
C ASP B 542 -11.61 20.85 26.16
N GLY B 543 -11.17 21.71 25.24
CA GLY B 543 -10.17 22.70 25.54
C GLY B 543 -10.72 23.70 26.55
N PRO B 544 -10.00 23.89 27.67
CA PRO B 544 -10.52 24.76 28.73
C PRO B 544 -10.53 26.23 28.34
N ALA B 545 -11.73 26.76 28.10
CA ALA B 545 -11.88 28.15 27.70
C ALA B 545 -13.09 28.72 28.44
N ASN B 546 -12.86 29.81 29.16
CA ASN B 546 -13.93 30.53 29.86
C ASN B 546 -13.95 31.95 29.28
N TYR B 547 -14.93 32.21 28.41
CA TYR B 547 -14.99 33.49 27.71
C TYR B 547 -15.47 34.64 28.59
N SER B 548 -16.04 34.35 29.75
CA SER B 548 -16.43 35.40 30.68
C SER B 548 -15.24 36.00 31.41
N VAL B 549 -14.11 35.30 31.46
CA VAL B 549 -12.92 35.79 32.13
C VAL B 549 -11.79 35.91 31.10
N ASP B 550 -10.69 36.51 31.53
CA ASP B 550 -9.53 36.74 30.69
C ASP B 550 -8.45 35.73 31.03
N LEU B 551 -8.27 34.73 30.17
CA LEU B 551 -7.20 33.76 30.34
C LEU B 551 -5.87 34.40 29.93
N PRO B 552 -4.76 33.90 30.49
CA PRO B 552 -3.45 34.39 30.06
C PRO B 552 -3.14 34.01 28.62
N PHE B 553 -2.38 34.86 27.95
CA PHE B 553 -2.00 34.61 26.56
C PHE B 553 -0.99 33.48 26.43
N MET B 554 -0.24 33.19 27.50
CA MET B 554 0.69 32.07 27.48
C MET B 554 -0.04 30.74 27.36
N TYR B 555 -1.21 30.63 28.00
CA TYR B 555 -2.04 29.44 27.80
C TYR B 555 -2.49 29.31 26.35
N CYS B 556 -2.83 30.44 25.71
CA CYS B 556 -3.27 30.40 24.32
C CYS B 556 -2.15 29.95 23.39
N ILE B 557 -0.94 30.48 23.59
CA ILE B 557 0.19 30.11 22.74
C ILE B 557 0.59 28.65 22.99
N THR B 558 0.67 28.25 24.27
CA THR B 558 1.05 26.89 24.60
C THR B 558 0.00 25.88 24.15
N TYR B 559 -1.28 26.24 24.22
CA TYR B 559 -2.32 25.33 23.77
C TYR B 559 -2.42 25.28 22.25
N ALA B 560 -2.10 26.37 21.55
CA ALA B 560 -2.00 26.31 20.11
C ALA B 560 -0.87 25.38 19.67
N ALA B 561 0.28 25.48 20.33
CA ALA B 561 1.38 24.56 20.03
C ALA B 561 1.04 23.12 20.41
N PHE B 562 0.32 22.94 21.52
CA PHE B 562 -0.10 21.61 21.93
C PHE B 562 -1.09 21.00 20.95
N ALA B 563 -2.01 21.82 20.41
CA ALA B 563 -2.96 21.32 19.44
C ALA B 563 -2.30 21.05 18.09
N ILE B 564 -1.26 21.80 17.74
CA ILE B 564 -0.56 21.54 16.49
C ILE B 564 0.28 20.27 16.58
N ILE B 565 1.08 20.14 17.64
CA ILE B 565 2.02 19.03 17.72
C ILE B 565 1.33 17.76 18.22
N ALA B 566 0.57 17.85 19.29
CA ALA B 566 -0.02 16.67 19.92
C ALA B 566 -1.30 16.23 19.22
N THR B 567 -2.26 17.14 19.05
CA THR B 567 -3.56 16.75 18.49
C THR B 567 -3.47 16.55 16.99
N LEU B 568 -2.85 17.48 16.27
CA LEU B 568 -2.90 17.43 14.81
C LEU B 568 -1.84 16.48 14.25
N LEU B 569 -0.60 16.62 14.68
CA LEU B 569 0.49 15.80 14.15
C LEU B 569 0.49 14.40 14.76
N MET B 570 0.65 14.31 16.09
CA MET B 570 0.97 13.03 16.73
C MET B 570 -0.20 12.05 16.75
N LEU B 571 -1.42 12.54 17.02
CA LEU B 571 -2.56 11.65 17.12
C LEU B 571 -2.96 11.01 15.80
N ASN B 572 -2.65 11.67 14.68
CA ASN B 572 -2.90 11.10 13.36
C ASN B 572 -1.69 10.38 12.80
N LEU B 573 -0.49 10.73 13.26
CA LEU B 573 0.70 9.96 12.90
C LEU B 573 0.66 8.56 13.51
N PHE B 574 0.00 8.42 14.67
CA PHE B 574 -0.24 7.08 15.22
C PHE B 574 -1.13 6.25 14.32
N ILE B 575 -2.17 6.87 13.74
CA ILE B 575 -3.04 6.17 12.81
C ILE B 575 -2.28 5.78 11.54
N ALA B 576 -1.42 6.69 11.05
CA ALA B 576 -0.60 6.38 9.87
C ALA B 576 0.39 5.25 10.14
N MET B 577 1.05 5.28 11.30
CA MET B 577 2.00 4.26 11.67
C MET B 577 1.32 2.90 11.84
N MET B 578 0.14 2.88 12.45
CA MET B 578 -0.57 1.62 12.59
C MET B 578 -1.13 1.13 11.26
N GLY B 579 -1.47 2.06 10.36
CA GLY B 579 -1.90 1.65 9.03
C GLY B 579 -0.77 1.02 8.22
N ASP B 580 0.45 1.51 8.41
CA ASP B 580 1.61 0.87 7.79
C ASP B 580 1.89 -0.50 8.41
N THR B 581 1.93 -0.55 9.74
CA THR B 581 2.26 -1.78 10.45
C THR B 581 1.17 -2.84 10.30
N HIS B 582 -0.07 -2.44 10.00
CA HIS B 582 -1.14 -3.42 9.80
C HIS B 582 -0.92 -4.24 8.55
N TRP B 583 -0.64 -3.58 7.43
CA TRP B 583 -0.40 -4.33 6.20
C TRP B 583 0.99 -4.96 6.17
N ARG B 584 1.94 -4.48 6.99
CA ARG B 584 3.25 -5.11 6.94
C ARG B 584 3.34 -6.43 7.70
N VAL B 585 2.40 -6.76 8.58
CA VAL B 585 2.48 -8.01 9.34
C VAL B 585 1.21 -8.86 9.18
N ALA B 586 0.42 -8.64 8.12
CA ALA B 586 -0.85 -9.34 7.98
C ALA B 586 -0.67 -10.82 7.67
N GLN B 587 0.32 -11.17 6.84
CA GLN B 587 0.60 -12.57 6.54
C GLN B 587 1.09 -13.29 7.79
N GLU B 588 2.00 -12.66 8.53
CA GLU B 588 2.45 -13.20 9.81
C GLU B 588 1.29 -13.33 10.79
N ARG B 589 0.35 -12.39 10.76
CA ARG B 589 -0.86 -12.47 11.58
C ARG B 589 -1.68 -13.71 11.24
N ASP B 590 -1.85 -14.01 9.95
CA ASP B 590 -2.63 -15.18 9.55
C ASP B 590 -1.94 -16.48 9.95
N GLU B 591 -0.62 -16.57 9.75
CA GLU B 591 0.10 -17.78 10.17
C GLU B 591 0.12 -17.93 11.68
N LEU B 592 0.20 -16.81 12.41
CA LEU B 592 0.12 -16.84 13.87
C LEU B 592 -1.24 -17.33 14.33
N TRP B 593 -2.32 -16.94 13.64
CA TRP B 593 -3.64 -17.43 14.02
C TRP B 593 -3.80 -18.92 13.74
N ARG B 594 -3.27 -19.39 12.61
CA ARG B 594 -3.35 -20.82 12.30
C ARG B 594 -2.57 -21.65 13.33
N ALA B 595 -1.37 -21.19 13.70
CA ALA B 595 -0.61 -21.89 14.73
C ALA B 595 -1.27 -21.78 16.10
N GLN B 596 -1.98 -20.68 16.36
CA GLN B 596 -2.74 -20.56 17.61
C GLN B 596 -3.89 -21.56 17.66
N VAL B 597 -4.56 -21.78 16.52
CA VAL B 597 -5.62 -22.78 16.45
C VAL B 597 -5.06 -24.18 16.71
N VAL B 598 -3.90 -24.48 16.12
CA VAL B 598 -3.28 -25.78 16.34
C VAL B 598 -2.84 -25.96 17.80
N ALA B 599 -2.27 -24.91 18.40
CA ALA B 599 -1.85 -24.98 19.80
C ALA B 599 -3.04 -25.08 20.75
N THR B 600 -4.16 -24.42 20.42
CA THR B 600 -5.38 -24.57 21.20
C THR B 600 -5.90 -26.00 21.12
N THR B 601 -5.82 -26.61 19.93
CA THR B 601 -6.21 -28.01 19.77
C THR B 601 -5.33 -28.93 20.61
N VAL B 602 -4.03 -28.67 20.62
CA VAL B 602 -3.08 -29.48 21.40
C VAL B 602 -3.36 -29.33 22.90
N MET B 603 -3.60 -28.10 23.36
CA MET B 603 -3.90 -27.86 24.76
C MET B 603 -5.23 -28.52 25.17
N LEU B 604 -6.23 -28.46 24.30
CA LEU B 604 -7.51 -29.10 24.59
C LEU B 604 -7.38 -30.62 24.62
N GLU B 605 -6.57 -31.19 23.73
CA GLU B 605 -6.37 -32.64 23.77
C GLU B 605 -5.57 -33.07 25.00
N ARG B 606 -4.65 -32.22 25.46
CA ARG B 606 -3.84 -32.58 26.62
C ARG B 606 -4.63 -32.46 27.91
N LYS B 607 -5.42 -31.40 28.07
CA LYS B 607 -6.03 -31.12 29.37
C LYS B 607 -7.40 -31.77 29.56
N MET B 608 -8.20 -31.91 28.51
CA MET B 608 -9.52 -32.50 28.63
C MET B 608 -9.39 -34.01 28.85
N PRO B 609 -10.40 -34.65 29.44
CA PRO B 609 -10.33 -36.10 29.67
C PRO B 609 -10.30 -36.91 28.37
N ARG B 610 -9.72 -38.10 28.47
CA ARG B 610 -9.48 -38.93 27.29
C ARG B 610 -10.77 -39.47 26.69
N PHE B 611 -11.81 -39.68 27.51
CA PHE B 611 -13.06 -40.23 27.00
C PHE B 611 -13.81 -39.24 26.12
N LEU B 612 -13.51 -37.95 26.21
CA LEU B 612 -14.08 -36.95 25.32
C LEU B 612 -13.20 -36.64 24.12
N TRP B 613 -11.94 -37.09 24.14
CA TRP B 613 -11.01 -36.91 23.02
C TRP B 613 -10.54 -38.29 22.56
N PRO B 614 -11.27 -38.93 21.65
CA PRO B 614 -10.82 -40.22 21.12
C PRO B 614 -9.57 -40.07 20.27
N ARG B 615 -8.84 -41.18 20.15
CA ARG B 615 -7.58 -41.18 19.40
C ARG B 615 -7.84 -40.97 17.92
N SER B 616 -7.08 -40.07 17.31
CA SER B 616 -7.28 -39.70 15.93
C SER B 616 -6.59 -40.68 14.98
N GLY B 617 -7.20 -40.86 13.82
CA GLY B 617 -6.65 -41.74 12.80
C GLY B 617 -7.44 -43.03 12.68
N ILE B 618 -6.93 -43.91 11.83
CA ILE B 618 -7.52 -45.22 11.58
C ILE B 618 -6.65 -46.27 12.24
N CYS B 619 -7.25 -47.10 13.09
CA CYS B 619 -6.50 -48.12 13.81
C CYS B 619 -6.08 -49.24 12.88
N GLY B 620 -4.80 -49.61 12.92
CA GLY B 620 -4.30 -50.67 12.08
C GLY B 620 -4.55 -52.07 12.58
N TYR B 621 -4.98 -52.21 13.84
CA TYR B 621 -5.27 -53.55 14.37
C TYR B 621 -6.55 -54.12 13.78
N GLU B 622 -7.46 -53.25 13.35
CA GLU B 622 -8.71 -53.71 12.74
C GLU B 622 -8.51 -54.25 11.33
N TYR B 623 -7.35 -53.97 10.71
CA TYR B 623 -7.10 -54.35 9.33
C TYR B 623 -5.81 -55.14 9.17
N GLY B 624 -5.16 -55.52 10.27
CA GLY B 624 -3.98 -56.35 10.18
C GLY B 624 -2.68 -55.63 9.89
N LEU B 625 -2.63 -54.31 10.12
CA LEU B 625 -1.42 -53.52 9.90
C LEU B 625 -0.67 -53.24 11.19
N GLY B 626 -0.66 -54.19 12.12
CA GLY B 626 0.07 -54.01 13.35
C GLY B 626 -0.68 -53.15 14.36
N ASP B 627 0.08 -52.45 15.20
CA ASP B 627 -0.46 -51.61 16.25
C ASP B 627 -0.17 -50.13 15.98
N ARG B 628 -0.26 -49.74 14.72
CA ARG B 628 -0.05 -48.35 14.32
C ARG B 628 -1.36 -47.72 13.90
N TRP B 629 -1.42 -46.40 14.02
CA TRP B 629 -2.58 -45.62 13.61
C TRP B 629 -2.21 -44.74 12.42
N PHE B 630 -3.09 -44.72 11.41
CA PHE B 630 -2.79 -44.07 10.15
C PHE B 630 -3.85 -43.03 9.83
N LEU B 631 -3.48 -42.07 8.98
CA LEU B 631 -4.39 -41.07 8.45
C LEU B 631 -4.39 -41.16 6.93
N ARG B 632 -5.57 -41.24 6.34
CA ARG B 632 -5.71 -41.44 4.90
C ARG B 632 -5.95 -40.10 4.22
N VAL B 633 -5.12 -39.79 3.23
CA VAL B 633 -5.23 -38.55 2.48
C VAL B 633 -5.46 -38.91 1.02
N GLU B 634 -6.54 -38.41 0.44
CA GLU B 634 -6.82 -38.56 -0.98
C GLU B 634 -6.62 -37.21 -1.66
N ASN B 635 -5.66 -37.14 -2.58
CA ASN B 635 -5.32 -35.90 -3.26
C ASN B 635 -5.56 -36.03 -4.76
N HIS B 636 -5.38 -34.92 -5.47
CA HIS B 636 -5.63 -34.84 -6.90
C HIS B 636 -4.37 -34.31 -7.57
N HIS B 637 -3.80 -35.10 -8.46
CA HIS B 637 -2.60 -34.69 -9.19
C HIS B 637 -2.88 -34.61 -10.69
N ASP C 28 -19.98 -39.76 10.01
CA ASP C 28 -19.17 -38.83 9.22
C ASP C 28 -18.89 -39.47 7.86
N TRP C 29 -18.84 -38.64 6.82
CA TRP C 29 -18.60 -39.17 5.47
C TRP C 29 -17.13 -39.54 5.27
N GLU C 30 -16.21 -38.81 5.93
CA GLU C 30 -14.80 -39.11 5.78
C GLU C 30 -14.43 -40.43 6.45
N GLN C 31 -14.99 -40.69 7.63
CA GLN C 31 -14.68 -41.91 8.35
C GLN C 31 -15.24 -43.15 7.64
N TYR C 32 -16.43 -43.03 7.05
CA TYR C 32 -17.01 -44.14 6.32
C TYR C 32 -16.21 -44.47 5.05
N ARG C 33 -15.79 -43.43 4.32
CA ARG C 33 -14.97 -43.64 3.13
C ARG C 33 -13.60 -44.20 3.48
N ASP C 34 -13.02 -43.74 4.60
CA ASP C 34 -11.75 -44.28 5.06
C ASP C 34 -11.88 -45.75 5.45
N ARG C 35 -12.96 -46.10 6.17
CA ARG C 35 -13.19 -47.49 6.54
C ARG C 35 -13.42 -48.36 5.32
N VAL C 36 -14.14 -47.83 4.32
CA VAL C 36 -14.37 -48.55 3.07
C VAL C 36 -13.05 -48.82 2.35
N ASN C 37 -12.18 -47.81 2.30
CA ASN C 37 -10.90 -47.97 1.60
C ASN C 37 -9.98 -48.96 2.30
N MET C 38 -9.86 -48.87 3.63
CA MET C 38 -9.01 -49.82 4.33
C MET C 38 -9.61 -51.22 4.36
N LEU C 39 -10.94 -51.34 4.35
CA LEU C 39 -11.56 -52.66 4.24
C LEU C 39 -11.32 -53.26 2.86
N GLN C 40 -11.38 -52.44 1.81
CA GLN C 40 -11.08 -52.92 0.47
C GLN C 40 -9.64 -53.39 0.35
N GLN C 41 -8.70 -52.62 0.93
CA GLN C 41 -7.30 -53.03 0.91
C GLN C 41 -7.06 -54.28 1.73
N GLU C 42 -7.77 -54.43 2.86
CA GLU C 42 -7.62 -55.62 3.70
C GLU C 42 -8.17 -56.86 3.01
N ARG C 43 -9.32 -56.74 2.34
CA ARG C 43 -9.87 -57.89 1.63
C ARG C 43 -9.11 -58.21 0.35
N ILE C 44 -8.41 -57.23 -0.23
CA ILE C 44 -7.45 -57.52 -1.28
C ILE C 44 -6.26 -58.29 -0.71
N ARG C 45 -5.78 -57.87 0.46
CA ARG C 45 -4.61 -58.48 1.07
C ARG C 45 -4.87 -59.92 1.53
N ASP C 46 -6.08 -60.19 2.03
CA ASP C 46 -6.39 -61.53 2.50
C ASP C 46 -6.56 -62.51 1.35
N SER C 47 -7.21 -62.10 0.28
CA SER C 47 -7.44 -62.98 -0.86
C SER C 47 -6.18 -63.11 -1.70
N PRO C 48 -5.75 -64.33 -2.03
CA PRO C 48 -4.55 -64.47 -2.88
C PRO C 48 -4.78 -64.10 -4.32
N LEU C 49 -5.99 -64.33 -4.86
CA LEU C 49 -6.30 -63.93 -6.22
C LEU C 49 -6.29 -62.41 -6.38
N LEU C 50 -6.87 -61.70 -5.40
CA LEU C 50 -6.88 -60.24 -5.43
C LEU C 50 -5.46 -59.70 -5.25
N GLN C 51 -4.64 -60.37 -4.43
CA GLN C 51 -3.26 -59.95 -4.24
C GLN C 51 -2.45 -60.13 -5.52
N ALA C 52 -2.60 -61.26 -6.19
CA ALA C 52 -1.89 -61.52 -7.44
C ALA C 52 -2.36 -60.61 -8.56
N ALA C 53 -3.64 -60.23 -8.55
CA ALA C 53 -4.09 -59.20 -9.47
C ALA C 53 -3.57 -57.82 -9.10
N LYS C 54 -3.25 -57.62 -7.82
CA LYS C 54 -2.75 -56.31 -7.38
C LYS C 54 -1.30 -56.10 -7.81
N GLU C 55 -0.39 -56.98 -7.40
CA GLU C 55 1.02 -56.75 -7.73
C GLU C 55 1.48 -57.53 -8.96
N ASN C 56 0.55 -57.96 -9.83
CA ASN C 56 0.86 -58.57 -11.13
C ASN C 56 1.74 -59.82 -11.00
N ASP C 57 1.42 -60.67 -10.04
CA ASP C 57 2.17 -61.90 -9.83
C ASP C 57 1.58 -62.92 -10.81
N LEU C 58 2.27 -63.15 -11.91
CA LEU C 58 1.74 -64.03 -12.96
C LEU C 58 1.80 -65.49 -12.55
N ARG C 59 2.85 -65.91 -11.84
CA ARG C 59 3.07 -67.32 -11.55
C ARG C 59 1.98 -67.88 -10.64
N LEU C 60 1.74 -67.22 -9.51
CA LEU C 60 0.72 -67.69 -8.59
C LEU C 60 -0.67 -67.51 -9.19
N LEU C 61 -0.81 -66.56 -10.12
CA LEU C 61 -2.06 -66.41 -10.86
C LEU C 61 -2.35 -67.63 -11.73
N LYS C 62 -1.34 -68.12 -12.46
CA LYS C 62 -1.53 -69.32 -13.28
C LYS C 62 -1.76 -70.55 -12.40
N ILE C 63 -1.09 -70.61 -11.25
CA ILE C 63 -1.30 -71.72 -10.33
C ILE C 63 -2.73 -71.72 -9.78
N LEU C 64 -3.24 -70.53 -9.45
CA LEU C 64 -4.58 -70.44 -8.87
C LEU C 64 -5.66 -70.63 -9.93
N LEU C 65 -5.44 -70.12 -11.15
CA LEU C 65 -6.43 -70.29 -12.21
C LEU C 65 -6.43 -71.72 -12.75
N LEU C 66 -5.30 -72.42 -12.64
CA LEU C 66 -5.29 -73.83 -12.97
C LEU C 66 -6.07 -74.64 -11.94
N ASN C 67 -6.00 -74.23 -10.68
CA ASN C 67 -6.75 -74.90 -9.61
C ASN C 67 -8.15 -74.29 -9.75
N ASP C 71 -12.66 -70.60 -6.75
CA ASP C 71 -13.58 -69.49 -6.91
C ASP C 71 -12.91 -68.34 -7.66
N PHE C 72 -13.51 -67.95 -8.79
CA PHE C 72 -12.99 -66.84 -9.59
C PHE C 72 -13.84 -65.60 -9.51
N GLN C 73 -15.10 -65.71 -9.08
CA GLN C 73 -16.00 -64.56 -8.93
C GLN C 73 -16.07 -64.07 -7.49
N GLN C 74 -15.00 -64.25 -6.71
CA GLN C 74 -14.98 -63.73 -5.35
C GLN C 74 -14.89 -62.21 -5.36
N ARG C 75 -15.55 -61.60 -4.37
CA ARG C 75 -15.65 -60.16 -4.28
C ARG C 75 -15.04 -59.66 -2.99
N GLY C 76 -14.53 -58.43 -3.03
CA GLY C 76 -13.94 -57.80 -1.86
C GLY C 76 -14.97 -57.03 -1.05
N ALA C 77 -14.47 -56.13 -0.21
CA ALA C 77 -15.34 -55.30 0.63
C ALA C 77 -16.13 -54.29 -0.19
N VAL C 78 -15.50 -53.69 -1.21
CA VAL C 78 -16.19 -52.81 -2.14
C VAL C 78 -17.21 -53.56 -2.98
N GLY C 79 -16.99 -54.84 -3.23
CA GLY C 79 -17.85 -55.61 -4.11
C GLY C 79 -17.22 -55.84 -5.47
N GLU C 80 -15.92 -55.67 -5.58
CA GLU C 80 -15.20 -55.69 -6.84
C GLU C 80 -14.56 -57.06 -7.06
N THR C 81 -14.33 -57.39 -8.34
CA THR C 81 -13.68 -58.62 -8.69
C THR C 81 -12.16 -58.43 -8.76
N ALA C 82 -11.44 -59.50 -9.10
CA ALA C 82 -9.99 -59.38 -9.26
C ALA C 82 -9.63 -58.66 -10.55
N LEU C 83 -10.52 -58.70 -11.55
CA LEU C 83 -10.34 -57.91 -12.76
C LEU C 83 -10.41 -56.42 -12.45
N HIS C 84 -11.25 -56.03 -11.49
CA HIS C 84 -11.30 -54.65 -11.02
C HIS C 84 -9.97 -54.25 -10.39
N VAL C 85 -9.36 -55.17 -9.63
CA VAL C 85 -8.07 -54.89 -9.00
C VAL C 85 -6.98 -54.77 -10.05
N ALA C 86 -7.02 -55.62 -11.08
CA ALA C 86 -6.04 -55.55 -12.15
C ALA C 86 -6.18 -54.27 -12.97
N ALA C 87 -7.42 -53.81 -13.17
CA ALA C 87 -7.62 -52.53 -13.84
C ALA C 87 -7.25 -51.36 -12.94
N LEU C 88 -7.36 -51.54 -11.62
CA LEU C 88 -7.04 -50.47 -10.68
C LEU C 88 -5.53 -50.27 -10.57
N TYR C 89 -4.77 -51.36 -10.57
CA TYR C 89 -3.32 -51.27 -10.41
C TYR C 89 -2.57 -51.38 -11.72
N ASP C 90 -3.26 -51.22 -12.85
CA ASP C 90 -2.68 -51.13 -14.20
C ASP C 90 -1.86 -52.37 -14.56
N ASN C 91 -2.47 -53.53 -14.32
CA ASN C 91 -1.84 -54.82 -14.58
C ASN C 91 -2.48 -55.40 -15.84
N LEU C 92 -1.83 -55.20 -16.98
CA LEU C 92 -2.38 -55.66 -18.25
C LEU C 92 -2.31 -57.17 -18.38
N GLU C 93 -1.16 -57.76 -18.03
CA GLU C 93 -0.97 -59.20 -18.18
C GLU C 93 -1.89 -59.99 -17.25
N ALA C 94 -2.02 -59.53 -16.00
CA ALA C 94 -2.94 -60.18 -15.06
C ALA C 94 -4.37 -60.09 -15.54
N ALA C 95 -4.78 -58.92 -16.04
CA ALA C 95 -6.14 -58.75 -16.54
C ALA C 95 -6.42 -59.66 -17.72
N THR C 96 -5.46 -59.78 -18.65
CA THR C 96 -5.64 -60.69 -19.77
C THR C 96 -5.69 -62.15 -19.30
N LEU C 97 -4.95 -62.47 -18.23
CA LEU C 97 -5.01 -63.82 -17.66
C LEU C 97 -6.39 -64.17 -17.12
N LEU C 98 -6.98 -63.29 -16.30
CA LEU C 98 -8.30 -63.69 -15.80
C LEU C 98 -9.46 -63.39 -16.75
N MET C 99 -9.25 -62.62 -17.83
CA MET C 99 -10.26 -62.64 -18.89
C MET C 99 -10.11 -63.85 -19.80
N GLU C 100 -8.91 -64.43 -19.89
CA GLU C 100 -8.78 -65.72 -20.57
C GLU C 100 -9.41 -66.83 -19.75
N ALA C 101 -9.19 -66.83 -18.43
CA ALA C 101 -9.77 -67.88 -17.59
C ALA C 101 -11.27 -67.65 -17.36
N ALA C 102 -11.67 -66.40 -17.11
CA ALA C 102 -13.06 -66.08 -16.82
C ALA C 102 -13.52 -64.97 -17.74
N PRO C 103 -14.12 -65.30 -18.89
CA PRO C 103 -14.57 -64.25 -19.81
C PRO C 103 -15.77 -63.47 -19.30
N GLU C 104 -16.58 -64.07 -18.42
CA GLU C 104 -17.75 -63.39 -17.86
C GLU C 104 -17.40 -62.36 -16.80
N LEU C 105 -16.14 -62.32 -16.34
CA LEU C 105 -15.71 -61.37 -15.32
C LEU C 105 -15.64 -59.94 -15.82
N ALA C 106 -15.70 -59.72 -17.14
CA ALA C 106 -15.62 -58.38 -17.72
C ALA C 106 -16.99 -57.74 -17.89
N LYS C 107 -18.00 -58.23 -17.16
CA LYS C 107 -19.35 -57.69 -17.30
C LYS C 107 -19.95 -57.38 -15.93
N GLU C 108 -19.38 -57.96 -14.88
CA GLU C 108 -19.92 -57.76 -13.55
C GLU C 108 -19.43 -56.44 -12.96
N PRO C 109 -20.34 -55.60 -12.45
CA PRO C 109 -19.92 -54.38 -11.77
C PRO C 109 -19.75 -54.59 -10.27
N ALA C 110 -19.26 -53.57 -9.57
CA ALA C 110 -19.20 -53.65 -8.11
C ALA C 110 -20.59 -53.48 -7.53
N LEU C 111 -20.79 -54.07 -6.34
CA LEU C 111 -22.13 -54.23 -5.80
C LEU C 111 -22.46 -53.31 -4.61
N CYS C 112 -21.55 -53.14 -3.67
CA CYS C 112 -21.86 -52.39 -2.46
C CYS C 112 -21.88 -50.89 -2.76
N GLU C 113 -22.42 -50.11 -1.81
CA GLU C 113 -22.85 -48.72 -1.95
C GLU C 113 -21.84 -47.69 -2.46
N PRO C 114 -20.59 -47.61 -1.97
CA PRO C 114 -19.73 -46.48 -2.42
C PRO C 114 -19.24 -46.62 -3.86
N PHE C 115 -19.34 -47.80 -4.47
CA PHE C 115 -18.85 -47.97 -5.84
C PHE C 115 -19.80 -48.82 -6.68
N VAL C 116 -21.10 -48.78 -6.39
CA VAL C 116 -22.05 -49.63 -7.09
C VAL C 116 -22.21 -49.16 -8.53
N GLY C 117 -22.04 -50.09 -9.48
CA GLY C 117 -22.12 -49.81 -10.89
C GLY C 117 -20.76 -49.71 -11.57
N GLN C 118 -19.69 -49.63 -10.80
CA GLN C 118 -18.36 -49.51 -11.36
C GLN C 118 -17.90 -50.83 -11.97
N THR C 119 -17.65 -50.83 -13.26
CA THR C 119 -17.10 -51.97 -13.97
C THR C 119 -15.59 -51.81 -14.13
N ALA C 120 -14.95 -52.86 -14.63
CA ALA C 120 -13.53 -52.78 -14.94
C ALA C 120 -13.24 -51.84 -16.09
N LEU C 121 -14.22 -51.61 -16.97
CA LEU C 121 -14.05 -50.64 -18.05
C LEU C 121 -13.90 -49.23 -17.51
N HIS C 122 -14.63 -48.91 -16.44
CA HIS C 122 -14.52 -47.59 -15.82
C HIS C 122 -13.12 -47.34 -15.27
N ILE C 123 -12.55 -48.34 -14.58
CA ILE C 123 -11.24 -48.16 -13.98
C ILE C 123 -10.15 -48.22 -15.05
N ALA C 124 -10.36 -48.97 -16.12
CA ALA C 124 -9.41 -48.98 -17.22
C ALA C 124 -9.42 -47.67 -17.99
N VAL C 125 -10.60 -47.07 -18.14
CA VAL C 125 -10.73 -45.78 -18.82
C VAL C 125 -10.13 -44.68 -17.96
N MET C 126 -10.33 -44.76 -16.64
CA MET C 126 -9.77 -43.77 -15.72
C MET C 126 -8.25 -43.77 -15.74
N ASN C 127 -7.64 -44.96 -15.87
CA ASN C 127 -6.20 -45.09 -15.89
C ASN C 127 -5.60 -44.88 -17.28
N GLN C 128 -6.44 -44.62 -18.28
CA GLN C 128 -6.04 -44.35 -19.67
C GLN C 128 -5.24 -45.51 -20.27
N ASN C 129 -5.65 -46.73 -19.95
CA ASN C 129 -5.00 -47.93 -20.49
C ASN C 129 -5.75 -48.33 -21.76
N LEU C 130 -5.12 -48.06 -22.92
CA LEU C 130 -5.79 -48.27 -24.20
C LEU C 130 -5.98 -49.76 -24.50
N ASN C 131 -4.91 -50.55 -24.32
CA ASN C 131 -4.97 -51.97 -24.63
C ASN C 131 -5.88 -52.72 -23.66
N LEU C 132 -5.96 -52.27 -22.41
CA LEU C 132 -6.88 -52.89 -21.46
C LEU C 132 -8.33 -52.60 -21.82
N VAL C 133 -8.61 -51.38 -22.30
CA VAL C 133 -9.95 -51.05 -22.77
C VAL C 133 -10.31 -51.87 -24.01
N ARG C 134 -9.35 -52.05 -24.91
CA ARG C 134 -9.57 -52.88 -26.09
C ARG C 134 -9.84 -54.34 -25.71
N ALA C 135 -9.09 -54.86 -24.74
CA ALA C 135 -9.28 -56.24 -24.32
C ALA C 135 -10.60 -56.43 -23.57
N LEU C 136 -11.01 -55.42 -22.80
CA LEU C 136 -12.30 -55.49 -22.13
C LEU C 136 -13.45 -55.43 -23.13
N LEU C 137 -13.33 -54.56 -24.14
CA LEU C 137 -14.38 -54.46 -25.16
C LEU C 137 -14.42 -55.69 -26.04
N ALA C 138 -13.28 -56.38 -26.20
CA ALA C 138 -13.30 -57.65 -26.92
C ALA C 138 -13.99 -58.75 -26.12
N ARG C 139 -13.93 -58.68 -24.79
CA ARG C 139 -14.55 -59.69 -23.94
C ARG C 139 -16.03 -59.44 -23.71
N GLY C 140 -16.54 -58.26 -24.04
CA GLY C 140 -17.95 -57.99 -23.89
C GLY C 140 -18.30 -57.02 -22.77
N ALA C 141 -17.42 -56.06 -22.51
CA ALA C 141 -17.70 -55.03 -21.51
C ALA C 141 -18.79 -54.10 -22.02
N SER C 142 -19.71 -53.74 -21.13
CA SER C 142 -20.82 -52.89 -21.50
C SER C 142 -20.35 -51.45 -21.69
N VAL C 143 -20.71 -50.87 -22.84
CA VAL C 143 -20.35 -49.48 -23.12
C VAL C 143 -21.29 -48.48 -22.47
N SER C 144 -22.41 -48.94 -21.91
CA SER C 144 -23.39 -48.08 -21.27
C SER C 144 -23.59 -48.45 -19.81
N ALA C 145 -22.53 -48.91 -19.15
CA ALA C 145 -22.61 -49.22 -17.73
C ALA C 145 -22.65 -47.93 -16.92
N ARG C 146 -23.57 -47.89 -15.94
CA ARG C 146 -23.82 -46.71 -15.14
C ARG C 146 -23.24 -46.92 -13.74
N ALA C 147 -22.24 -46.12 -13.39
CA ALA C 147 -21.61 -46.20 -12.07
C ALA C 147 -22.35 -45.25 -11.13
N THR C 148 -23.41 -45.78 -10.52
CA THR C 148 -24.29 -45.00 -9.67
C THR C 148 -23.85 -44.98 -8.21
N GLY C 149 -22.56 -45.16 -7.95
CA GLY C 149 -22.07 -45.16 -6.59
C GLY C 149 -21.98 -43.75 -6.00
N ALA C 150 -21.68 -43.70 -4.71
CA ALA C 150 -21.55 -42.44 -4.00
C ALA C 150 -20.21 -41.76 -4.25
N ALA C 151 -19.26 -42.45 -4.88
CA ALA C 151 -17.96 -41.87 -5.19
C ALA C 151 -17.92 -41.27 -6.59
N PHE C 152 -19.03 -41.28 -7.31
CA PHE C 152 -19.09 -40.70 -8.65
C PHE C 152 -20.09 -39.57 -8.78
N ARG C 153 -20.88 -39.29 -7.75
CA ARG C 153 -21.82 -38.18 -7.79
C ARG C 153 -21.10 -36.85 -7.64
N ARG C 154 -21.73 -35.79 -8.14
CA ARG C 154 -21.19 -34.45 -7.99
C ARG C 154 -21.46 -33.98 -6.56
N SER C 155 -20.49 -34.18 -5.68
CA SER C 155 -20.60 -33.83 -4.27
C SER C 155 -19.30 -33.18 -3.84
N PRO C 156 -19.33 -32.37 -2.77
CA PRO C 156 -18.09 -31.91 -2.16
C PRO C 156 -17.27 -33.02 -1.51
N HIS C 157 -17.89 -34.17 -1.23
CA HIS C 157 -17.14 -35.32 -0.75
C HIS C 157 -16.16 -35.84 -1.79
N ASN C 158 -16.60 -35.90 -3.05
CA ASN C 158 -15.77 -36.41 -4.13
C ASN C 158 -14.89 -35.31 -4.69
N LEU C 159 -13.62 -35.65 -4.94
CA LEU C 159 -12.70 -34.67 -5.49
C LEU C 159 -12.95 -34.44 -6.98
N ILE C 160 -13.51 -35.42 -7.68
CA ILE C 160 -13.77 -35.32 -9.11
C ILE C 160 -15.24 -35.66 -9.37
N TYR C 161 -15.73 -35.16 -10.49
CA TYR C 161 -17.06 -35.52 -10.99
C TYR C 161 -16.89 -35.81 -12.49
N TYR C 162 -16.74 -37.10 -12.82
CA TYR C 162 -16.52 -37.52 -14.19
C TYR C 162 -17.77 -38.13 -14.82
N GLY C 163 -18.88 -38.19 -14.10
CA GLY C 163 -20.11 -38.74 -14.63
C GLY C 163 -20.41 -40.14 -14.12
N GLU C 164 -21.13 -40.92 -14.91
CA GLU C 164 -21.46 -42.29 -14.56
C GLU C 164 -21.19 -43.30 -15.66
N HIS C 165 -21.08 -42.86 -16.91
CA HIS C 165 -20.86 -43.68 -18.10
C HIS C 165 -19.38 -43.69 -18.48
N PRO C 166 -18.91 -44.76 -19.12
CA PRO C 166 -17.50 -44.80 -19.56
C PRO C 166 -17.16 -43.74 -20.60
N LEU C 167 -18.13 -43.30 -21.40
CA LEU C 167 -17.86 -42.25 -22.38
C LEU C 167 -17.58 -40.91 -21.70
N SER C 168 -18.35 -40.59 -20.65
CA SER C 168 -18.09 -39.37 -19.88
C SER C 168 -16.76 -39.45 -19.16
N PHE C 169 -16.43 -40.64 -18.63
CA PHE C 169 -15.13 -40.84 -17.99
C PHE C 169 -13.98 -40.64 -18.96
N ALA C 170 -14.12 -41.18 -20.18
CA ALA C 170 -13.07 -41.04 -21.18
C ALA C 170 -12.97 -39.62 -21.71
N ALA C 171 -14.10 -38.90 -21.77
CA ALA C 171 -14.06 -37.50 -22.15
C ALA C 171 -13.42 -36.64 -21.07
N CYS C 172 -13.54 -37.04 -19.81
CA CYS C 172 -13.02 -36.21 -18.73
C CYS C 172 -11.58 -36.53 -18.37
N VAL C 173 -11.09 -37.75 -18.62
CA VAL C 173 -9.71 -38.04 -18.29
C VAL C 173 -8.75 -37.36 -19.26
N GLY C 174 -9.21 -37.03 -20.46
CA GLY C 174 -8.40 -36.33 -21.42
C GLY C 174 -7.86 -37.15 -22.58
N SER C 175 -8.53 -38.25 -22.95
CA SER C 175 -8.05 -39.15 -23.99
C SER C 175 -9.01 -39.08 -25.18
N GLU C 176 -8.47 -38.80 -26.36
CA GLU C 176 -9.29 -38.82 -27.57
C GLU C 176 -9.58 -40.25 -28.00
N GLU C 177 -8.57 -41.11 -27.99
CA GLU C 177 -8.62 -42.40 -28.67
C GLU C 177 -9.64 -43.35 -28.03
N ILE C 178 -9.70 -43.36 -26.69
CA ILE C 178 -10.69 -44.19 -26.02
C ILE C 178 -12.10 -43.65 -26.25
N VAL C 179 -12.25 -42.34 -26.47
CA VAL C 179 -13.55 -41.79 -26.82
C VAL C 179 -14.00 -42.27 -28.20
N ARG C 180 -13.12 -42.22 -29.20
CA ARG C 180 -13.49 -42.74 -30.52
C ARG C 180 -13.74 -44.25 -30.48
N LEU C 181 -12.96 -44.97 -29.68
CA LEU C 181 -13.14 -46.41 -29.55
C LEU C 181 -14.47 -46.76 -28.92
N LEU C 182 -14.84 -46.04 -27.84
CA LEU C 182 -16.11 -46.29 -27.17
C LEU C 182 -17.29 -45.90 -28.04
N ILE C 183 -17.17 -44.83 -28.82
CA ILE C 183 -18.24 -44.41 -29.71
C ILE C 183 -18.42 -45.41 -30.84
N GLU C 184 -17.30 -45.91 -31.39
CA GLU C 184 -17.39 -46.91 -32.46
C GLU C 184 -17.85 -48.26 -31.93
N HIS C 185 -17.71 -48.49 -30.62
CA HIS C 185 -18.26 -49.70 -30.02
C HIS C 185 -19.71 -49.55 -29.58
N GLY C 186 -20.28 -48.35 -29.64
CA GLY C 186 -21.70 -48.20 -29.41
C GLY C 186 -22.09 -47.49 -28.12
N ALA C 187 -21.24 -46.60 -27.63
CA ALA C 187 -21.58 -45.82 -26.44
C ALA C 187 -22.55 -44.71 -26.83
N ASP C 188 -23.56 -44.49 -25.99
CA ASP C 188 -24.55 -43.46 -26.24
C ASP C 188 -23.95 -42.09 -25.95
N ILE C 189 -23.91 -41.22 -26.95
CA ILE C 189 -23.38 -39.87 -26.76
C ILE C 189 -24.35 -39.05 -25.92
N ARG C 190 -25.65 -39.31 -26.03
CA ARG C 190 -26.68 -38.58 -25.30
C ARG C 190 -27.03 -39.25 -23.98
N ALA C 191 -26.09 -39.98 -23.37
CA ALA C 191 -26.36 -40.65 -22.11
C ALA C 191 -26.39 -39.65 -20.96
N GLN C 192 -27.40 -39.77 -20.11
CA GLN C 192 -27.58 -38.89 -18.95
C GLN C 192 -27.44 -39.68 -17.66
N ASP C 193 -26.79 -39.08 -16.67
CA ASP C 193 -26.56 -39.72 -15.40
C ASP C 193 -27.74 -39.45 -14.46
N SER C 194 -27.55 -39.72 -13.17
CA SER C 194 -28.62 -39.49 -12.19
C SER C 194 -28.89 -38.00 -11.99
N LEU C 195 -27.89 -37.16 -12.22
CA LEU C 195 -28.11 -35.71 -12.14
C LEU C 195 -28.71 -35.14 -13.41
N GLY C 196 -28.92 -35.95 -14.44
CA GLY C 196 -29.44 -35.48 -15.70
C GLY C 196 -28.43 -34.84 -16.62
N ASN C 197 -27.15 -34.84 -16.24
CA ASN C 197 -26.12 -34.23 -17.06
C ASN C 197 -25.74 -35.14 -18.23
N THR C 198 -25.65 -34.56 -19.41
CA THR C 198 -25.06 -35.24 -20.55
C THR C 198 -23.54 -35.17 -20.46
N VAL C 199 -22.87 -35.74 -21.45
CA VAL C 199 -21.40 -35.71 -21.46
C VAL C 199 -20.89 -34.30 -21.70
N LEU C 200 -21.68 -33.46 -22.39
CA LEU C 200 -21.31 -32.06 -22.60
C LEU C 200 -21.32 -31.28 -21.29
N HIS C 201 -22.34 -31.53 -20.44
CA HIS C 201 -22.42 -30.88 -19.15
C HIS C 201 -21.23 -31.23 -18.26
N ILE C 202 -20.89 -32.52 -18.19
CA ILE C 202 -19.78 -32.98 -17.37
C ILE C 202 -18.46 -32.48 -17.92
N LEU C 203 -18.33 -32.37 -19.25
CA LEU C 203 -17.14 -31.78 -19.84
C LEU C 203 -17.00 -30.30 -19.46
N ILE C 204 -18.12 -29.58 -19.43
CA ILE C 204 -18.08 -28.17 -19.02
C ILE C 204 -17.72 -28.05 -17.54
N LEU C 205 -18.16 -29.00 -16.71
CA LEU C 205 -17.87 -28.95 -15.27
C LEU C 205 -16.44 -29.35 -14.92
N GLN C 206 -15.53 -29.49 -15.89
CA GLN C 206 -14.14 -29.86 -15.61
C GLN C 206 -13.28 -28.63 -15.35
N PRO C 207 -12.23 -28.76 -14.54
CA PRO C 207 -11.34 -27.62 -14.31
C PRO C 207 -10.19 -27.50 -15.30
N ASN C 208 -10.11 -28.34 -16.32
CA ASN C 208 -9.08 -28.20 -17.34
C ASN C 208 -9.31 -26.96 -18.18
N LYS C 209 -10.55 -26.78 -18.66
CA LYS C 209 -11.09 -25.56 -19.26
C LYS C 209 -10.49 -25.19 -20.61
N THR C 210 -9.49 -25.94 -21.09
CA THR C 210 -8.87 -25.70 -22.38
C THR C 210 -8.97 -26.87 -23.34
N PHE C 211 -8.61 -28.07 -22.89
CA PHE C 211 -8.72 -29.27 -23.71
C PHE C 211 -10.16 -29.77 -23.75
N ALA C 212 -10.98 -29.34 -22.79
CA ALA C 212 -12.40 -29.68 -22.78
C ALA C 212 -13.12 -29.12 -24.01
N CYS C 213 -12.64 -28.00 -24.54
CA CYS C 213 -13.16 -27.50 -25.82
C CYS C 213 -12.84 -28.44 -26.98
N GLN C 214 -11.64 -29.03 -27.00
CA GLN C 214 -11.29 -29.99 -28.03
C GLN C 214 -12.15 -31.25 -27.93
N MET C 215 -12.34 -31.76 -26.71
CA MET C 215 -13.25 -32.89 -26.52
C MET C 215 -14.71 -32.54 -26.81
N TYR C 216 -15.12 -31.30 -26.57
CA TYR C 216 -16.46 -30.86 -26.93
C TYR C 216 -16.66 -30.85 -28.44
N ASN C 217 -15.66 -30.37 -29.18
CA ASN C 217 -15.71 -30.42 -30.64
C ASN C 217 -15.73 -31.85 -31.15
N LEU C 218 -14.93 -32.72 -30.53
CA LEU C 218 -14.90 -34.14 -30.92
C LEU C 218 -16.23 -34.81 -30.69
N LEU C 219 -16.87 -34.55 -29.54
CA LEU C 219 -18.15 -35.18 -29.24
C LEU C 219 -19.31 -34.53 -30.01
N LEU C 220 -19.17 -33.26 -30.41
CA LEU C 220 -20.18 -32.66 -31.27
C LEU C 220 -20.03 -33.13 -32.70
N SER C 221 -18.84 -33.60 -33.09
CA SER C 221 -18.66 -34.15 -34.43
C SER C 221 -19.47 -35.42 -34.64
N TYR C 222 -19.69 -36.19 -33.57
CA TYR C 222 -20.50 -37.40 -33.66
C TYR C 222 -21.98 -37.14 -33.42
N ASP C 223 -22.36 -35.93 -33.03
CA ASP C 223 -23.79 -35.62 -32.88
C ASP C 223 -24.46 -35.47 -34.24
N GLU C 224 -23.73 -34.97 -35.22
CA GLU C 224 -24.28 -34.74 -36.56
C GLU C 224 -24.16 -36.00 -37.41
N GLN C 230 -33.43 -33.74 -31.89
CA GLN C 230 -32.86 -32.47 -31.47
C GLN C 230 -31.35 -32.61 -31.24
N SER C 231 -30.67 -31.47 -31.16
CA SER C 231 -29.24 -31.45 -30.94
C SER C 231 -28.90 -31.82 -29.51
N LEU C 232 -27.67 -32.29 -29.31
CA LEU C 232 -27.20 -32.62 -27.97
C LEU C 232 -26.95 -31.36 -27.14
N GLU C 233 -26.70 -30.23 -27.80
CA GLU C 233 -26.47 -28.97 -27.11
C GLU C 233 -27.74 -28.38 -26.51
N LEU C 234 -28.91 -28.91 -26.86
CA LEU C 234 -30.18 -28.41 -26.34
C LEU C 234 -30.87 -29.38 -25.40
N VAL C 235 -30.15 -30.40 -24.91
CA VAL C 235 -30.70 -31.36 -23.96
C VAL C 235 -30.60 -30.75 -22.57
N PRO C 236 -31.72 -30.53 -21.88
CA PRO C 236 -31.66 -29.82 -20.60
C PRO C 236 -31.13 -30.70 -19.48
N ASN C 237 -30.66 -30.03 -18.43
CA ASN C 237 -30.26 -30.65 -17.18
C ASN C 237 -31.51 -30.91 -16.34
N HIS C 238 -31.35 -31.67 -15.25
CA HIS C 238 -32.44 -31.83 -14.29
C HIS C 238 -32.76 -30.53 -13.55
N GLN C 239 -31.81 -29.58 -13.52
CA GLN C 239 -32.09 -28.22 -13.11
C GLN C 239 -32.66 -27.37 -14.23
N GLY C 240 -32.83 -27.93 -15.43
CA GLY C 240 -33.34 -27.21 -16.56
C GLY C 240 -32.33 -26.44 -17.36
N LEU C 241 -31.05 -26.80 -17.27
CA LEU C 241 -29.97 -26.03 -17.88
C LEU C 241 -29.48 -26.73 -19.15
N THR C 242 -29.32 -25.95 -20.21
CA THR C 242 -28.56 -26.36 -21.37
C THR C 242 -27.08 -26.31 -21.03
N PRO C 243 -26.21 -26.93 -21.84
CA PRO C 243 -24.76 -26.72 -21.66
C PRO C 243 -24.34 -25.27 -21.78
N PHE C 244 -25.04 -24.48 -22.60
CA PHE C 244 -24.80 -23.04 -22.66
C PHE C 244 -25.13 -22.38 -21.31
N LYS C 245 -26.28 -22.73 -20.74
CA LYS C 245 -26.66 -22.18 -19.44
C LYS C 245 -25.78 -22.70 -18.33
N LEU C 246 -25.29 -23.94 -18.43
CA LEU C 246 -24.37 -24.46 -17.42
C LEU C 246 -23.02 -23.75 -17.49
N ALA C 247 -22.54 -23.46 -18.71
CA ALA C 247 -21.31 -22.69 -18.86
C ALA C 247 -21.48 -21.27 -18.36
N GLY C 248 -22.68 -20.72 -18.50
CA GLY C 248 -22.95 -19.41 -17.90
C GLY C 248 -23.00 -19.43 -16.39
N VAL C 249 -23.59 -20.48 -15.81
CA VAL C 249 -23.78 -20.53 -14.37
C VAL C 249 -22.46 -20.80 -13.65
N GLU C 250 -21.70 -21.79 -14.12
CA GLU C 250 -20.45 -22.16 -13.47
C GLU C 250 -19.31 -21.17 -13.73
N GLY C 251 -19.51 -20.20 -14.63
CA GLY C 251 -18.48 -19.23 -14.90
C GLY C 251 -17.33 -19.73 -15.75
N ASN C 252 -17.62 -20.63 -16.69
CA ASN C 252 -16.59 -21.19 -17.57
C ASN C 252 -16.42 -20.23 -18.75
N THR C 253 -15.49 -19.28 -18.60
CA THR C 253 -15.36 -18.20 -19.57
C THR C 253 -14.72 -18.69 -20.87
N VAL C 254 -13.72 -19.56 -20.77
CA VAL C 254 -13.09 -20.12 -21.96
C VAL C 254 -14.07 -21.00 -22.72
N MET C 255 -14.87 -21.77 -21.99
CA MET C 255 -15.88 -22.59 -22.62
C MET C 255 -17.00 -21.75 -23.24
N PHE C 256 -17.35 -20.64 -22.59
CA PHE C 256 -18.32 -19.72 -23.17
C PHE C 256 -17.81 -19.10 -24.45
N GLN C 257 -16.53 -18.73 -24.48
CA GLN C 257 -15.92 -18.17 -25.69
C GLN C 257 -15.87 -19.20 -26.79
N HIS C 258 -15.59 -20.46 -26.45
CA HIS C 258 -15.59 -21.53 -27.45
C HIS C 258 -16.99 -21.80 -27.97
N LEU C 259 -17.99 -21.71 -27.10
CA LEU C 259 -19.38 -21.91 -27.53
C LEU C 259 -19.87 -20.76 -28.39
N MET C 260 -19.35 -19.56 -28.18
CA MET C 260 -19.78 -18.41 -28.98
C MET C 260 -19.13 -18.37 -30.36
N GLN C 261 -18.17 -19.24 -30.65
CA GLN C 261 -17.62 -19.29 -32.00
C GLN C 261 -18.63 -19.87 -32.99
N LYS C 262 -19.43 -20.83 -32.54
CA LYS C 262 -20.42 -21.46 -33.43
C LYS C 262 -21.66 -20.60 -33.60
N ARG C 263 -21.82 -19.54 -32.79
CA ARG C 263 -22.99 -18.69 -32.84
C ARG C 263 -22.67 -17.29 -33.34
N LYS C 264 -21.50 -17.10 -33.94
CA LYS C 264 -21.11 -15.82 -34.52
C LYS C 264 -21.02 -15.95 -36.03
N HIS C 265 -20.99 -14.81 -36.71
CA HIS C 265 -20.87 -14.79 -38.17
C HIS C 265 -20.22 -13.48 -38.56
N VAL C 266 -19.01 -13.56 -39.12
CA VAL C 266 -18.28 -12.38 -39.57
C VAL C 266 -18.91 -11.89 -40.86
N GLN C 267 -19.52 -10.70 -40.82
CA GLN C 267 -20.16 -10.15 -42.01
C GLN C 267 -19.12 -9.72 -43.04
N TRP C 268 -18.10 -8.97 -42.61
CA TRP C 268 -17.05 -8.53 -43.50
C TRP C 268 -15.82 -8.19 -42.67
N THR C 269 -14.69 -8.05 -43.36
CA THR C 269 -13.44 -7.60 -42.74
C THR C 269 -12.77 -6.64 -43.71
N CYS C 270 -12.64 -5.39 -43.31
CA CYS C 270 -12.05 -4.34 -44.15
C CYS C 270 -10.90 -3.71 -43.39
N GLY C 271 -9.68 -4.16 -43.68
CA GLY C 271 -8.50 -3.69 -42.99
C GLY C 271 -8.49 -4.11 -41.54
N PRO C 272 -8.31 -3.13 -40.64
CA PRO C 272 -8.35 -3.45 -39.20
C PRO C 272 -9.76 -3.59 -38.64
N LEU C 273 -10.79 -3.26 -39.40
CA LEU C 273 -12.16 -3.30 -38.93
C LEU C 273 -12.84 -4.58 -39.41
N THR C 274 -13.52 -5.27 -38.50
CA THR C 274 -14.31 -6.45 -38.82
C THR C 274 -15.66 -6.35 -38.12
N SER C 275 -16.71 -6.80 -38.79
CA SER C 275 -18.05 -6.77 -38.25
C SER C 275 -18.52 -8.19 -37.99
N THR C 276 -18.92 -8.47 -36.75
CA THR C 276 -19.32 -9.79 -36.32
C THR C 276 -20.78 -9.77 -35.89
N LEU C 277 -21.49 -10.86 -36.17
CA LEU C 277 -22.93 -10.96 -35.93
C LEU C 277 -23.18 -12.10 -34.95
N TYR C 278 -23.23 -11.78 -33.65
CA TYR C 278 -23.43 -12.78 -32.62
C TYR C 278 -24.90 -13.10 -32.46
N ASP C 279 -25.21 -14.38 -32.27
CA ASP C 279 -26.59 -14.82 -32.09
C ASP C 279 -27.00 -14.65 -30.64
N LEU C 280 -28.19 -14.09 -30.43
CA LEU C 280 -28.70 -13.81 -29.08
C LEU C 280 -29.84 -14.74 -28.69
N THR C 281 -29.94 -15.91 -29.32
CA THR C 281 -31.02 -16.85 -28.99
C THR C 281 -30.81 -17.45 -27.61
N GLU C 282 -29.61 -17.94 -27.33
CA GLU C 282 -29.33 -18.58 -26.04
C GLU C 282 -29.01 -17.56 -24.95
N ILE C 283 -28.68 -16.32 -25.33
CA ILE C 283 -28.19 -15.34 -24.37
C ILE C 283 -29.30 -14.44 -23.87
N ASP C 284 -30.09 -13.87 -24.78
CA ASP C 284 -31.19 -13.00 -24.36
C ASP C 284 -32.31 -13.82 -23.71
N SER C 285 -32.61 -15.00 -24.30
CA SER C 285 -33.61 -15.95 -23.83
C SER C 285 -34.99 -15.30 -23.69
N TRP C 286 -35.52 -14.78 -24.78
CA TRP C 286 -36.78 -14.06 -24.77
C TRP C 286 -37.94 -15.04 -24.62
N GLY C 287 -38.83 -14.73 -23.68
CA GLY C 287 -39.98 -15.58 -23.39
C GLY C 287 -39.75 -16.62 -22.32
N GLU C 288 -38.50 -16.93 -21.99
CA GLU C 288 -38.21 -17.90 -20.96
C GLU C 288 -38.39 -17.27 -19.58
N GLU C 289 -38.92 -18.07 -18.64
CA GLU C 289 -39.07 -17.60 -17.27
C GLU C 289 -37.72 -17.44 -16.59
N LEU C 290 -36.82 -18.40 -16.82
CA LEU C 290 -35.46 -18.34 -16.31
C LEU C 290 -34.50 -18.14 -17.47
N SER C 291 -34.00 -16.92 -17.62
CA SER C 291 -33.15 -16.55 -18.76
C SER C 291 -31.70 -16.87 -18.44
N PHE C 292 -30.84 -16.66 -19.45
CA PHE C 292 -29.41 -16.89 -19.28
C PHE C 292 -28.80 -15.90 -18.29
N LEU C 293 -29.06 -14.62 -18.49
CA LEU C 293 -28.49 -13.57 -17.66
C LEU C 293 -29.01 -13.61 -16.22
N GLU C 294 -30.27 -13.99 -16.02
CA GLU C 294 -30.81 -14.15 -14.68
C GLU C 294 -30.12 -15.28 -13.93
N LEU C 295 -29.84 -16.39 -14.61
CA LEU C 295 -29.09 -17.48 -14.00
C LEU C 295 -27.63 -17.10 -13.75
N VAL C 296 -27.04 -16.28 -14.62
CA VAL C 296 -25.66 -15.87 -14.42
C VAL C 296 -25.51 -14.90 -13.24
N VAL C 297 -26.36 -13.87 -13.14
CA VAL C 297 -26.20 -12.89 -12.08
C VAL C 297 -26.67 -13.42 -10.72
N SER C 298 -27.47 -14.48 -10.70
CA SER C 298 -27.94 -15.08 -9.44
C SER C 298 -27.24 -16.40 -9.15
N SER C 299 -26.02 -16.58 -9.65
CA SER C 299 -25.26 -17.79 -9.40
C SER C 299 -24.36 -17.61 -8.18
N LYS C 300 -24.18 -18.68 -7.42
CA LYS C 300 -23.39 -18.62 -6.20
C LYS C 300 -21.89 -18.68 -6.46
N LYS C 301 -21.46 -18.93 -7.69
CA LYS C 301 -20.04 -18.98 -8.02
C LYS C 301 -19.49 -17.57 -8.26
N ARG C 302 -18.25 -17.36 -7.81
CA ARG C 302 -17.59 -16.09 -8.03
C ARG C 302 -17.13 -15.90 -9.47
N GLU C 303 -16.97 -16.99 -10.23
CA GLU C 303 -16.52 -16.90 -11.61
C GLU C 303 -17.65 -16.61 -12.58
N ALA C 304 -18.91 -16.65 -12.12
CA ALA C 304 -20.04 -16.41 -13.01
C ALA C 304 -20.13 -14.94 -13.42
N ARG C 305 -19.59 -14.03 -12.61
CA ARG C 305 -19.62 -12.61 -12.94
C ARG C 305 -18.66 -12.25 -14.06
N GLN C 306 -17.73 -13.14 -14.41
CA GLN C 306 -16.84 -12.90 -15.55
C GLN C 306 -17.48 -13.26 -16.88
N ILE C 307 -18.61 -13.95 -16.87
CA ILE C 307 -19.36 -14.23 -18.09
C ILE C 307 -19.98 -12.94 -18.62
N LEU C 308 -20.28 -11.99 -17.74
CA LEU C 308 -20.89 -10.74 -18.15
C LEU C 308 -19.94 -9.79 -18.86
N GLU C 309 -18.64 -10.11 -18.90
CA GLU C 309 -17.65 -9.29 -19.59
C GLU C 309 -17.23 -9.87 -20.93
N GLN C 310 -17.96 -10.86 -21.45
CA GLN C 310 -17.55 -11.51 -22.68
C GLN C 310 -18.05 -10.75 -23.90
N THR C 311 -17.80 -11.33 -25.07
CA THR C 311 -17.86 -10.55 -26.31
C THR C 311 -19.27 -10.23 -26.80
N PRO C 312 -20.30 -11.10 -26.67
CA PRO C 312 -21.67 -10.59 -26.90
C PRO C 312 -22.31 -9.94 -25.68
N VAL C 313 -22.02 -10.50 -24.50
CA VAL C 313 -22.83 -10.24 -23.31
C VAL C 313 -22.57 -8.85 -22.77
N LYS C 314 -21.31 -8.40 -22.79
CA LYS C 314 -20.95 -7.10 -22.24
C LYS C 314 -21.63 -5.96 -23.00
N GLU C 315 -21.56 -5.98 -24.33
CA GLU C 315 -22.24 -4.94 -25.11
C GLU C 315 -23.75 -5.12 -25.10
N LEU C 316 -24.26 -6.36 -24.95
CA LEU C 316 -25.70 -6.53 -24.82
C LEU C 316 -26.24 -5.88 -23.56
N VAL C 317 -25.62 -6.18 -22.41
CA VAL C 317 -26.10 -5.59 -21.16
C VAL C 317 -25.74 -4.11 -21.08
N SER C 318 -24.69 -3.67 -21.79
CA SER C 318 -24.37 -2.25 -21.82
C SER C 318 -25.39 -1.46 -22.63
N PHE C 319 -25.83 -2.00 -23.77
CA PHE C 319 -26.90 -1.37 -24.54
C PHE C 319 -28.21 -1.36 -23.76
N LYS C 320 -28.50 -2.46 -23.05
CA LYS C 320 -29.72 -2.53 -22.24
C LYS C 320 -29.70 -1.52 -21.09
N TRP C 321 -28.52 -1.33 -20.47
CA TRP C 321 -28.42 -0.37 -19.38
C TRP C 321 -28.45 1.07 -19.88
N LYS C 322 -27.75 1.35 -20.98
CA LYS C 322 -27.66 2.72 -21.48
C LYS C 322 -28.95 3.19 -22.12
N LYS C 323 -29.68 2.30 -22.80
CA LYS C 323 -30.87 2.73 -23.52
C LYS C 323 -32.12 2.73 -22.64
N TYR C 324 -32.27 1.74 -21.75
CA TYR C 324 -33.50 1.61 -20.99
C TYR C 324 -33.28 1.50 -19.49
N GLY C 325 -32.21 0.83 -19.04
CA GLY C 325 -32.06 0.53 -17.63
C GLY C 325 -31.78 1.76 -16.78
N ARG C 326 -30.85 2.62 -17.24
CA ARG C 326 -30.48 3.78 -16.46
C ARG C 326 -31.58 4.83 -16.32
N PRO C 327 -32.32 5.24 -17.39
CA PRO C 327 -33.41 6.21 -17.14
C PRO C 327 -34.55 5.65 -16.30
N TYR C 328 -34.88 4.38 -16.46
CA TYR C 328 -35.97 3.80 -15.66
C TYR C 328 -35.53 3.65 -14.20
N PHE C 329 -34.27 3.30 -13.97
CA PHE C 329 -33.75 3.25 -12.60
C PHE C 329 -33.71 4.64 -11.98
N CYS C 330 -33.38 5.66 -12.78
CA CYS C 330 -33.34 7.02 -12.27
C CYS C 330 -34.73 7.54 -11.91
N VAL C 331 -35.74 7.27 -12.75
CA VAL C 331 -37.07 7.73 -12.41
C VAL C 331 -37.68 6.92 -11.27
N LEU C 332 -37.30 5.64 -11.13
CA LEU C 332 -37.74 4.87 -9.97
C LEU C 332 -37.08 5.37 -8.69
N ALA C 333 -35.81 5.76 -8.77
CA ALA C 333 -35.13 6.35 -7.63
C ALA C 333 -35.75 7.69 -7.23
N SER C 334 -36.13 8.50 -8.22
CA SER C 334 -36.79 9.77 -7.94
C SER C 334 -38.16 9.55 -7.30
N LEU C 335 -38.92 8.56 -7.79
CA LEU C 335 -40.21 8.24 -7.20
C LEU C 335 -40.07 7.73 -5.78
N TYR C 336 -39.05 6.91 -5.52
CA TYR C 336 -38.81 6.43 -4.17
C TYR C 336 -38.36 7.54 -3.23
N ILE C 337 -37.58 8.49 -3.73
CA ILE C 337 -37.17 9.63 -2.91
C ILE C 337 -38.36 10.52 -2.58
N LEU C 338 -39.26 10.73 -3.56
CA LEU C 338 -40.48 11.50 -3.29
C LEU C 338 -41.38 10.78 -2.29
N TYR C 339 -41.47 9.45 -2.40
CA TYR C 339 -42.25 8.67 -1.45
C TYR C 339 -41.63 8.74 -0.05
N MET C 340 -40.30 8.73 0.04
CA MET C 340 -39.62 8.86 1.32
C MET C 340 -39.85 10.24 1.93
N ILE C 341 -39.86 11.28 1.09
CA ILE C 341 -40.15 12.63 1.56
C ILE C 341 -41.58 12.73 2.08
N CYS C 342 -42.53 12.08 1.38
CA CYS C 342 -43.91 12.07 1.83
C CYS C 342 -44.07 11.33 3.16
N PHE C 343 -43.39 10.19 3.31
CA PHE C 343 -43.46 9.43 4.56
C PHE C 343 -42.81 10.20 5.71
N THR C 344 -41.69 10.89 5.43
CA THR C 344 -41.05 11.71 6.45
C THR C 344 -41.94 12.87 6.87
N THR C 345 -42.60 13.53 5.90
CA THR C 345 -43.49 14.64 6.23
C THR C 345 -44.70 14.17 7.01
N CYS C 346 -45.17 12.95 6.74
CA CYS C 346 -46.25 12.38 7.55
C CYS C 346 -45.77 12.02 8.94
N CYS C 347 -44.49 11.68 9.09
CA CYS C 347 -43.95 11.39 10.41
C CYS C 347 -43.77 12.66 11.24
N ILE C 348 -43.36 13.76 10.60
CA ILE C 348 -43.12 15.00 11.33
C ILE C 348 -44.43 15.60 11.82
N TYR C 349 -45.47 15.59 10.98
CA TYR C 349 -46.75 16.19 11.31
C TYR C 349 -47.73 15.21 11.96
N ARG C 350 -47.22 14.20 12.67
CA ARG C 350 -48.08 13.19 13.28
C ARG C 350 -48.93 13.82 14.40
N PRO C 351 -50.13 13.30 14.62
CA PRO C 351 -51.05 13.93 15.60
C PRO C 351 -50.57 13.73 17.03
N LEU C 352 -50.35 14.85 17.72
CA LEU C 352 -49.95 14.84 19.13
C LEU C 352 -50.78 15.87 19.88
N LYS C 353 -51.20 15.51 21.09
CA LYS C 353 -51.97 16.39 21.96
C LYS C 353 -51.21 16.60 23.26
N LEU C 354 -51.64 17.62 24.02
CA LEU C 354 -51.03 17.90 25.31
C LEU C 354 -51.34 16.79 26.31
N ARG C 355 -50.37 16.51 27.18
CA ARG C 355 -50.50 15.41 28.13
C ARG C 355 -51.50 15.78 29.22
N ASP C 356 -52.51 14.93 29.42
CA ASP C 356 -53.52 15.20 30.44
C ASP C 356 -52.97 14.93 31.84
N ASP C 357 -52.19 13.86 32.00
CA ASP C 357 -51.63 13.54 33.31
C ASP C 357 -50.49 14.48 33.64
N ASN C 358 -50.46 14.94 34.89
CA ASN C 358 -49.44 15.87 35.34
C ASN C 358 -48.10 15.16 35.53
N ARG C 359 -47.03 15.91 35.34
CA ARG C 359 -45.67 15.38 35.47
C ARG C 359 -45.34 15.28 36.95
N THR C 360 -45.66 14.13 37.55
CA THR C 360 -45.37 13.93 38.96
C THR C 360 -43.89 13.72 39.20
N ASP C 361 -43.24 12.91 38.37
CA ASP C 361 -41.81 12.65 38.52
C ASP C 361 -41.02 13.85 38.02
N PRO C 362 -40.07 14.38 38.81
CA PRO C 362 -39.20 15.46 38.31
C PRO C 362 -38.37 15.09 37.09
N ARG C 363 -37.94 13.83 36.98
CA ARG C 363 -37.17 13.41 35.82
C ARG C 363 -38.03 13.20 34.58
N ASP C 364 -39.34 13.10 34.74
CA ASP C 364 -40.22 12.93 33.59
C ASP C 364 -40.35 14.25 32.83
N ILE C 365 -40.14 14.19 31.52
CA ILE C 365 -40.16 15.37 30.67
C ILE C 365 -41.17 15.24 29.53
N THR C 366 -42.01 14.21 29.57
CA THR C 366 -43.00 14.01 28.53
C THR C 366 -44.15 15.00 28.70
N ILE C 367 -44.29 15.92 27.75
CA ILE C 367 -45.33 16.93 27.80
C ILE C 367 -46.42 16.71 26.77
N LEU C 368 -46.20 15.84 25.78
CA LEU C 368 -47.16 15.60 24.72
C LEU C 368 -47.43 14.09 24.63
N GLN C 369 -48.63 13.75 24.14
CA GLN C 369 -48.99 12.35 23.94
C GLN C 369 -49.82 12.23 22.67
N GLN C 370 -50.03 10.98 22.25
CA GLN C 370 -50.67 10.70 20.98
C GLN C 370 -52.16 11.02 21.02
N LYS C 371 -52.69 11.43 19.86
CA LYS C 371 -54.11 11.63 19.71
C LYS C 371 -54.80 10.31 19.38
N LEU C 372 -56.13 10.31 19.53
CA LEU C 372 -56.92 9.13 19.21
C LEU C 372 -57.36 9.17 17.75
N LEU C 373 -58.16 8.19 17.34
CA LEU C 373 -58.58 8.09 15.94
C LEU C 373 -59.56 9.21 15.58
N GLN C 374 -60.59 9.40 16.40
CA GLN C 374 -61.59 10.42 16.11
C GLN C 374 -61.06 11.82 16.43
N GLU C 375 -60.09 11.91 17.33
CA GLU C 375 -59.55 13.21 17.72
C GLU C 375 -58.55 13.76 16.71
N ALA C 376 -57.96 12.91 15.87
CA ALA C 376 -56.88 13.38 14.99
C ALA C 376 -57.44 14.05 13.74
N TYR C 377 -58.13 13.30 12.89
CA TYR C 377 -58.50 13.77 11.55
C TYR C 377 -59.76 14.63 11.64
N VAL C 378 -59.56 15.88 12.09
CA VAL C 378 -60.67 16.82 12.23
C VAL C 378 -60.41 18.11 11.45
N THR C 379 -59.18 18.33 11.00
CA THR C 379 -58.86 19.56 10.30
C THR C 379 -58.44 19.29 8.85
N HIS C 380 -58.16 20.37 8.11
CA HIS C 380 -57.75 20.28 6.72
C HIS C 380 -56.33 19.77 6.58
N GLN C 381 -55.42 20.26 7.44
CA GLN C 381 -54.07 19.73 7.48
C GLN C 381 -54.05 18.26 7.87
N ASP C 382 -54.99 17.86 8.73
CA ASP C 382 -55.16 16.45 9.05
C ASP C 382 -55.65 15.65 7.85
N ASN C 383 -56.44 16.27 6.97
CA ASN C 383 -56.85 15.59 5.74
C ASN C 383 -55.70 15.45 4.76
N ILE C 384 -54.83 16.47 4.69
CA ILE C 384 -53.62 16.37 3.86
C ILE C 384 -52.71 15.28 4.39
N ARG C 385 -52.52 15.20 5.71
CA ARG C 385 -51.77 14.08 6.29
C ARG C 385 -52.48 12.75 6.10
N LEU C 386 -53.81 12.73 6.04
CA LEU C 386 -54.53 11.49 5.76
C LEU C 386 -54.25 10.98 4.36
N VAL C 387 -54.29 11.86 3.36
CA VAL C 387 -54.00 11.39 2.00
C VAL C 387 -52.51 11.06 1.85
N GLY C 388 -51.63 11.74 2.60
CA GLY C 388 -50.23 11.35 2.61
C GLY C 388 -49.98 10.00 3.24
N GLU C 389 -50.64 9.70 4.36
CA GLU C 389 -50.54 8.40 5.00
C GLU C 389 -51.17 7.30 4.16
N LEU C 390 -52.25 7.58 3.43
CA LEU C 390 -52.79 6.63 2.46
C LEU C 390 -51.82 6.36 1.33
N VAL C 391 -51.13 7.38 0.83
CA VAL C 391 -50.07 7.18 -0.15
C VAL C 391 -48.93 6.33 0.43
N THR C 392 -48.57 6.56 1.69
CA THR C 392 -47.52 5.78 2.35
C THR C 392 -47.91 4.31 2.48
N VAL C 393 -49.14 4.04 2.93
CA VAL C 393 -49.62 2.66 3.07
C VAL C 393 -49.76 1.99 1.71
N THR C 394 -50.19 2.74 0.68
CA THR C 394 -50.27 2.19 -0.66
C THR C 394 -48.89 1.84 -1.20
N GLY C 395 -47.89 2.69 -0.95
CA GLY C 395 -46.53 2.38 -1.33
C GLY C 395 -45.94 1.19 -0.60
N ALA C 396 -46.23 1.05 0.69
CA ALA C 396 -45.80 -0.12 1.44
C ALA C 396 -46.46 -1.41 0.98
N VAL C 397 -47.73 -1.35 0.57
CA VAL C 397 -48.40 -2.52 0.02
C VAL C 397 -47.83 -2.87 -1.35
N ILE C 398 -47.56 -1.86 -2.17
CA ILE C 398 -46.96 -2.06 -3.49
C ILE C 398 -45.57 -2.66 -3.37
N ILE C 399 -44.82 -2.25 -2.34
CA ILE C 399 -43.50 -2.81 -2.06
C ILE C 399 -43.59 -4.30 -1.75
N LEU C 400 -44.57 -4.72 -0.94
CA LEU C 400 -44.73 -6.13 -0.63
C LEU C 400 -45.31 -6.92 -1.79
N LEU C 401 -45.96 -6.26 -2.75
CA LEU C 401 -46.46 -6.96 -3.93
C LEU C 401 -45.36 -7.16 -4.97
N LEU C 402 -44.22 -6.52 -4.80
CA LEU C 402 -43.12 -6.63 -5.74
C LEU C 402 -41.96 -7.45 -5.22
N GLU C 403 -41.85 -7.62 -3.90
CA GLU C 403 -40.70 -8.29 -3.31
C GLU C 403 -41.02 -9.72 -2.87
N ILE C 404 -42.16 -9.92 -2.22
CA ILE C 404 -42.57 -11.22 -1.68
C ILE C 404 -42.74 -12.28 -2.79
N PRO C 405 -43.28 -11.97 -3.99
CA PRO C 405 -43.14 -12.95 -5.09
C PRO C 405 -41.70 -13.27 -5.47
N ASP C 406 -40.78 -12.30 -5.38
CA ASP C 406 -39.42 -12.53 -5.84
C ASP C 406 -38.61 -13.41 -4.89
N ILE C 407 -39.04 -13.55 -3.64
CA ILE C 407 -38.39 -14.50 -2.74
C ILE C 407 -38.67 -15.93 -3.18
N PHE C 408 -39.89 -16.19 -3.64
CA PHE C 408 -40.31 -17.55 -3.95
C PHE C 408 -39.71 -18.04 -5.26
N ARG C 409 -39.47 -17.13 -6.22
CA ARG C 409 -38.93 -17.55 -7.51
C ARG C 409 -37.46 -17.94 -7.40
N VAL C 410 -36.72 -17.33 -6.49
CA VAL C 410 -35.29 -17.56 -6.36
C VAL C 410 -34.92 -18.33 -5.10
N GLY C 411 -35.43 -17.93 -3.95
CA GLY C 411 -35.05 -18.57 -2.69
C GLY C 411 -34.59 -17.56 -1.66
N ALA C 412 -34.93 -17.84 -0.40
CA ALA C 412 -34.66 -16.90 0.68
C ALA C 412 -33.18 -16.79 1.00
N SER C 413 -32.40 -17.83 0.71
CA SER C 413 -30.97 -17.77 0.94
C SER C 413 -30.27 -16.90 -0.12
N ARG C 414 -30.75 -16.95 -1.36
CA ARG C 414 -30.12 -16.20 -2.43
C ARG C 414 -30.67 -14.78 -2.57
N TYR C 415 -31.95 -14.58 -2.24
CA TYR C 415 -32.54 -13.25 -2.37
C TYR C 415 -31.97 -12.28 -1.33
N PHE C 416 -31.69 -12.78 -0.14
CA PHE C 416 -31.18 -11.95 0.94
C PHE C 416 -29.69 -12.09 1.16
N GLY C 417 -29.04 -13.08 0.55
CA GLY C 417 -27.63 -13.33 0.81
C GLY C 417 -26.70 -12.88 -0.29
N GLN C 418 -27.23 -12.66 -1.49
CA GLN C 418 -26.43 -12.27 -2.64
C GLN C 418 -26.43 -10.75 -2.74
N THR C 419 -25.23 -10.15 -2.65
CA THR C 419 -25.10 -8.71 -2.82
C THR C 419 -25.24 -8.26 -4.27
N ILE C 420 -25.21 -9.21 -5.22
CA ILE C 420 -25.42 -8.88 -6.62
C ILE C 420 -26.86 -8.41 -6.85
N LEU C 421 -27.81 -9.14 -6.27
CA LEU C 421 -29.23 -8.82 -6.45
C LEU C 421 -29.72 -7.72 -5.52
N GLY C 422 -28.93 -7.31 -4.54
CA GLY C 422 -29.40 -6.38 -3.53
C GLY C 422 -29.94 -7.09 -2.32
N GLY C 423 -29.10 -7.93 -1.71
CA GLY C 423 -29.49 -8.79 -0.62
C GLY C 423 -30.01 -8.11 0.63
N PRO C 424 -29.14 -7.39 1.37
CA PRO C 424 -29.60 -6.71 2.58
C PRO C 424 -30.59 -5.59 2.33
N PHE C 425 -30.57 -4.99 1.14
CA PHE C 425 -31.52 -3.93 0.81
C PHE C 425 -32.93 -4.47 0.73
N HIS C 426 -33.11 -5.69 0.22
CA HIS C 426 -34.43 -6.31 0.22
C HIS C 426 -34.89 -6.61 1.64
N VAL C 427 -33.97 -6.98 2.53
CA VAL C 427 -34.30 -7.23 3.93
C VAL C 427 -34.80 -5.95 4.58
N ILE C 428 -34.09 -4.84 4.40
CA ILE C 428 -34.50 -3.61 5.06
C ILE C 428 -35.73 -3.01 4.39
N ILE C 429 -35.95 -3.28 3.10
CA ILE C 429 -37.15 -2.79 2.42
C ILE C 429 -38.39 -3.55 2.90
N ILE C 430 -38.27 -4.88 3.02
CA ILE C 430 -39.38 -5.70 3.54
C ILE C 430 -39.67 -5.35 4.99
N THR C 431 -38.61 -5.10 5.78
CA THR C 431 -38.78 -4.70 7.17
C THR C 431 -39.45 -3.33 7.27
N TYR C 432 -39.09 -2.40 6.38
CA TYR C 432 -39.70 -1.08 6.35
C TYR C 432 -41.19 -1.16 6.02
N ALA C 433 -41.54 -2.00 5.04
CA ALA C 433 -42.96 -2.17 4.69
C ALA C 433 -43.73 -2.83 5.84
N SER C 434 -43.13 -3.80 6.50
CA SER C 434 -43.77 -4.45 7.65
C SER C 434 -43.96 -3.48 8.81
N LEU C 435 -42.98 -2.61 9.04
CA LEU C 435 -43.11 -1.62 10.11
C LEU C 435 -44.13 -0.55 9.78
N VAL C 436 -44.27 -0.17 8.50
CA VAL C 436 -45.29 0.78 8.11
C VAL C 436 -46.68 0.17 8.28
N LEU C 437 -46.84 -1.10 7.92
CA LEU C 437 -48.14 -1.76 8.14
C LEU C 437 -48.43 -1.96 9.62
N LEU C 438 -47.38 -2.21 10.43
CA LEU C 438 -47.56 -2.31 11.87
C LEU C 438 -47.98 -0.97 12.46
N THR C 439 -47.40 0.13 11.98
CA THR C 439 -47.84 1.46 12.41
C THR C 439 -49.26 1.76 11.95
N MET C 440 -49.65 1.25 10.77
CA MET C 440 -51.01 1.45 10.28
C MET C 440 -52.03 0.74 11.17
N VAL C 441 -51.75 -0.53 11.53
CA VAL C 441 -52.67 -1.23 12.41
C VAL C 441 -52.57 -0.71 13.86
N MET C 442 -51.45 -0.10 14.23
CA MET C 442 -51.35 0.58 15.52
C MET C 442 -52.25 1.82 15.55
N ARG C 443 -52.26 2.57 14.45
CA ARG C 443 -53.14 3.74 14.34
C ARG C 443 -54.61 3.33 14.33
N LEU C 444 -54.95 2.27 13.59
CA LEU C 444 -56.34 1.83 13.53
C LEU C 444 -56.78 1.13 14.80
N THR C 445 -55.86 0.59 15.59
CA THR C 445 -56.19 -0.05 16.86
C THR C 445 -56.05 0.89 18.06
N ASN C 446 -55.51 2.09 17.84
CA ASN C 446 -55.28 3.11 18.88
C ASN C 446 -54.39 2.60 20.00
N MET C 447 -53.20 2.13 19.64
CA MET C 447 -52.20 1.70 20.60
C MET C 447 -51.12 2.75 20.74
N ASN C 448 -50.79 3.07 22.00
CA ASN C 448 -49.73 4.03 22.29
C ASN C 448 -48.37 3.40 21.98
N GLY C 449 -47.45 4.23 21.47
CA GLY C 449 -46.12 3.75 21.17
C GLY C 449 -45.83 3.66 19.68
N GLU C 450 -46.36 4.59 18.90
CA GLU C 450 -46.07 4.65 17.48
C GLU C 450 -44.65 5.12 17.18
N VAL C 451 -43.99 5.74 18.15
CA VAL C 451 -42.66 6.29 17.92
C VAL C 451 -41.64 5.19 17.68
N VAL C 452 -41.86 4.00 18.25
CA VAL C 452 -40.95 2.87 18.08
C VAL C 452 -40.99 2.35 16.64
N PRO C 453 -42.13 1.89 16.07
CA PRO C 453 -42.07 1.45 14.67
C PRO C 453 -41.89 2.59 13.69
N LEU C 454 -42.28 3.82 14.06
CA LEU C 454 -42.02 4.95 13.17
C LEU C 454 -40.53 5.27 13.10
N SER C 455 -39.80 5.13 14.21
CA SER C 455 -38.37 5.37 14.19
C SER C 455 -37.63 4.29 13.41
N PHE C 456 -37.97 3.02 13.65
CA PHE C 456 -37.38 1.94 12.85
C PHE C 456 -37.71 2.09 11.37
N ALA C 457 -38.96 2.43 11.06
CA ALA C 457 -39.37 2.59 9.66
C ALA C 457 -38.67 3.77 9.00
N LEU C 458 -38.50 4.88 9.72
CA LEU C 458 -37.82 6.03 9.15
C LEU C 458 -36.35 5.73 8.84
N VAL C 459 -35.66 5.11 9.80
CA VAL C 459 -34.24 4.80 9.60
C VAL C 459 -34.06 3.78 8.47
N LEU C 460 -34.84 2.71 8.49
CA LEU C 460 -34.69 1.66 7.48
C LEU C 460 -35.13 2.13 6.10
N GLY C 461 -36.23 2.87 6.02
CA GLY C 461 -36.71 3.34 4.73
C GLY C 461 -35.80 4.39 4.11
N TRP C 462 -35.20 5.25 4.93
CA TRP C 462 -34.25 6.21 4.37
C TRP C 462 -32.95 5.54 4.00
N CYS C 463 -32.49 4.56 4.79
CA CYS C 463 -31.28 3.84 4.43
C CYS C 463 -31.49 2.90 3.23
N SER C 464 -32.74 2.61 2.88
CA SER C 464 -33.03 1.83 1.69
C SER C 464 -32.89 2.64 0.40
N VAL C 465 -32.70 3.95 0.48
CA VAL C 465 -32.44 4.76 -0.71
C VAL C 465 -31.05 4.47 -1.27
N MET C 466 -30.14 3.92 -0.46
CA MET C 466 -28.83 3.49 -0.94
C MET C 466 -28.89 2.30 -1.89
N TYR C 467 -30.06 1.65 -2.02
CA TYR C 467 -30.20 0.60 -3.02
C TYR C 467 -30.07 1.16 -4.43
N PHE C 468 -30.55 2.38 -4.65
CA PHE C 468 -30.49 3.01 -5.96
C PHE C 468 -29.12 3.61 -6.26
N ALA C 469 -28.17 3.52 -5.32
CA ALA C 469 -26.82 3.97 -5.57
C ALA C 469 -26.06 3.07 -6.54
N ARG C 470 -26.52 1.82 -6.73
CA ARG C 470 -25.84 0.88 -7.60
C ARG C 470 -25.93 1.26 -9.07
N GLY C 471 -26.86 2.13 -9.44
CA GLY C 471 -26.97 2.59 -10.81
C GLY C 471 -26.01 3.69 -11.19
N PHE C 472 -25.14 4.12 -10.27
CA PHE C 472 -24.20 5.21 -10.51
C PHE C 472 -22.80 4.74 -10.18
N GLN C 473 -21.85 5.15 -11.01
CA GLN C 473 -20.45 4.79 -10.81
C GLN C 473 -19.89 5.45 -9.55
N MET C 474 -20.36 6.65 -9.23
CA MET C 474 -19.84 7.40 -8.09
C MET C 474 -20.20 6.74 -6.77
N LEU C 475 -21.40 6.16 -6.67
CA LEU C 475 -21.92 5.72 -5.38
C LEU C 475 -22.04 4.21 -5.21
N GLY C 476 -22.13 3.46 -6.30
CA GLY C 476 -22.29 2.01 -6.25
C GLY C 476 -21.17 1.23 -5.57
N PRO C 477 -19.93 1.40 -6.06
CA PRO C 477 -18.79 0.79 -5.37
C PRO C 477 -18.62 1.22 -3.92
N PHE C 478 -18.93 2.48 -3.59
CA PHE C 478 -18.84 2.90 -2.20
C PHE C 478 -19.90 2.22 -1.34
N THR C 479 -21.09 2.01 -1.89
CA THR C 479 -22.14 1.27 -1.17
C THR C 479 -21.74 -0.18 -0.96
N ILE C 480 -21.10 -0.79 -1.96
CA ILE C 480 -20.62 -2.16 -1.80
C ILE C 480 -19.50 -2.23 -0.76
N MET C 481 -18.63 -1.22 -0.73
CA MET C 481 -17.58 -1.18 0.29
C MET C 481 -18.17 -1.01 1.69
N ILE C 482 -19.25 -0.25 1.81
CA ILE C 482 -19.96 -0.14 3.08
C ILE C 482 -20.53 -1.49 3.49
N GLN C 483 -21.11 -2.22 2.53
CA GLN C 483 -21.63 -3.57 2.81
C GLN C 483 -20.53 -4.52 3.24
N LYS C 484 -19.35 -4.43 2.61
CA LYS C 484 -18.25 -5.32 2.98
C LYS C 484 -17.65 -4.95 4.32
N MET C 485 -17.64 -3.67 4.68
CA MET C 485 -17.08 -3.26 5.97
C MET C 485 -18.03 -3.53 7.12
N ILE C 486 -19.35 -3.49 6.87
CA ILE C 486 -20.32 -3.79 7.93
C ILE C 486 -20.23 -5.26 8.34
N PHE C 487 -20.22 -6.15 7.37
CA PHE C 487 -20.15 -7.58 7.63
C PHE C 487 -18.73 -8.08 7.83
N GLY C 488 -17.75 -7.19 7.73
CA GLY C 488 -16.35 -7.55 7.87
C GLY C 488 -15.72 -6.99 9.13
N ASP C 489 -15.03 -5.86 8.99
CA ASP C 489 -14.26 -5.29 10.10
C ASP C 489 -15.14 -4.78 11.22
N LEU C 490 -16.32 -4.25 10.90
CA LEU C 490 -17.20 -3.71 11.94
C LEU C 490 -17.74 -4.80 12.85
N MET C 491 -17.99 -6.00 12.33
CA MET C 491 -18.53 -7.08 13.13
C MET C 491 -17.52 -7.57 14.16
N ARG C 492 -16.28 -7.84 13.73
CA ARG C 492 -15.25 -8.28 14.65
C ARG C 492 -14.85 -7.17 15.63
N PHE C 493 -14.86 -5.92 15.15
CA PHE C 493 -14.53 -4.80 16.01
C PHE C 493 -15.59 -4.61 17.09
N CYS C 494 -16.87 -4.76 16.72
CA CYS C 494 -17.94 -4.69 17.70
C CYS C 494 -17.93 -5.88 18.65
N TRP C 495 -17.49 -7.05 18.17
CA TRP C 495 -17.44 -8.23 19.03
C TRP C 495 -16.40 -8.08 20.12
N LEU C 496 -15.25 -7.48 19.80
CA LEU C 496 -14.27 -7.24 20.87
C LEU C 496 -14.59 -5.96 21.64
N MET C 497 -15.30 -5.04 20.98
CA MET C 497 -15.75 -3.79 21.61
C MET C 497 -16.77 -4.06 22.72
N ALA C 498 -17.60 -5.09 22.55
CA ALA C 498 -18.53 -5.47 23.61
C ALA C 498 -17.78 -5.93 24.85
N VAL C 499 -16.69 -6.68 24.67
CA VAL C 499 -15.85 -7.12 25.78
C VAL C 499 -15.21 -5.94 26.50
N VAL C 500 -14.61 -5.02 25.74
CA VAL C 500 -13.92 -3.87 26.35
C VAL C 500 -14.91 -2.97 27.08
N ILE C 501 -16.05 -2.69 26.44
CA ILE C 501 -17.05 -1.81 27.02
C ILE C 501 -17.71 -2.44 28.24
N LEU C 502 -17.95 -3.76 28.21
CA LEU C 502 -18.54 -4.43 29.37
C LEU C 502 -17.61 -4.39 30.57
N GLY C 503 -16.31 -4.68 30.34
CA GLY C 503 -15.36 -4.65 31.45
C GLY C 503 -15.19 -3.26 32.04
N PHE C 504 -15.00 -2.25 31.19
CA PHE C 504 -14.79 -0.92 31.72
C PHE C 504 -16.07 -0.29 32.26
N ALA C 505 -17.24 -0.68 31.74
CA ALA C 505 -18.50 -0.20 32.29
C ALA C 505 -18.75 -0.78 33.67
N SER C 506 -18.43 -2.06 33.86
CA SER C 506 -18.54 -2.66 35.20
C SER C 506 -17.57 -2.01 36.17
N ALA C 507 -16.34 -1.72 35.72
CA ALA C 507 -15.37 -1.05 36.57
C ALA C 507 -15.81 0.37 36.94
N PHE C 508 -16.35 1.11 35.98
CA PHE C 508 -16.81 2.47 36.25
C PHE C 508 -18.02 2.47 37.18
N HIS C 509 -18.95 1.52 36.99
CA HIS C 509 -20.14 1.47 37.84
C HIS C 509 -19.79 1.09 39.27
N ILE C 510 -18.87 0.15 39.46
CA ILE C 510 -18.48 -0.17 40.83
C ILE C 510 -17.57 0.91 41.42
N THR C 511 -16.91 1.71 40.59
CA THR C 511 -16.13 2.83 41.12
C THR C 511 -17.05 3.94 41.63
N PHE C 512 -18.10 4.27 40.88
CA PHE C 512 -19.04 5.31 41.27
C PHE C 512 -20.27 4.75 41.97
N GLN C 513 -20.15 3.61 42.64
CA GLN C 513 -21.26 3.06 43.40
C GLN C 513 -21.38 3.66 44.79
N THR C 514 -20.33 4.36 45.25
CA THR C 514 -20.32 4.95 46.58
C THR C 514 -20.35 6.47 46.56
N GLU C 515 -20.45 7.08 45.39
CA GLU C 515 -20.43 8.54 45.26
C GLU C 515 -21.84 9.08 45.02
N ASP C 516 -21.95 10.39 45.06
CA ASP C 516 -23.22 11.06 44.83
C ASP C 516 -23.53 11.04 43.34
N PRO C 517 -24.69 10.53 42.91
CA PRO C 517 -25.02 10.52 41.48
C PRO C 517 -25.35 11.90 40.91
N ASN C 518 -25.54 12.92 41.74
CA ASN C 518 -25.85 14.25 41.23
C ASN C 518 -24.62 14.92 40.63
N ASN C 519 -23.45 14.71 41.22
CA ASN C 519 -22.23 15.36 40.76
C ASN C 519 -21.59 14.63 39.59
N LEU C 520 -21.80 13.31 39.46
CA LEU C 520 -21.33 12.56 38.31
C LEU C 520 -22.31 11.41 38.09
N GLY C 521 -23.26 11.61 37.18
CA GLY C 521 -24.30 10.65 36.90
C GLY C 521 -24.12 9.82 35.66
N GLU C 522 -22.90 9.79 35.09
CA GLU C 522 -22.66 8.96 33.91
C GLU C 522 -22.69 7.47 34.25
N PHE C 523 -22.28 7.11 35.47
CA PHE C 523 -22.19 5.72 35.88
C PHE C 523 -23.05 5.44 37.11
N SER C 524 -24.19 6.13 37.23
CA SER C 524 -25.06 5.92 38.38
C SER C 524 -25.77 4.58 38.31
N ASP C 525 -26.29 4.24 37.15
CA ASP C 525 -26.94 2.97 36.91
C ASP C 525 -26.13 2.15 35.91
N TYR C 526 -26.23 0.83 36.03
CA TYR C 526 -25.45 -0.05 35.15
C TYR C 526 -25.83 0.05 33.66
N PRO C 527 -27.10 0.12 33.24
CA PRO C 527 -27.33 0.44 31.81
C PRO C 527 -26.83 1.82 31.43
N THR C 528 -26.97 2.80 32.32
CA THR C 528 -26.39 4.12 32.07
C THR C 528 -24.87 4.06 32.03
N ALA C 529 -24.25 3.21 32.87
CA ALA C 529 -22.81 3.04 32.83
C ALA C 529 -22.37 2.40 31.51
N LEU C 530 -23.13 1.43 31.03
CA LEU C 530 -22.81 0.77 29.75
C LEU C 530 -22.92 1.76 28.59
N PHE C 531 -24.00 2.54 28.56
CA PHE C 531 -24.17 3.53 27.50
C PHE C 531 -23.11 4.62 27.57
N SER C 532 -22.77 5.08 28.79
CA SER C 532 -21.77 6.11 28.94
C SER C 532 -20.38 5.61 28.57
N THR C 533 -20.06 4.35 28.90
CA THR C 533 -18.79 3.78 28.50
C THR C 533 -18.69 3.55 26.99
N PHE C 534 -19.78 3.16 26.35
CA PHE C 534 -19.79 3.06 24.88
C PHE C 534 -19.57 4.43 24.23
N GLU C 535 -20.25 5.46 24.76
CA GLU C 535 -20.06 6.82 24.26
C GLU C 535 -18.65 7.34 24.53
N LEU C 536 -18.06 6.96 25.66
CA LEU C 536 -16.71 7.40 25.98
C LEU C 536 -15.67 6.67 25.14
N PHE C 537 -15.97 5.43 24.75
CA PHE C 537 -15.12 4.75 23.77
C PHE C 537 -15.16 5.48 22.43
N LEU C 538 -16.37 5.81 21.97
CA LEU C 538 -16.48 6.53 20.70
C LEU C 538 -16.23 8.02 20.83
N THR C 539 -15.96 8.49 22.05
CA THR C 539 -15.66 9.89 22.38
C THR C 539 -16.70 10.87 21.85
N ILE C 540 -17.97 10.43 21.84
CA ILE C 540 -19.07 11.31 21.45
C ILE C 540 -19.61 12.09 22.64
N ILE C 541 -19.16 11.78 23.86
CA ILE C 541 -19.40 12.60 25.03
C ILE C 541 -18.06 12.88 25.69
N ASP C 542 -18.03 13.92 26.51
CA ASP C 542 -16.81 14.31 27.20
C ASP C 542 -16.51 13.34 28.34
N GLY C 543 -15.24 13.27 28.71
CA GLY C 543 -14.83 12.55 29.89
C GLY C 543 -15.40 13.22 31.13
N PRO C 544 -16.12 12.44 31.96
CA PRO C 544 -16.79 13.03 33.12
C PRO C 544 -15.81 13.49 34.20
N ALA C 545 -15.67 14.82 34.32
CA ALA C 545 -14.76 15.40 35.30
C ALA C 545 -15.45 16.60 35.93
N ASN C 546 -15.55 16.60 37.25
CA ASN C 546 -16.10 17.71 38.01
C ASN C 546 -14.99 18.20 38.94
N TYR C 547 -14.36 19.32 38.58
CA TYR C 547 -13.22 19.83 39.33
C TYR C 547 -13.60 20.48 40.64
N SER C 548 -14.88 20.79 40.85
CA SER C 548 -15.32 21.33 42.13
C SER C 548 -15.40 20.27 43.21
N VAL C 549 -15.47 18.99 42.84
CA VAL C 549 -15.55 17.90 43.80
C VAL C 549 -14.33 17.00 43.62
N ASP C 550 -14.17 16.06 44.53
CA ASP C 550 -13.05 15.13 44.53
C ASP C 550 -13.52 13.77 44.03
N LEU C 551 -13.17 13.44 42.78
CA LEU C 551 -13.47 12.13 42.23
C LEU C 551 -12.52 11.10 42.81
N PRO C 552 -12.94 9.83 42.86
CA PRO C 552 -12.03 8.77 43.32
C PRO C 552 -10.88 8.56 42.35
N PHE C 553 -9.74 8.16 42.90
CA PHE C 553 -8.55 7.91 42.09
C PHE C 553 -8.68 6.66 41.24
N MET C 554 -9.55 5.72 41.64
CA MET C 554 -9.78 4.53 40.83
C MET C 554 -10.44 4.88 39.51
N TYR C 555 -11.33 5.88 39.50
CA TYR C 555 -11.87 6.36 38.24
C TYR C 555 -10.78 6.95 37.35
N CYS C 556 -9.82 7.67 37.95
CA CYS C 556 -8.74 8.27 37.16
C CYS C 556 -7.85 7.20 36.54
N ILE C 557 -7.50 6.16 37.32
CA ILE C 557 -6.64 5.10 36.79
C ILE C 557 -7.39 4.28 35.73
N THR C 558 -8.66 3.93 36.02
CA THR C 558 -9.45 3.15 35.08
C THR C 558 -9.75 3.92 33.80
N TYR C 559 -9.96 5.23 33.91
CA TYR C 559 -10.23 6.03 32.72
C TYR C 559 -8.95 6.32 31.93
N ALA C 560 -7.79 6.40 32.59
CA ALA C 560 -6.54 6.48 31.87
C ALA C 560 -6.29 5.21 31.06
N ALA C 561 -6.54 4.05 31.68
CA ALA C 561 -6.40 2.79 30.94
C ALA C 561 -7.44 2.67 29.83
N PHE C 562 -8.66 3.17 30.07
CA PHE C 562 -9.70 3.14 29.05
C PHE C 562 -9.34 4.05 27.88
N ALA C 563 -8.75 5.22 28.16
CA ALA C 563 -8.36 6.12 27.09
C ALA C 563 -7.14 5.59 26.33
N ILE C 564 -6.26 4.86 26.99
CA ILE C 564 -5.11 4.28 26.30
C ILE C 564 -5.54 3.12 25.40
N ILE C 565 -6.32 2.18 25.95
CA ILE C 565 -6.64 0.97 25.20
C ILE C 565 -7.79 1.21 24.23
N ALA C 566 -8.87 1.82 24.68
CA ALA C 566 -10.07 1.98 23.86
C ALA C 566 -9.96 3.16 22.91
N THR C 567 -9.67 4.35 23.44
CA THR C 567 -9.66 5.55 22.60
C THR C 567 -8.43 5.62 21.71
N LEU C 568 -7.25 5.38 22.28
CA LEU C 568 -6.01 5.60 21.54
C LEU C 568 -5.68 4.41 20.64
N LEU C 569 -5.69 3.21 21.20
CA LEU C 569 -5.32 2.01 20.43
C LEU C 569 -6.45 1.55 19.53
N MET C 570 -7.60 1.19 20.12
CA MET C 570 -8.63 0.46 19.39
C MET C 570 -9.36 1.29 18.35
N LEU C 571 -9.68 2.55 18.67
CA LEU C 571 -10.44 3.39 17.75
C LEU C 571 -9.66 3.76 16.49
N ASN C 572 -8.33 3.80 16.58
CA ASN C 572 -7.50 4.05 15.41
C ASN C 572 -7.03 2.77 14.74
N LEU C 573 -6.97 1.67 15.49
CA LEU C 573 -6.71 0.37 14.87
C LEU C 573 -7.85 -0.05 13.95
N PHE C 574 -9.08 0.38 14.26
CA PHE C 574 -10.20 0.16 13.34
C PHE C 574 -9.99 0.90 12.02
N ILE C 575 -9.48 2.13 12.09
CA ILE C 575 -9.19 2.90 10.89
C ILE C 575 -8.07 2.24 10.09
N ALA C 576 -7.05 1.73 10.78
CA ALA C 576 -5.94 1.03 10.10
C ALA C 576 -6.42 -0.27 9.44
N MET C 577 -7.26 -1.03 10.15
CA MET C 577 -7.79 -2.28 9.61
C MET C 577 -8.69 -2.02 8.40
N MET C 578 -9.52 -0.98 8.46
CA MET C 578 -10.36 -0.67 7.32
C MET C 578 -9.55 -0.10 6.17
N GLY C 579 -8.45 0.60 6.47
CA GLY C 579 -7.58 1.07 5.40
C GLY C 579 -6.88 -0.06 4.68
N ASP C 580 -6.53 -1.12 5.41
CA ASP C 580 -5.98 -2.32 4.77
C ASP C 580 -7.05 -3.04 3.94
N THR C 581 -8.21 -3.27 4.55
CA THR C 581 -9.28 -4.01 3.88
C THR C 581 -9.87 -3.25 2.71
N HIS C 582 -9.75 -1.92 2.69
CA HIS C 582 -10.26 -1.14 1.56
C HIS C 582 -9.47 -1.41 0.29
N TRP C 583 -8.15 -1.36 0.37
CA TRP C 583 -7.35 -1.63 -0.82
C TRP C 583 -7.25 -3.12 -1.12
N ARG C 584 -7.52 -4.00 -0.14
CA ARG C 584 -7.43 -5.42 -0.47
C ARG C 584 -8.64 -5.96 -1.23
N VAL C 585 -9.78 -5.27 -1.25
CA VAL C 585 -10.96 -5.79 -1.95
C VAL C 585 -11.50 -4.80 -2.99
N ALA C 586 -10.68 -3.86 -3.44
CA ALA C 586 -11.17 -2.80 -4.34
C ALA C 586 -11.50 -3.34 -5.73
N GLN C 587 -10.68 -4.28 -6.25
CA GLN C 587 -10.96 -4.89 -7.54
C GLN C 587 -12.24 -5.72 -7.48
N GLU C 588 -12.39 -6.51 -6.42
CA GLU C 588 -13.62 -7.25 -6.18
C GLU C 588 -14.81 -6.32 -6.04
N ARG C 589 -14.61 -5.16 -5.41
CA ARG C 589 -15.65 -4.14 -5.31
C ARG C 589 -16.10 -3.64 -6.69
N ASP C 590 -15.14 -3.40 -7.59
CA ASP C 590 -15.50 -2.93 -8.92
C ASP C 590 -16.24 -4.00 -9.73
N GLU C 591 -15.78 -5.25 -9.66
CA GLU C 591 -16.49 -6.32 -10.37
C GLU C 591 -17.87 -6.58 -9.77
N LEU C 592 -18.00 -6.45 -8.45
CA LEU C 592 -19.29 -6.58 -7.79
C LEU C 592 -20.24 -5.47 -8.24
N TRP C 593 -19.73 -4.25 -8.42
CA TRP C 593 -20.60 -3.17 -8.90
C TRP C 593 -21.04 -3.39 -10.34
N ARG C 594 -20.13 -3.88 -11.19
CA ARG C 594 -20.51 -4.16 -12.59
C ARG C 594 -21.56 -5.26 -12.66
N ALA C 595 -21.39 -6.33 -11.88
CA ALA C 595 -22.40 -7.38 -11.84
C ALA C 595 -23.70 -6.90 -11.21
N GLN C 596 -23.63 -5.96 -10.26
CA GLN C 596 -24.84 -5.37 -9.70
C GLN C 596 -25.60 -4.56 -10.74
N VAL C 597 -24.88 -3.83 -11.60
CA VAL C 597 -25.51 -3.08 -12.69
C VAL C 597 -26.20 -4.04 -13.66
N VAL C 598 -25.54 -5.14 -13.99
CA VAL C 598 -26.14 -6.12 -14.89
C VAL C 598 -27.37 -6.78 -14.26
N ALA C 599 -27.30 -7.11 -12.97
CA ALA C 599 -28.44 -7.72 -12.28
C ALA C 599 -29.60 -6.74 -12.14
N THR C 600 -29.30 -5.45 -11.93
CA THR C 600 -30.34 -4.43 -11.90
C THR C 600 -31.02 -4.32 -13.27
N THR C 601 -30.23 -4.41 -14.34
CA THR C 601 -30.80 -4.40 -15.69
C THR C 601 -31.70 -5.60 -15.92
N VAL C 602 -31.28 -6.77 -15.45
CA VAL C 602 -32.08 -7.99 -15.60
C VAL C 602 -33.38 -7.89 -14.81
N MET C 603 -33.31 -7.38 -13.58
CA MET C 603 -34.50 -7.21 -12.75
C MET C 603 -35.46 -6.19 -13.37
N LEU C 604 -34.93 -5.10 -13.91
CA LEU C 604 -35.77 -4.10 -14.55
C LEU C 604 -36.42 -4.64 -15.82
N GLU C 605 -35.70 -5.45 -16.59
CA GLU C 605 -36.31 -6.05 -17.78
C GLU C 605 -37.36 -7.09 -17.41
N ARG C 606 -37.17 -7.79 -16.29
CA ARG C 606 -38.13 -8.82 -15.90
C ARG C 606 -39.40 -8.21 -15.32
N LYS C 607 -39.27 -7.18 -14.48
CA LYS C 607 -40.43 -6.69 -13.72
C LYS C 607 -41.21 -5.59 -14.44
N MET C 608 -40.55 -4.73 -15.21
CA MET C 608 -41.24 -3.65 -15.90
C MET C 608 -42.05 -4.22 -17.07
N PRO C 609 -43.09 -3.51 -17.52
CA PRO C 609 -43.89 -4.01 -18.64
C PRO C 609 -43.11 -4.08 -19.95
N ARG C 610 -43.57 -4.98 -20.82
CA ARG C 610 -42.85 -5.28 -22.05
C ARG C 610 -42.88 -4.12 -23.04
N PHE C 611 -43.93 -3.30 -23.01
CA PHE C 611 -44.04 -2.19 -23.96
C PHE C 611 -43.03 -1.08 -23.67
N LEU C 612 -42.47 -1.03 -22.46
CA LEU C 612 -41.41 -0.09 -22.14
C LEU C 612 -40.02 -0.69 -22.28
N TRP C 613 -39.92 -2.01 -22.43
CA TRP C 613 -38.65 -2.70 -22.65
C TRP C 613 -38.73 -3.46 -23.97
N PRO C 614 -38.39 -2.83 -25.09
CA PRO C 614 -38.39 -3.55 -26.36
C PRO C 614 -37.28 -4.58 -26.41
N ARG C 615 -37.47 -5.56 -27.29
CA ARG C 615 -36.51 -6.66 -27.42
C ARG C 615 -35.20 -6.16 -28.00
N SER C 616 -34.10 -6.57 -27.38
CA SER C 616 -32.79 -6.08 -27.76
C SER C 616 -32.22 -6.88 -28.93
N GLY C 617 -31.44 -6.21 -29.76
CA GLY C 617 -30.80 -6.83 -30.90
C GLY C 617 -31.45 -6.42 -32.21
N ILE C 618 -30.97 -7.03 -33.28
CA ILE C 618 -31.46 -6.80 -34.63
C ILE C 618 -32.28 -8.01 -35.07
N CYS C 619 -33.52 -7.77 -35.47
CA CYS C 619 -34.40 -8.86 -35.86
C CYS C 619 -33.98 -9.45 -37.20
N GLY C 620 -33.85 -10.77 -37.26
CA GLY C 620 -33.46 -11.44 -38.48
C GLY C 620 -34.57 -11.65 -39.49
N TYR C 621 -35.82 -11.44 -39.09
CA TYR C 621 -36.93 -11.60 -40.04
C TYR C 621 -36.99 -10.46 -41.04
N GLU C 622 -36.46 -9.29 -40.66
CA GLU C 622 -36.44 -8.15 -41.58
C GLU C 622 -35.39 -8.31 -42.68
N TYR C 623 -34.46 -9.25 -42.53
CA TYR C 623 -33.36 -9.41 -43.47
C TYR C 623 -33.24 -10.84 -43.99
N GLY C 624 -34.20 -11.71 -43.68
CA GLY C 624 -34.20 -13.05 -44.22
C GLY C 624 -33.32 -14.04 -43.49
N LEU C 625 -32.93 -13.76 -42.25
CA LEU C 625 -32.10 -14.67 -41.46
C LEU C 625 -32.92 -15.49 -40.46
N GLY C 626 -34.13 -15.87 -40.83
CA GLY C 626 -34.95 -16.69 -39.95
C GLY C 626 -35.63 -15.86 -38.87
N ASP C 627 -35.87 -16.51 -37.73
CA ASP C 627 -36.54 -15.89 -36.60
C ASP C 627 -35.60 -15.74 -35.41
N ARG C 628 -34.36 -15.37 -35.69
CA ARG C 628 -33.36 -15.14 -34.66
C ARG C 628 -33.05 -13.66 -34.54
N TRP C 629 -32.59 -13.26 -33.37
CA TRP C 629 -32.18 -11.88 -33.11
C TRP C 629 -30.68 -11.84 -32.86
N PHE C 630 -30.02 -10.86 -33.48
CA PHE C 630 -28.56 -10.80 -33.47
C PHE C 630 -28.09 -9.46 -32.93
N LEU C 631 -26.85 -9.44 -32.45
CA LEU C 631 -26.19 -8.23 -32.00
C LEU C 631 -24.91 -8.06 -32.81
N ARG C 632 -24.72 -6.87 -33.38
CA ARG C 632 -23.59 -6.60 -34.26
C ARG C 632 -22.48 -5.91 -33.48
N VAL C 633 -21.28 -6.49 -33.54
CA VAL C 633 -20.12 -5.94 -32.86
C VAL C 633 -19.06 -5.63 -33.91
N GLU C 634 -18.61 -4.39 -33.95
CA GLU C 634 -17.51 -3.97 -34.81
C GLU C 634 -16.29 -3.71 -33.93
N ASN C 635 -15.22 -4.47 -34.16
CA ASN C 635 -14.02 -4.37 -33.35
C ASN C 635 -12.84 -3.99 -34.23
N HIS C 636 -11.69 -3.76 -33.58
CA HIS C 636 -10.48 -3.30 -34.24
C HIS C 636 -9.35 -4.27 -33.88
N HIS C 637 -8.78 -4.91 -34.89
CA HIS C 637 -7.68 -5.84 -34.66
C HIS C 637 -6.41 -5.35 -35.37
N ASP D 28 -30.80 6.77 -32.95
CA ASP D 28 -29.51 6.37 -32.39
C ASP D 28 -28.53 6.10 -33.54
N TRP D 29 -27.26 6.42 -33.32
CA TRP D 29 -26.26 6.22 -34.38
C TRP D 29 -25.89 4.75 -34.53
N GLU D 30 -25.92 3.99 -33.42
CA GLU D 30 -25.57 2.58 -33.49
C GLU D 30 -26.63 1.78 -34.24
N GLN D 31 -27.90 2.09 -33.99
CA GLN D 31 -28.99 1.36 -34.64
C GLN D 31 -29.04 1.64 -36.14
N TYR D 32 -28.77 2.88 -36.54
CA TYR D 32 -28.76 3.23 -37.95
C TYR D 32 -27.61 2.55 -38.69
N ARG D 33 -26.42 2.52 -38.07
CA ARG D 33 -25.28 1.85 -38.68
C ARG D 33 -25.49 0.34 -38.74
N ASP D 34 -26.11 -0.23 -37.70
CA ASP D 34 -26.44 -1.65 -37.72
C ASP D 34 -27.45 -1.98 -38.82
N ARG D 35 -28.49 -1.15 -38.97
CA ARG D 35 -29.47 -1.36 -40.03
C ARG D 35 -28.84 -1.22 -41.40
N VAL D 36 -27.91 -0.25 -41.56
CA VAL D 36 -27.20 -0.07 -42.82
C VAL D 36 -26.37 -1.30 -43.15
N ASN D 37 -25.68 -1.85 -42.16
CA ASN D 37 -24.82 -3.02 -42.39
C ASN D 37 -25.63 -4.26 -42.74
N MET D 38 -26.72 -4.53 -42.00
CA MET D 38 -27.53 -5.69 -42.33
C MET D 38 -28.30 -5.50 -43.63
N LEU D 39 -28.68 -4.27 -43.97
CA LEU D 39 -29.30 -4.02 -45.27
C LEU D 39 -28.31 -4.24 -46.41
N GLN D 40 -27.06 -3.82 -46.22
CA GLN D 40 -26.03 -4.06 -47.22
C GLN D 40 -25.77 -5.55 -47.41
N GLN D 41 -25.72 -6.30 -46.31
CA GLN D 41 -25.53 -7.75 -46.41
C GLN D 41 -26.73 -8.43 -47.06
N GLU D 42 -27.95 -7.94 -46.76
CA GLU D 42 -29.15 -8.52 -47.36
C GLU D 42 -29.22 -8.25 -48.86
N ARG D 43 -28.87 -7.04 -49.28
CA ARG D 43 -28.89 -6.73 -50.71
C ARG D 43 -27.73 -7.37 -51.46
N ILE D 44 -26.64 -7.69 -50.77
CA ILE D 44 -25.61 -8.55 -51.35
C ILE D 44 -26.15 -9.97 -51.52
N ARG D 45 -26.86 -10.46 -50.52
CA ARG D 45 -27.37 -11.83 -50.53
C ARG D 45 -28.45 -12.03 -51.59
N ASP D 46 -29.30 -11.02 -51.81
CA ASP D 46 -30.37 -11.17 -52.78
C ASP D 46 -29.84 -11.12 -54.21
N SER D 47 -28.89 -10.25 -54.48
CA SER D 47 -28.34 -10.12 -55.84
C SER D 47 -27.35 -11.24 -56.12
N PRO D 48 -27.49 -11.95 -57.25
CA PRO D 48 -26.52 -13.02 -57.56
C PRO D 48 -25.16 -12.50 -57.97
N LEU D 49 -25.10 -11.34 -58.64
CA LEU D 49 -23.82 -10.75 -59.01
C LEU D 49 -23.03 -10.32 -57.78
N LEU D 50 -23.71 -9.70 -56.81
CA LEU D 50 -23.05 -9.30 -55.58
C LEU D 50 -22.62 -10.52 -54.77
N GLN D 51 -23.42 -11.59 -54.80
CA GLN D 51 -23.07 -12.81 -54.10
C GLN D 51 -21.84 -13.47 -54.71
N ALA D 52 -21.78 -13.54 -56.05
CA ALA D 52 -20.64 -14.13 -56.73
C ALA D 52 -19.39 -13.28 -56.57
N ALA D 53 -19.55 -11.96 -56.47
CA ALA D 53 -18.41 -11.12 -56.12
C ALA D 53 -18.01 -11.30 -54.66
N LYS D 54 -18.95 -11.71 -53.81
CA LYS D 54 -18.65 -11.89 -52.39
C LYS D 54 -17.83 -13.15 -52.14
N GLU D 55 -18.34 -14.31 -52.54
CA GLU D 55 -17.61 -15.55 -52.25
C GLU D 55 -16.76 -16.05 -53.42
N ASN D 56 -16.42 -15.16 -54.38
CA ASN D 56 -15.48 -15.45 -55.47
C ASN D 56 -15.92 -16.65 -56.32
N ASP D 57 -17.20 -16.70 -56.64
CA ASP D 57 -17.74 -17.78 -57.46
C ASP D 57 -17.47 -17.37 -58.91
N LEU D 58 -16.44 -17.95 -59.52
CA LEU D 58 -16.05 -17.54 -60.87
C LEU D 58 -17.02 -18.06 -61.92
N ARG D 59 -17.55 -19.27 -61.75
CA ARG D 59 -18.36 -19.91 -62.79
C ARG D 59 -19.66 -19.14 -63.03
N LEU D 60 -20.42 -18.88 -61.96
CA LEU D 60 -21.67 -18.16 -62.11
C LEU D 60 -21.41 -16.70 -62.49
N LEU D 61 -20.23 -16.19 -62.14
CA LEU D 61 -19.83 -14.86 -62.60
C LEU D 61 -19.67 -14.81 -64.12
N LYS D 62 -19.00 -15.81 -64.70
CA LYS D 62 -18.86 -15.85 -66.16
C LYS D 62 -20.21 -16.08 -66.84
N ILE D 63 -21.07 -16.89 -66.21
CA ILE D 63 -22.40 -17.11 -66.77
C ILE D 63 -23.23 -15.83 -66.76
N LEU D 64 -23.13 -15.05 -65.67
CA LEU D 64 -23.92 -13.83 -65.56
C LEU D 64 -23.35 -12.71 -66.44
N LEU D 65 -22.02 -12.62 -66.53
CA LEU D 65 -21.41 -11.59 -67.36
C LEU D 65 -21.56 -11.91 -68.85
N LEU D 66 -21.68 -13.19 -69.20
CA LEU D 66 -22.00 -13.54 -70.57
C LEU D 66 -23.44 -13.16 -70.91
N ASN D 67 -24.34 -13.28 -69.94
CA ASN D 67 -25.74 -12.89 -70.14
C ASN D 67 -25.70 -11.37 -69.93
N ASP D 71 -27.80 -6.46 -66.14
CA ASP D 71 -27.41 -5.26 -65.43
C ASP D 71 -26.10 -5.48 -64.69
N PHE D 72 -25.10 -4.65 -65.00
CA PHE D 72 -23.80 -4.74 -64.34
C PHE D 72 -23.54 -3.60 -63.39
N GLN D 73 -24.27 -2.48 -63.51
CA GLN D 73 -24.12 -1.33 -62.62
C GLN D 73 -25.18 -1.32 -61.52
N GLN D 74 -25.67 -2.49 -61.10
CA GLN D 74 -26.61 -2.55 -60.00
C GLN D 74 -25.93 -2.21 -58.68
N ARG D 75 -26.69 -1.55 -57.80
CA ARG D 75 -26.16 -1.06 -56.54
C ARG D 75 -26.92 -1.68 -55.38
N GLY D 76 -26.23 -1.83 -54.25
CA GLY D 76 -26.82 -2.36 -53.04
C GLY D 76 -27.45 -1.28 -52.18
N ALA D 77 -27.66 -1.62 -50.91
CA ALA D 77 -28.24 -0.68 -49.96
C ALA D 77 -27.29 0.46 -49.62
N VAL D 78 -25.99 0.16 -49.49
CA VAL D 78 -24.97 1.18 -49.30
C VAL D 78 -24.82 2.06 -50.54
N GLY D 79 -25.11 1.53 -51.71
CA GLY D 79 -24.88 2.25 -52.95
C GLY D 79 -23.66 1.78 -53.70
N GLU D 80 -23.16 0.59 -53.35
CA GLU D 80 -21.90 0.07 -53.85
C GLU D 80 -22.14 -0.89 -55.01
N THR D 81 -21.12 -1.04 -55.86
CA THR D 81 -21.19 -1.94 -56.98
C THR D 81 -20.68 -3.32 -56.57
N ALA D 82 -20.67 -4.26 -57.53
CA ALA D 82 -20.12 -5.58 -57.23
C ALA D 82 -18.60 -5.56 -57.17
N LEU D 83 -17.97 -4.59 -57.85
CA LEU D 83 -16.53 -4.39 -57.71
C LEU D 83 -16.18 -3.95 -56.30
N HIS D 84 -17.04 -3.17 -55.66
CA HIS D 84 -16.86 -2.81 -54.26
C HIS D 84 -16.91 -4.05 -53.37
N VAL D 85 -17.82 -4.98 -53.68
CA VAL D 85 -17.93 -6.22 -52.91
C VAL D 85 -16.70 -7.08 -53.11
N ALA D 86 -16.19 -7.14 -54.34
CA ALA D 86 -14.98 -7.92 -54.62
C ALA D 86 -13.75 -7.31 -53.94
N ALA D 87 -13.68 -5.99 -53.86
CA ALA D 87 -12.60 -5.35 -53.12
C ALA D 87 -12.78 -5.50 -51.61
N LEU D 88 -14.03 -5.62 -51.16
CA LEU D 88 -14.30 -5.76 -49.73
C LEU D 88 -13.95 -7.15 -49.23
N TYR D 89 -14.23 -8.18 -50.03
CA TYR D 89 -13.98 -9.56 -49.61
C TYR D 89 -12.70 -10.13 -50.20
N ASP D 90 -11.82 -9.28 -50.74
CA ASP D 90 -10.47 -9.63 -51.19
C ASP D 90 -10.49 -10.70 -52.29
N ASN D 91 -11.35 -10.47 -53.28
CA ASN D 91 -11.53 -11.39 -54.40
C ASN D 91 -10.85 -10.77 -55.61
N LEU D 92 -9.61 -11.19 -55.87
CA LEU D 92 -8.84 -10.62 -56.98
C LEU D 92 -9.37 -11.09 -58.32
N GLU D 93 -9.65 -12.39 -58.45
CA GLU D 93 -10.09 -12.95 -59.73
C GLU D 93 -11.46 -12.41 -60.12
N ALA D 94 -12.38 -12.32 -59.15
CA ALA D 94 -13.70 -11.76 -59.42
C ALA D 94 -13.60 -10.30 -59.84
N ALA D 95 -12.76 -9.52 -59.15
CA ALA D 95 -12.59 -8.12 -59.49
C ALA D 95 -12.02 -7.95 -60.88
N THR D 96 -11.03 -8.77 -61.26
CA THR D 96 -10.50 -8.70 -62.61
C THR D 96 -11.55 -9.12 -63.64
N LEU D 97 -12.44 -10.05 -63.27
CA LEU D 97 -13.53 -10.44 -64.17
C LEU D 97 -14.49 -9.29 -64.46
N LEU D 98 -14.97 -8.60 -63.42
CA LEU D 98 -15.90 -7.52 -63.76
C LEU D 98 -15.22 -6.21 -64.17
N MET D 99 -13.91 -6.05 -64.00
CA MET D 99 -13.25 -4.95 -64.70
C MET D 99 -12.93 -5.31 -66.15
N GLU D 100 -12.82 -6.60 -66.47
CA GLU D 100 -12.75 -6.99 -67.88
C GLU D 100 -14.11 -6.80 -68.56
N ALA D 101 -15.19 -7.19 -67.89
CA ALA D 101 -16.52 -7.03 -68.48
C ALA D 101 -16.98 -5.57 -68.45
N ALA D 102 -16.76 -4.88 -67.33
CA ALA D 102 -17.22 -3.51 -67.17
C ALA D 102 -16.04 -2.64 -66.74
N PRO D 103 -15.34 -2.01 -67.68
CA PRO D 103 -14.20 -1.17 -67.31
C PRO D 103 -14.60 0.12 -66.61
N GLU D 104 -15.82 0.61 -66.85
CA GLU D 104 -16.30 1.84 -66.21
C GLU D 104 -16.68 1.65 -64.75
N LEU D 105 -16.76 0.40 -64.27
CA LEU D 105 -17.13 0.12 -62.89
C LEU D 105 -16.06 0.51 -61.89
N ALA D 106 -14.83 0.80 -62.34
CA ALA D 106 -13.73 1.17 -61.45
C ALA D 106 -13.65 2.68 -61.24
N LYS D 107 -14.74 3.41 -61.49
CA LYS D 107 -14.71 4.85 -61.34
C LYS D 107 -15.91 5.33 -60.52
N GLU D 108 -16.93 4.49 -60.41
CA GLU D 108 -18.14 4.89 -59.70
C GLU D 108 -17.95 4.70 -58.19
N PRO D 109 -18.25 5.73 -57.40
CA PRO D 109 -18.21 5.57 -55.94
C PRO D 109 -19.56 5.16 -55.38
N ALA D 110 -19.61 4.88 -54.08
CA ALA D 110 -20.89 4.61 -53.43
C ALA D 110 -21.67 5.90 -53.26
N LEU D 111 -23.00 5.77 -53.22
CA LEU D 111 -23.87 6.94 -53.35
C LEU D 111 -24.58 7.34 -52.06
N CYS D 112 -25.11 6.40 -51.29
CA CYS D 112 -25.90 6.74 -50.12
C CYS D 112 -25.00 7.21 -48.98
N GLU D 113 -25.62 7.81 -47.96
CA GLU D 113 -25.00 8.63 -46.91
C GLU D 113 -23.86 8.01 -46.09
N PRO D 114 -23.95 6.78 -45.55
CA PRO D 114 -22.86 6.33 -44.65
C PRO D 114 -21.55 6.02 -45.36
N PHE D 115 -21.56 5.87 -46.69
CA PHE D 115 -20.32 5.54 -47.40
C PHE D 115 -20.19 6.32 -48.71
N VAL D 116 -20.75 7.53 -48.77
CA VAL D 116 -20.74 8.29 -50.01
C VAL D 116 -19.33 8.77 -50.33
N GLY D 117 -18.87 8.48 -51.54
CA GLY D 117 -17.54 8.81 -52.00
C GLY D 117 -16.57 7.64 -52.00
N GLN D 118 -16.95 6.54 -51.36
CA GLN D 118 -16.08 5.37 -51.29
C GLN D 118 -16.01 4.65 -52.63
N THR D 119 -14.82 4.59 -53.20
CA THR D 119 -14.57 3.85 -54.42
C THR D 119 -13.99 2.47 -54.08
N ALA D 120 -13.85 1.64 -55.12
CA ALA D 120 -13.20 0.35 -54.94
C ALA D 120 -11.73 0.49 -54.62
N LEU D 121 -11.10 1.59 -55.03
CA LEU D 121 -9.71 1.85 -54.69
C LEU D 121 -9.53 2.02 -53.19
N HIS D 122 -10.50 2.66 -52.53
CA HIS D 122 -10.44 2.84 -51.08
C HIS D 122 -10.46 1.50 -50.35
N ILE D 123 -11.35 0.59 -50.77
CA ILE D 123 -11.48 -0.69 -50.09
C ILE D 123 -10.31 -1.60 -50.45
N ALA D 124 -9.75 -1.46 -51.65
CA ALA D 124 -8.57 -2.23 -52.01
C ALA D 124 -7.34 -1.75 -51.26
N VAL D 125 -7.24 -0.45 -51.04
CA VAL D 125 -6.12 0.12 -50.28
C VAL D 125 -6.25 -0.26 -48.81
N MET D 126 -7.48 -0.27 -48.28
CA MET D 126 -7.70 -0.65 -46.89
C MET D 126 -7.32 -2.10 -46.63
N ASN D 127 -7.57 -2.98 -47.60
CA ASN D 127 -7.25 -4.39 -47.46
C ASN D 127 -5.81 -4.72 -47.84
N GLN D 128 -5.04 -3.71 -48.25
CA GLN D 128 -3.61 -3.84 -48.61
C GLN D 128 -3.40 -4.84 -49.75
N ASN D 129 -4.30 -4.83 -50.72
CA ASN D 129 -4.20 -5.70 -51.89
C ASN D 129 -3.45 -4.93 -52.97
N LEU D 130 -2.18 -5.30 -53.19
CA LEU D 130 -1.32 -4.56 -54.11
C LEU D 130 -1.75 -4.75 -55.55
N ASN D 131 -1.99 -6.01 -55.96
CA ASN D 131 -2.35 -6.29 -57.34
C ASN D 131 -3.73 -5.76 -57.68
N LEU D 132 -4.65 -5.73 -56.71
CA LEU D 132 -5.96 -5.15 -56.95
C LEU D 132 -5.88 -3.64 -57.14
N VAL D 133 -5.00 -2.98 -56.37
CA VAL D 133 -4.79 -1.54 -56.56
C VAL D 133 -4.15 -1.27 -57.92
N ARG D 134 -3.21 -2.11 -58.33
CA ARG D 134 -2.60 -1.97 -59.65
C ARG D 134 -3.63 -2.17 -60.77
N ALA D 135 -4.52 -3.15 -60.62
CA ALA D 135 -5.53 -3.41 -61.63
C ALA D 135 -6.57 -2.31 -61.68
N LEU D 136 -6.91 -1.74 -60.51
CA LEU D 136 -7.84 -0.61 -60.49
C LEU D 136 -7.23 0.63 -61.12
N LEU D 137 -5.94 0.88 -60.84
CA LEU D 137 -5.28 2.05 -61.43
C LEU D 137 -5.05 1.86 -62.92
N ALA D 138 -4.94 0.61 -63.38
CA ALA D 138 -4.86 0.37 -64.82
C ALA D 138 -6.20 0.62 -65.50
N ARG D 139 -7.31 0.41 -64.80
CA ARG D 139 -8.63 0.61 -65.37
C ARG D 139 -9.09 2.06 -65.31
N GLY D 140 -8.42 2.91 -64.55
CA GLY D 140 -8.78 4.31 -64.50
C GLY D 140 -9.42 4.76 -63.20
N ALA D 141 -9.01 4.15 -62.08
CA ALA D 141 -9.50 4.57 -60.77
C ALA D 141 -8.93 5.93 -60.42
N SER D 142 -9.77 6.79 -59.85
CA SER D 142 -9.35 8.13 -59.49
C SER D 142 -8.44 8.11 -58.26
N VAL D 143 -7.29 8.76 -58.38
CA VAL D 143 -6.35 8.83 -57.26
C VAL D 143 -6.72 9.91 -56.26
N SER D 144 -7.68 10.78 -56.59
CA SER D 144 -8.09 11.87 -55.72
C SER D 144 -9.57 11.76 -55.37
N ALA D 145 -10.08 10.54 -55.25
CA ALA D 145 -11.47 10.34 -54.86
C ALA D 145 -11.63 10.63 -53.37
N ARG D 146 -12.68 11.39 -53.04
CA ARG D 146 -12.93 11.84 -51.68
C ARG D 146 -14.09 11.05 -51.09
N ALA D 147 -13.80 10.27 -50.06
CA ALA D 147 -14.83 9.48 -49.37
C ALA D 147 -15.42 10.32 -48.25
N THR D 148 -16.43 11.10 -48.60
CA THR D 148 -17.05 12.05 -47.68
C THR D 148 -18.20 11.43 -46.88
N GLY D 149 -18.19 10.12 -46.67
CA GLY D 149 -19.25 9.47 -45.93
C GLY D 149 -19.13 9.70 -44.43
N ALA D 150 -20.15 9.26 -43.71
CA ALA D 150 -20.19 9.39 -42.26
C ALA D 150 -19.35 8.33 -41.55
N ALA D 151 -18.87 7.32 -42.28
CA ALA D 151 -18.02 6.28 -41.70
C ALA D 151 -16.54 6.59 -41.84
N PHE D 152 -16.19 7.74 -42.40
CA PHE D 152 -14.80 8.13 -42.56
C PHE D 152 -14.44 9.42 -41.82
N ARG D 153 -15.40 10.11 -41.23
CA ARG D 153 -15.12 11.32 -40.48
C ARG D 153 -14.50 10.97 -39.13
N ARG D 154 -13.77 11.93 -38.57
CA ARG D 154 -13.18 11.76 -37.24
C ARG D 154 -14.28 11.97 -36.21
N SER D 155 -14.89 10.87 -35.79
CA SER D 155 -15.99 10.88 -34.83
C SER D 155 -15.77 9.76 -33.83
N PRO D 156 -16.35 9.88 -32.63
CA PRO D 156 -16.37 8.73 -31.70
C PRO D 156 -17.21 7.57 -32.21
N HIS D 157 -18.11 7.81 -33.17
CA HIS D 157 -18.85 6.71 -33.79
C HIS D 157 -17.92 5.78 -34.56
N ASN D 158 -16.97 6.34 -35.30
CA ASN D 158 -16.05 5.56 -36.10
C ASN D 158 -14.87 5.09 -35.27
N LEU D 159 -14.48 3.83 -35.45
CA LEU D 159 -13.36 3.29 -34.71
C LEU D 159 -12.03 3.79 -35.26
N ILE D 160 -11.98 4.14 -36.54
CA ILE D 160 -10.77 4.61 -37.19
C ILE D 160 -11.04 5.95 -37.87
N TYR D 161 -9.97 6.71 -38.07
CA TYR D 161 -10.02 7.94 -38.86
C TYR D 161 -8.82 7.90 -39.80
N TYR D 162 -9.04 7.44 -41.03
CA TYR D 162 -7.98 7.30 -42.01
C TYR D 162 -8.01 8.40 -43.07
N GLY D 163 -8.93 9.34 -42.97
CA GLY D 163 -9.01 10.43 -43.92
C GLY D 163 -10.13 10.26 -44.93
N GLU D 164 -9.96 10.85 -46.11
CA GLU D 164 -10.94 10.74 -47.18
C GLU D 164 -10.35 10.35 -48.53
N HIS D 165 -9.05 10.53 -48.74
CA HIS D 165 -8.32 10.25 -49.96
C HIS D 165 -7.64 8.89 -49.89
N PRO D 166 -7.43 8.23 -51.03
CA PRO D 166 -6.71 6.94 -51.02
C PRO D 166 -5.27 7.04 -50.55
N LEU D 167 -4.62 8.19 -50.73
CA LEU D 167 -3.26 8.35 -50.25
C LEU D 167 -3.20 8.37 -48.72
N SER D 168 -4.16 9.05 -48.08
CA SER D 168 -4.23 9.03 -46.62
C SER D 168 -4.57 7.65 -46.10
N PHE D 169 -5.45 6.94 -46.80
CA PHE D 169 -5.79 5.56 -46.43
C PHE D 169 -4.57 4.65 -46.52
N ALA D 170 -3.78 4.79 -47.59
CA ALA D 170 -2.60 3.96 -47.77
C ALA D 170 -1.49 4.33 -46.78
N ALA D 171 -1.42 5.61 -46.40
CA ALA D 171 -0.46 6.02 -45.37
C ALA D 171 -0.87 5.50 -44.00
N CYS D 172 -2.17 5.33 -43.76
CA CYS D 172 -2.63 4.92 -42.44
C CYS D 172 -2.72 3.42 -42.27
N VAL D 173 -2.91 2.65 -43.36
CA VAL D 173 -2.98 1.21 -43.20
C VAL D 173 -1.60 0.61 -42.90
N GLY D 174 -0.54 1.30 -43.28
CA GLY D 174 0.80 0.84 -42.99
C GLY D 174 1.58 0.26 -44.16
N SER D 175 1.26 0.64 -45.39
CA SER D 175 1.89 0.08 -46.58
C SER D 175 2.71 1.17 -47.27
N GLU D 176 4.00 0.89 -47.49
CA GLU D 176 4.83 1.83 -48.24
C GLU D 176 4.52 1.76 -49.73
N GLU D 177 4.38 0.55 -50.27
CA GLU D 177 4.40 0.35 -51.72
C GLU D 177 3.19 0.97 -52.41
N ILE D 178 2.01 0.85 -51.79
CA ILE D 178 0.82 1.48 -52.36
C ILE D 178 0.91 2.99 -52.26
N VAL D 179 1.63 3.52 -51.27
CA VAL D 179 1.85 4.97 -51.19
C VAL D 179 2.73 5.44 -52.36
N ARG D 180 3.84 4.74 -52.64
CA ARG D 180 4.67 5.13 -53.78
C ARG D 180 3.92 4.95 -55.10
N LEU D 181 3.10 3.91 -55.20
CA LEU D 181 2.32 3.66 -56.41
C LEU D 181 1.29 4.75 -56.64
N LEU D 182 0.58 5.16 -55.58
CA LEU D 182 -0.42 6.21 -55.69
C LEU D 182 0.21 7.56 -55.99
N ILE D 183 1.39 7.83 -55.41
CA ILE D 183 2.07 9.09 -55.69
C ILE D 183 2.58 9.13 -57.12
N GLU D 184 3.11 8.00 -57.61
CA GLU D 184 3.59 7.95 -59.00
C GLU D 184 2.43 7.95 -59.98
N HIS D 185 1.23 7.59 -59.53
CA HIS D 185 0.05 7.70 -60.38
C HIS D 185 -0.62 9.06 -60.30
N GLY D 186 -0.19 9.94 -59.41
CA GLY D 186 -0.68 11.31 -59.42
C GLY D 186 -1.58 11.70 -58.27
N ALA D 187 -1.42 11.07 -57.11
CA ALA D 187 -2.19 11.45 -55.93
C ALA D 187 -1.61 12.73 -55.35
N ASP D 188 -2.50 13.64 -54.94
CA ASP D 188 -2.07 14.90 -54.35
C ASP D 188 -1.59 14.67 -52.92
N ILE D 189 -0.33 15.00 -52.65
CA ILE D 189 0.22 14.85 -51.31
C ILE D 189 -0.39 15.88 -50.37
N ARG D 190 -0.73 17.07 -50.89
CA ARG D 190 -1.30 18.15 -50.10
C ARG D 190 -2.82 18.12 -50.10
N ALA D 191 -3.43 16.95 -50.27
CA ALA D 191 -4.88 16.86 -50.28
C ALA D 191 -5.45 17.00 -48.88
N GLN D 192 -6.49 17.82 -48.76
CA GLN D 192 -7.16 18.08 -47.48
C GLN D 192 -8.58 17.56 -47.51
N ASP D 193 -9.02 16.97 -46.40
CA ASP D 193 -10.35 16.41 -46.31
C ASP D 193 -11.34 17.48 -45.83
N SER D 194 -12.53 17.06 -45.41
CA SER D 194 -13.54 18.01 -44.94
C SER D 194 -13.14 18.65 -43.61
N LEU D 195 -12.33 17.97 -42.82
CA LEU D 195 -11.82 18.56 -41.58
C LEU D 195 -10.62 19.46 -41.81
N GLY D 196 -10.13 19.57 -43.04
CA GLY D 196 -8.96 20.36 -43.33
C GLY D 196 -7.64 19.69 -43.04
N ASN D 197 -7.65 18.43 -42.63
CA ASN D 197 -6.42 17.72 -42.31
C ASN D 197 -5.71 17.26 -43.58
N THR D 198 -4.41 17.50 -43.63
CA THR D 198 -3.57 16.90 -44.66
C THR D 198 -3.25 15.46 -44.28
N VAL D 199 -2.48 14.79 -45.12
CA VAL D 199 -2.09 13.40 -44.84
C VAL D 199 -1.14 13.34 -43.65
N LEU D 200 -0.38 14.41 -43.40
CA LEU D 200 0.50 14.47 -42.23
C LEU D 200 -0.30 14.52 -40.94
N HIS D 201 -1.39 15.31 -40.93
CA HIS D 201 -2.26 15.39 -39.76
C HIS D 201 -2.88 14.05 -39.42
N ILE D 202 -3.42 13.36 -40.44
CA ILE D 202 -4.06 12.07 -40.24
C ILE D 202 -3.05 11.02 -39.83
N LEU D 203 -1.81 11.10 -40.35
CA LEU D 203 -0.75 10.21 -39.91
C LEU D 203 -0.40 10.44 -38.43
N ILE D 204 -0.39 11.70 -38.00
CA ILE D 204 -0.13 11.99 -36.59
C ILE D 204 -1.27 11.48 -35.71
N LEU D 205 -2.51 11.54 -36.20
CA LEU D 205 -3.67 11.08 -35.42
C LEU D 205 -3.79 9.56 -35.33
N GLN D 206 -2.79 8.78 -35.76
CA GLN D 206 -2.85 7.32 -35.69
C GLN D 206 -2.33 6.81 -34.36
N PRO D 207 -2.84 5.67 -33.88
CA PRO D 207 -2.32 5.10 -32.63
C PRO D 207 -1.13 4.17 -32.79
N ASN D 208 -0.59 4.00 -34.00
CA ASN D 208 0.60 3.19 -34.18
C ASN D 208 1.82 3.86 -33.55
N LYS D 209 2.01 5.16 -33.85
CA LYS D 209 2.92 6.08 -33.19
C LYS D 209 4.41 5.79 -33.41
N THR D 210 4.74 4.70 -34.11
CA THR D 210 6.12 4.34 -34.40
C THR D 210 6.41 4.25 -35.89
N PHE D 211 5.59 3.51 -36.64
CA PHE D 211 5.76 3.40 -38.08
C PHE D 211 5.22 4.63 -38.80
N ALA D 212 4.37 5.40 -38.11
CA ALA D 212 3.87 6.66 -38.66
C ALA D 212 5.00 7.66 -38.90
N CYS D 213 6.07 7.59 -38.10
CA CYS D 213 7.27 8.39 -38.39
C CYS D 213 7.94 7.98 -39.69
N GLN D 214 8.01 6.68 -39.99
CA GLN D 214 8.56 6.22 -41.25
C GLN D 214 7.72 6.68 -42.43
N MET D 215 6.39 6.55 -42.32
CA MET D 215 5.52 7.08 -43.35
C MET D 215 5.56 8.61 -43.47
N TYR D 216 5.80 9.31 -42.36
CA TYR D 216 5.97 10.76 -42.40
C TYR D 216 7.23 11.15 -43.15
N ASN D 217 8.33 10.42 -42.91
CA ASN D 217 9.56 10.65 -43.66
C ASN D 217 9.37 10.35 -45.14
N LEU D 218 8.66 9.26 -45.45
CA LEU D 218 8.40 8.89 -46.84
C LEU D 218 7.56 9.95 -47.55
N LEU D 219 6.53 10.47 -46.89
CA LEU D 219 5.68 11.48 -47.52
C LEU D 219 6.35 12.86 -47.54
N LEU D 220 7.28 13.13 -46.62
CA LEU D 220 8.04 14.37 -46.70
C LEU D 220 9.12 14.30 -47.76
N SER D 221 9.54 13.08 -48.14
CA SER D 221 10.51 12.93 -49.21
C SER D 221 9.94 13.39 -50.55
N TYR D 222 8.63 13.24 -50.74
CA TYR D 222 7.98 13.69 -51.97
C TYR D 222 7.52 15.15 -51.91
N ASP D 223 7.61 15.79 -50.75
CA ASP D 223 7.27 17.21 -50.67
C ASP D 223 8.35 18.07 -51.31
N GLU D 224 9.60 17.64 -51.22
CA GLU D 224 10.72 18.41 -51.76
C GLU D 224 10.94 18.06 -53.23
N GLN D 230 4.85 26.78 -50.33
CA GLN D 230 5.18 26.53 -48.93
C GLN D 230 5.30 25.03 -48.67
N SER D 231 5.88 24.68 -47.53
CA SER D 231 6.05 23.29 -47.15
C SER D 231 4.73 22.67 -46.71
N LEU D 232 4.66 21.35 -46.80
CA LEU D 232 3.47 20.64 -46.35
C LEU D 232 3.36 20.64 -44.83
N GLU D 233 4.48 20.79 -44.13
CA GLU D 233 4.48 20.83 -42.68
C GLU D 233 3.91 22.12 -42.11
N LEU D 234 3.69 23.13 -42.94
CA LEU D 234 3.15 24.42 -42.50
C LEU D 234 1.74 24.68 -43.01
N VAL D 235 1.05 23.65 -43.52
CA VAL D 235 -0.33 23.78 -43.98
C VAL D 235 -1.24 23.68 -42.78
N PRO D 236 -2.02 24.71 -42.46
CA PRO D 236 -2.81 24.68 -41.23
C PRO D 236 -4.03 23.78 -41.35
N ASN D 237 -4.54 23.38 -40.18
CA ASN D 237 -5.79 22.67 -40.04
C ASN D 237 -6.94 23.68 -40.09
N HIS D 238 -8.18 23.17 -40.19
CA HIS D 238 -9.34 24.04 -40.06
C HIS D 238 -9.49 24.60 -38.65
N GLN D 239 -8.88 23.95 -37.65
CA GLN D 239 -8.72 24.53 -36.33
C GLN D 239 -7.52 25.46 -36.25
N GLY D 240 -6.76 25.63 -37.33
CA GLY D 240 -5.59 26.47 -37.35
C GLY D 240 -4.32 25.82 -36.88
N LEU D 241 -4.23 24.48 -36.92
CA LEU D 241 -3.11 23.75 -36.36
C LEU D 241 -2.19 23.26 -37.48
N THR D 242 -0.90 23.46 -37.29
CA THR D 242 0.12 22.78 -38.07
C THR D 242 0.21 21.33 -37.58
N PRO D 243 0.86 20.45 -38.35
CA PRO D 243 1.15 19.10 -37.82
C PRO D 243 1.98 19.12 -36.56
N PHE D 244 2.87 20.10 -36.40
CA PHE D 244 3.60 20.28 -35.15
C PHE D 244 2.64 20.60 -33.99
N LYS D 245 1.71 21.52 -34.23
CA LYS D 245 0.72 21.87 -33.20
C LYS D 245 -0.25 20.73 -32.95
N LEU D 246 -0.58 19.95 -33.98
CA LEU D 246 -1.45 18.79 -33.77
C LEU D 246 -0.75 17.71 -32.96
N ALA D 247 0.55 17.49 -33.21
CA ALA D 247 1.31 16.55 -32.40
C ALA D 247 1.45 17.04 -30.96
N GLY D 248 1.51 18.35 -30.77
CA GLY D 248 1.50 18.89 -29.41
C GLY D 248 0.17 18.73 -28.71
N VAL D 249 -0.94 18.92 -29.45
CA VAL D 249 -2.26 18.90 -28.83
C VAL D 249 -2.67 17.48 -28.48
N GLU D 250 -2.51 16.54 -29.42
CA GLU D 250 -2.92 15.16 -29.19
C GLU D 250 -1.99 14.39 -28.27
N GLY D 251 -0.84 14.96 -27.90
CA GLY D 251 0.06 14.28 -27.01
C GLY D 251 0.87 13.17 -27.64
N ASN D 252 1.23 13.32 -28.91
CA ASN D 252 2.00 12.30 -29.62
C ASN D 252 3.48 12.56 -29.34
N THR D 253 3.98 11.91 -28.29
CA THR D 253 5.33 12.22 -27.80
C THR D 253 6.40 11.64 -28.72
N VAL D 254 6.19 10.43 -29.25
CA VAL D 254 7.13 9.84 -30.18
C VAL D 254 7.17 10.63 -31.48
N MET D 255 6.00 11.09 -31.94
CA MET D 255 5.95 11.91 -33.13
C MET D 255 6.57 13.29 -32.91
N PHE D 256 6.41 13.83 -31.71
CA PHE D 256 7.06 15.10 -31.37
C PHE D 256 8.58 14.94 -31.35
N GLN D 257 9.07 13.83 -30.82
CA GLN D 257 10.51 13.57 -30.81
C GLN D 257 11.04 13.37 -32.22
N HIS D 258 10.27 12.71 -33.08
CA HIS D 258 10.67 12.56 -34.47
C HIS D 258 10.66 13.89 -35.21
N LEU D 259 9.70 14.75 -34.91
CA LEU D 259 9.64 16.07 -35.53
C LEU D 259 10.77 16.97 -35.05
N MET D 260 11.23 16.78 -33.82
CA MET D 260 12.31 17.60 -33.30
C MET D 260 13.69 17.19 -33.80
N GLN D 261 13.80 16.07 -34.52
CA GLN D 261 15.09 15.71 -35.11
C GLN D 261 15.45 16.64 -36.26
N LYS D 262 14.45 17.08 -37.02
CA LYS D 262 14.70 17.97 -38.16
C LYS D 262 14.92 19.41 -37.73
N ARG D 263 14.63 19.75 -36.47
CA ARG D 263 14.76 21.10 -35.97
C ARG D 263 15.88 21.25 -34.95
N LYS D 264 16.76 20.26 -34.86
CA LYS D 264 17.92 20.32 -33.97
C LYS D 264 19.19 20.40 -34.79
N HIS D 265 20.29 20.77 -34.13
CA HIS D 265 21.59 20.86 -34.79
C HIS D 265 22.66 20.65 -33.73
N VAL D 266 23.40 19.55 -33.86
CA VAL D 266 24.48 19.24 -32.92
C VAL D 266 25.66 20.15 -33.24
N GLN D 267 25.98 21.05 -32.31
CA GLN D 267 27.10 21.96 -32.52
C GLN D 267 28.44 21.23 -32.46
N TRP D 268 28.64 20.41 -31.43
CA TRP D 268 29.86 19.64 -31.28
C TRP D 268 29.59 18.46 -30.37
N THR D 269 30.52 17.51 -30.38
CA THR D 269 30.49 16.37 -29.47
C THR D 269 31.91 16.12 -28.98
N CYS D 270 32.14 16.29 -27.69
CA CYS D 270 33.47 16.12 -27.09
C CYS D 270 33.36 15.10 -25.97
N GLY D 271 33.71 13.85 -26.28
CA GLY D 271 33.61 12.77 -25.33
C GLY D 271 32.17 12.45 -24.99
N PRO D 272 31.85 12.43 -23.69
CA PRO D 272 30.46 12.19 -23.28
C PRO D 272 29.57 13.41 -23.38
N LEU D 273 30.12 14.59 -23.66
CA LEU D 273 29.36 15.83 -23.72
C LEU D 273 29.06 16.18 -25.17
N THR D 274 27.80 16.52 -25.44
CA THR D 274 27.37 16.99 -26.75
C THR D 274 26.48 18.20 -26.57
N SER D 275 26.61 19.17 -27.48
CA SER D 275 25.82 20.39 -27.43
C SER D 275 24.86 20.41 -28.61
N THR D 276 23.57 20.55 -28.32
CA THR D 276 22.53 20.51 -29.33
C THR D 276 21.81 21.85 -29.38
N LEU D 277 21.40 22.27 -30.57
CA LEU D 277 20.80 23.58 -30.80
C LEU D 277 19.39 23.38 -31.36
N TYR D 278 18.39 23.34 -30.47
CA TYR D 278 17.02 23.11 -30.87
C TYR D 278 16.38 24.41 -31.34
N ASP D 279 15.58 24.32 -32.40
CA ASP D 279 14.90 25.49 -32.94
C ASP D 279 13.61 25.74 -32.17
N LEU D 280 13.38 27.00 -31.80
CA LEU D 280 12.21 27.39 -31.02
C LEU D 280 11.19 28.16 -31.83
N THR D 281 11.20 28.02 -33.15
CA THR D 281 10.25 28.74 -33.99
C THR D 281 8.84 28.19 -33.81
N GLU D 282 8.67 26.88 -33.88
CA GLU D 282 7.35 26.27 -33.76
C GLU D 282 6.93 26.10 -32.30
N ILE D 283 7.87 26.17 -31.37
CA ILE D 283 7.58 25.85 -29.97
C ILE D 283 7.27 27.09 -29.16
N ASP D 284 8.11 28.12 -29.25
CA ASP D 284 7.85 29.35 -28.51
C ASP D 284 6.66 30.11 -29.10
N SER D 285 6.58 30.15 -30.44
CA SER D 285 5.52 30.78 -31.22
C SER D 285 5.34 32.24 -30.84
N TRP D 286 6.39 33.05 -31.02
CA TRP D 286 6.38 34.44 -30.62
C TRP D 286 5.54 35.26 -31.60
N GLY D 287 4.63 36.06 -31.05
CA GLY D 287 3.74 36.88 -31.84
C GLY D 287 2.42 36.23 -32.19
N GLU D 288 2.31 34.92 -32.06
CA GLU D 288 1.06 34.24 -32.35
C GLU D 288 0.09 34.41 -31.18
N GLU D 289 -1.20 34.56 -31.51
CA GLU D 289 -2.22 34.66 -30.48
C GLU D 289 -2.41 33.32 -29.78
N LEU D 290 -2.41 32.23 -30.54
CA LEU D 290 -2.49 30.88 -30.00
C LEU D 290 -1.16 30.17 -30.21
N SER D 291 -0.38 30.06 -29.15
CA SER D 291 0.97 29.51 -29.23
C SER D 291 0.92 27.99 -29.08
N PHE D 292 2.09 27.37 -29.22
CA PHE D 292 2.20 25.92 -29.08
C PHE D 292 1.92 25.48 -27.65
N LEU D 293 2.59 26.10 -26.69
CA LEU D 293 2.45 25.74 -25.28
C LEU D 293 1.06 26.03 -24.72
N GLU D 294 0.42 27.09 -25.18
CA GLU D 294 -0.95 27.40 -24.77
C GLU D 294 -1.92 26.33 -25.26
N LEU D 295 -1.74 25.85 -26.49
CA LEU D 295 -2.56 24.75 -26.99
C LEU D 295 -2.25 23.44 -26.28
N VAL D 296 -1.00 23.21 -25.90
CA VAL D 296 -0.65 21.99 -25.19
C VAL D 296 -1.22 21.95 -23.77
N VAL D 297 -1.07 23.03 -22.99
CA VAL D 297 -1.53 23.00 -21.61
C VAL D 297 -3.05 23.13 -21.50
N SER D 298 -3.73 23.59 -22.55
CA SER D 298 -5.19 23.71 -22.54
C SER D 298 -5.84 22.64 -23.41
N SER D 299 -5.19 21.50 -23.58
CA SER D 299 -5.74 20.41 -24.36
C SER D 299 -6.50 19.45 -23.46
N LYS D 300 -7.58 18.88 -23.98
CA LYS D 300 -8.42 17.97 -23.21
C LYS D 300 -7.85 16.56 -23.11
N LYS D 301 -6.78 16.25 -23.84
CA LYS D 301 -6.18 14.93 -23.78
C LYS D 301 -5.23 14.83 -22.58
N ARG D 302 -5.21 13.64 -21.97
CA ARG D 302 -4.31 13.39 -20.85
C ARG D 302 -2.87 13.20 -21.30
N GLU D 303 -2.64 12.83 -22.56
CA GLU D 303 -1.30 12.62 -23.07
C GLU D 303 -0.61 13.91 -23.50
N ALA D 304 -1.34 15.03 -23.54
CA ALA D 304 -0.74 16.29 -23.96
C ALA D 304 0.24 16.84 -22.92
N ARG D 305 0.06 16.47 -21.65
CA ARG D 305 0.95 16.93 -20.60
C ARG D 305 2.32 16.27 -20.65
N GLN D 306 2.46 15.18 -21.41
CA GLN D 306 3.77 14.55 -21.59
C GLN D 306 4.62 15.23 -22.65
N ILE D 307 4.02 16.12 -23.45
CA ILE D 307 4.78 16.92 -24.40
C ILE D 307 5.65 17.93 -23.67
N LEU D 308 5.23 18.37 -22.48
CA LEU D 308 5.97 19.35 -21.71
C LEU D 308 7.23 18.79 -21.07
N GLU D 309 7.45 17.48 -21.13
CA GLU D 309 8.64 16.85 -20.58
C GLU D 309 9.66 16.46 -21.64
N GLN D 310 9.50 16.96 -22.87
CA GLN D 310 10.38 16.55 -23.95
C GLN D 310 11.65 17.40 -23.97
N THR D 311 12.48 17.15 -24.98
CA THR D 311 13.88 17.59 -24.91
C THR D 311 14.10 19.09 -25.13
N PRO D 312 13.35 19.81 -26.01
CA PRO D 312 13.43 21.29 -25.93
C PRO D 312 12.50 21.91 -24.90
N VAL D 313 11.30 21.33 -24.77
CA VAL D 313 10.19 22.01 -24.12
C VAL D 313 10.38 22.07 -22.61
N LYS D 314 10.91 21.00 -22.01
CA LYS D 314 11.08 20.95 -20.57
C LYS D 314 12.06 22.01 -20.07
N GLU D 315 13.22 22.10 -20.72
CA GLU D 315 14.19 23.14 -20.32
C GLU D 315 13.73 24.53 -20.75
N LEU D 316 12.94 24.65 -21.83
CA LEU D 316 12.40 25.96 -22.18
C LEU D 316 11.45 26.49 -21.10
N VAL D 317 10.48 25.67 -20.70
CA VAL D 317 9.53 26.11 -19.68
C VAL D 317 10.19 26.18 -18.31
N SER D 318 11.26 25.39 -18.09
CA SER D 318 11.97 25.48 -16.82
C SER D 318 12.77 26.78 -16.71
N PHE D 319 13.41 27.19 -17.80
CA PHE D 319 14.09 28.48 -17.82
C PHE D 319 13.10 29.63 -17.68
N LYS D 320 11.94 29.52 -18.34
CA LYS D 320 10.91 30.55 -18.23
C LYS D 320 10.35 30.65 -16.81
N TRP D 321 10.19 29.51 -16.13
CA TRP D 321 9.68 29.52 -14.77
C TRP D 321 10.73 30.02 -13.78
N LYS D 322 11.98 29.58 -13.94
CA LYS D 322 13.02 29.93 -12.98
C LYS D 322 13.46 31.38 -13.13
N LYS D 323 13.49 31.91 -14.35
CA LYS D 323 14.01 33.26 -14.54
C LYS D 323 12.94 34.33 -14.34
N TYR D 324 11.71 34.09 -14.79
CA TYR D 324 10.68 35.12 -14.76
C TYR D 324 9.39 34.68 -14.10
N GLY D 325 8.98 33.42 -14.26
CA GLY D 325 7.65 33.01 -13.81
C GLY D 325 7.52 32.97 -12.30
N ARG D 326 8.52 32.39 -11.62
CA ARG D 326 8.43 32.24 -10.17
C ARG D 326 8.50 33.57 -9.41
N PRO D 327 9.42 34.52 -9.70
CA PRO D 327 9.36 35.79 -8.95
C PRO D 327 8.11 36.61 -9.23
N TYR D 328 7.62 36.60 -10.47
CA TYR D 328 6.39 37.36 -10.77
C TYR D 328 5.18 36.72 -10.12
N PHE D 329 5.14 35.39 -10.08
CA PHE D 329 4.06 34.70 -9.38
C PHE D 329 4.13 34.97 -7.88
N CYS D 330 5.35 35.04 -7.32
CA CYS D 330 5.50 35.30 -5.90
C CYS D 330 5.07 36.73 -5.54
N VAL D 331 5.44 37.72 -6.36
CA VAL D 331 5.02 39.08 -6.04
C VAL D 331 3.53 39.28 -6.29
N LEU D 332 2.95 38.55 -7.27
CA LEU D 332 1.50 38.60 -7.45
C LEU D 332 0.77 37.94 -6.29
N ALA D 333 1.32 36.85 -5.76
CA ALA D 333 0.75 36.22 -4.58
C ALA D 333 0.83 37.12 -3.35
N SER D 334 1.95 37.83 -3.19
CA SER D 334 2.09 38.78 -2.09
C SER D 334 1.11 39.94 -2.23
N LEU D 335 0.92 40.45 -3.44
CA LEU D 335 -0.05 41.52 -3.67
C LEU D 335 -1.47 41.05 -3.40
N TYR D 336 -1.80 39.82 -3.80
CA TYR D 336 -3.13 39.28 -3.52
C TYR D 336 -3.34 39.03 -2.04
N ILE D 337 -2.31 38.62 -1.32
CA ILE D 337 -2.42 38.43 0.13
C ILE D 337 -2.62 39.77 0.84
N LEU D 338 -1.90 40.81 0.39
CA LEU D 338 -2.10 42.15 0.96
C LEU D 338 -3.50 42.68 0.65
N TYR D 339 -4.00 42.41 -0.56
CA TYR D 339 -5.36 42.81 -0.91
C TYR D 339 -6.39 42.06 -0.07
N MET D 340 -6.14 40.78 0.20
CA MET D 340 -7.03 40.00 1.05
C MET D 340 -7.02 40.51 2.49
N ILE D 341 -5.84 40.92 2.97
CA ILE D 341 -5.73 41.51 4.31
C ILE D 341 -6.50 42.83 4.38
N CYS D 342 -6.40 43.65 3.32
CA CYS D 342 -7.14 44.90 3.28
C CYS D 342 -8.65 44.67 3.25
N PHE D 343 -9.11 43.69 2.47
CA PHE D 343 -10.54 43.37 2.41
C PHE D 343 -11.04 42.83 3.73
N THR D 344 -10.23 41.98 4.39
CA THR D 344 -10.60 41.46 5.71
C THR D 344 -10.68 42.57 6.75
N THR D 345 -9.72 43.51 6.72
CA THR D 345 -9.74 44.62 7.67
C THR D 345 -10.91 45.54 7.42
N CYS D 346 -11.32 45.69 6.16
CA CYS D 346 -12.54 46.46 5.87
C CYS D 346 -13.78 45.71 6.30
N CYS D 347 -13.74 44.38 6.31
CA CYS D 347 -14.88 43.61 6.80
C CYS D 347 -15.00 43.68 8.32
N ILE D 348 -13.88 43.68 9.03
CA ILE D 348 -13.91 43.70 10.49
C ILE D 348 -14.41 45.05 11.01
N TYR D 349 -13.94 46.14 10.40
CA TYR D 349 -14.27 47.48 10.85
C TYR D 349 -15.50 48.06 10.14
N ARG D 350 -16.43 47.20 9.70
CA ARG D 350 -17.61 47.66 8.98
C ARG D 350 -18.51 48.50 9.90
N PRO D 351 -19.22 49.47 9.34
CA PRO D 351 -20.03 50.39 10.18
C PRO D 351 -21.24 49.68 10.79
N LEU D 352 -21.30 49.70 12.12
CA LEU D 352 -22.42 49.13 12.86
C LEU D 352 -22.84 50.11 13.95
N LYS D 353 -24.15 50.24 14.15
CA LYS D 353 -24.70 51.10 15.18
C LYS D 353 -25.55 50.26 16.12
N LEU D 354 -25.88 50.85 17.28
CA LEU D 354 -26.73 50.18 18.25
C LEU D 354 -28.15 50.03 17.72
N ARG D 355 -28.79 48.92 18.08
CA ARG D 355 -30.12 48.62 17.57
C ARG D 355 -31.15 49.52 18.23
N ASP D 356 -31.94 50.22 17.41
CA ASP D 356 -32.96 51.12 17.94
C ASP D 356 -34.15 50.35 18.49
N ASP D 357 -34.56 49.29 17.78
CA ASP D 357 -35.70 48.50 18.24
C ASP D 357 -35.30 47.62 19.41
N ASN D 358 -36.19 47.56 20.40
CA ASN D 358 -35.92 46.78 21.61
C ASN D 358 -36.07 45.29 21.34
N ARG D 359 -35.31 44.49 22.08
CA ARG D 359 -35.32 43.04 21.93
C ARG D 359 -36.56 42.50 22.62
N THR D 360 -37.66 42.41 21.86
CA THR D 360 -38.90 41.89 22.42
C THR D 360 -38.83 40.39 22.62
N ASP D 361 -38.31 39.66 21.65
CA ASP D 361 -38.20 38.21 21.76
C ASP D 361 -37.05 37.85 22.69
N PRO D 362 -37.27 36.98 23.69
CA PRO D 362 -36.16 36.53 24.54
C PRO D 362 -35.07 35.79 23.79
N ARG D 363 -35.40 35.05 22.73
CA ARG D 363 -34.39 34.35 21.95
C ARG D 363 -33.61 35.28 21.03
N ASP D 364 -34.12 36.48 20.77
CA ASP D 364 -33.41 37.43 19.92
C ASP D 364 -32.21 38.01 20.66
N ILE D 365 -31.04 37.96 20.02
CA ILE D 365 -29.80 38.42 20.62
C ILE D 365 -29.12 39.50 19.79
N THR D 366 -29.81 40.01 18.76
CA THR D 366 -29.24 41.04 17.90
C THR D 366 -29.24 42.38 18.64
N ILE D 367 -28.05 42.89 18.95
CA ILE D 367 -27.91 44.15 19.65
C ILE D 367 -27.37 45.27 18.77
N LEU D 368 -26.84 44.95 17.58
CA LEU D 368 -26.27 45.94 16.69
C LEU D 368 -26.90 45.79 15.31
N GLN D 369 -26.92 46.90 14.56
CA GLN D 369 -27.44 46.89 13.20
C GLN D 369 -26.60 47.82 12.34
N GLN D 370 -26.83 47.73 11.03
CA GLN D 370 -26.00 48.43 10.06
C GLN D 370 -26.26 49.93 10.08
N LYS D 371 -25.21 50.70 9.79
CA LYS D 371 -25.34 52.13 9.62
C LYS D 371 -25.80 52.46 8.21
N LEU D 372 -26.25 53.71 8.04
CA LEU D 372 -26.68 54.18 6.74
C LEU D 372 -25.49 54.80 5.99
N LEU D 373 -25.76 55.35 4.80
CA LEU D 373 -24.70 55.91 3.97
C LEU D 373 -24.14 57.19 4.58
N GLN D 374 -25.03 58.12 4.95
CA GLN D 374 -24.58 59.39 5.51
C GLN D 374 -24.12 59.23 6.95
N GLU D 375 -24.62 58.21 7.64
CA GLU D 375 -24.26 58.00 9.04
C GLU D 375 -22.90 57.34 9.21
N ALA D 376 -22.40 56.65 8.19
CA ALA D 376 -21.17 55.87 8.36
C ALA D 376 -19.93 56.76 8.24
N TYR D 377 -19.69 57.31 7.06
CA TYR D 377 -18.41 57.97 6.75
C TYR D 377 -18.42 59.39 7.31
N VAL D 378 -18.23 59.49 8.63
CA VAL D 378 -18.21 60.79 9.30
C VAL D 378 -16.92 61.00 10.08
N THR D 379 -16.13 59.95 10.28
CA THR D 379 -14.91 60.07 11.06
C THR D 379 -13.66 59.80 10.21
N HIS D 380 -12.49 59.92 10.84
CA HIS D 380 -11.22 59.69 10.16
C HIS D 380 -10.97 58.21 9.91
N GLN D 381 -11.28 57.37 10.91
CA GLN D 381 -11.21 55.93 10.72
C GLN D 381 -12.19 55.46 9.65
N ASP D 382 -13.34 56.13 9.55
CA ASP D 382 -14.26 55.86 8.46
C ASP D 382 -13.69 56.27 7.11
N ASN D 383 -12.85 57.31 7.07
CA ASN D 383 -12.19 57.67 5.83
C ASN D 383 -11.11 56.66 5.45
N ILE D 384 -10.39 56.13 6.44
CA ILE D 384 -9.43 55.07 6.19
C ILE D 384 -10.13 53.82 5.66
N ARG D 385 -11.26 53.45 6.27
CA ARG D 385 -12.06 52.35 5.72
C ARG D 385 -12.65 52.68 4.35
N LEU D 386 -12.93 53.95 4.07
CA LEU D 386 -13.41 54.34 2.74
C LEU D 386 -12.34 54.11 1.68
N VAL D 387 -11.11 54.52 1.95
CA VAL D 387 -10.06 54.30 0.95
C VAL D 387 -9.70 52.81 0.86
N GLY D 388 -9.84 52.06 1.96
CA GLY D 388 -9.68 50.61 1.89
C GLY D 388 -10.74 49.92 1.07
N GLU D 389 -12.01 50.32 1.24
CA GLU D 389 -13.10 49.78 0.44
C GLU D 389 -13.00 50.19 -1.02
N LEU D 390 -12.51 51.39 -1.32
CA LEU D 390 -12.22 51.77 -2.70
C LEU D 390 -11.11 50.93 -3.30
N VAL D 391 -10.07 50.61 -2.54
CA VAL D 391 -9.04 49.68 -2.99
C VAL D 391 -9.64 48.29 -3.24
N THR D 392 -10.55 47.84 -2.36
CA THR D 392 -11.20 46.54 -2.53
C THR D 392 -12.04 46.49 -3.80
N VAL D 393 -12.85 47.53 -4.04
CA VAL D 393 -13.69 47.58 -5.24
C VAL D 393 -12.83 47.70 -6.49
N THR D 394 -11.73 48.47 -6.43
CA THR D 394 -10.81 48.57 -7.55
C THR D 394 -10.16 47.23 -7.87
N GLY D 395 -9.76 46.48 -6.84
CA GLY D 395 -9.23 45.14 -7.03
C GLY D 395 -10.23 44.16 -7.60
N ALA D 396 -11.49 44.24 -7.16
CA ALA D 396 -12.54 43.40 -7.72
C ALA D 396 -12.86 43.73 -9.17
N VAL D 397 -12.79 45.01 -9.54
CA VAL D 397 -12.98 45.40 -10.93
C VAL D 397 -11.81 44.94 -11.79
N ILE D 398 -10.59 45.08 -11.26
CA ILE D 398 -9.38 44.62 -11.96
C ILE D 398 -9.41 43.12 -12.17
N ILE D 399 -9.94 42.38 -11.18
CA ILE D 399 -10.11 40.93 -11.29
C ILE D 399 -11.04 40.56 -12.44
N LEU D 400 -12.16 41.28 -12.58
CA LEU D 400 -13.08 41.00 -13.68
C LEU D 400 -12.56 41.49 -15.02
N LEU D 401 -11.61 42.42 -15.03
CA LEU D 401 -11.00 42.85 -16.28
C LEU D 401 -9.92 41.89 -16.76
N LEU D 402 -9.50 40.96 -15.92
CA LEU D 402 -8.47 40.00 -16.27
C LEU D 402 -9.00 38.60 -16.51
N GLU D 403 -10.19 38.28 -16.01
CA GLU D 403 -10.71 36.92 -16.09
C GLU D 403 -11.78 36.77 -17.16
N ILE D 404 -12.71 37.72 -17.23
CA ILE D 404 -13.84 37.68 -18.16
C ILE D 404 -13.38 37.70 -19.63
N PRO D 405 -12.34 38.46 -20.04
CA PRO D 405 -11.77 38.19 -21.38
C PRO D 405 -11.23 36.79 -21.58
N ASP D 406 -10.66 36.17 -20.54
CA ASP D 406 -10.03 34.87 -20.70
C ASP D 406 -11.04 33.73 -20.86
N ILE D 407 -12.29 33.94 -20.46
CA ILE D 407 -13.31 32.93 -20.72
C ILE D 407 -13.63 32.87 -22.22
N PHE D 408 -13.63 34.03 -22.88
CA PHE D 408 -14.06 34.08 -24.26
C PHE D 408 -12.99 33.56 -25.21
N ARG D 409 -11.71 33.70 -24.85
CA ARG D 409 -10.63 33.25 -25.73
C ARG D 409 -10.54 31.72 -25.75
N VAL D 410 -10.88 31.07 -24.65
CA VAL D 410 -10.74 29.62 -24.53
C VAL D 410 -12.07 28.89 -24.52
N GLY D 411 -13.03 29.34 -23.72
CA GLY D 411 -14.30 28.64 -23.59
C GLY D 411 -14.65 28.33 -22.15
N ALA D 412 -15.95 28.42 -21.84
CA ALA D 412 -16.41 28.28 -20.46
C ALA D 412 -16.27 26.85 -19.95
N SER D 413 -16.28 25.87 -20.84
CA SER D 413 -16.10 24.49 -20.42
C SER D 413 -14.64 24.20 -20.06
N ARG D 414 -13.70 24.81 -20.78
CA ARG D 414 -12.29 24.56 -20.54
C ARG D 414 -11.69 25.49 -19.48
N TYR D 415 -12.20 26.72 -19.38
CA TYR D 415 -11.66 27.67 -18.41
C TYR D 415 -12.00 27.25 -16.98
N PHE D 416 -13.19 26.69 -16.78
CA PHE D 416 -13.64 26.29 -15.46
C PHE D 416 -13.52 24.79 -15.20
N GLY D 417 -13.27 23.99 -16.23
CA GLY D 417 -13.25 22.55 -16.06
C GLY D 417 -11.88 21.93 -16.04
N GLN D 418 -10.86 22.65 -16.53
CA GLN D 418 -9.51 22.15 -16.59
C GLN D 418 -8.76 22.58 -15.34
N THR D 419 -8.28 21.60 -14.56
CA THR D 419 -7.48 21.89 -13.38
C THR D 419 -6.07 22.33 -13.72
N ILE D 420 -5.64 22.17 -14.98
CA ILE D 420 -4.34 22.65 -15.41
C ILE D 420 -4.29 24.17 -15.38
N LEU D 421 -5.34 24.81 -15.90
CA LEU D 421 -5.39 26.27 -15.97
C LEU D 421 -5.85 26.92 -14.67
N GLY D 422 -6.33 26.14 -13.70
CA GLY D 422 -6.91 26.72 -12.51
C GLY D 422 -8.40 26.87 -12.63
N GLY D 423 -9.09 25.76 -12.91
CA GLY D 423 -10.51 25.75 -13.19
C GLY D 423 -11.42 26.27 -12.10
N PRO D 424 -11.53 25.54 -10.98
CA PRO D 424 -12.41 26.00 -9.89
C PRO D 424 -11.95 27.29 -9.23
N PHE D 425 -10.65 27.59 -9.28
CA PHE D 425 -10.14 28.83 -8.70
C PHE D 425 -10.64 30.04 -9.46
N HIS D 426 -10.78 29.94 -10.78
CA HIS D 426 -11.37 31.02 -11.56
C HIS D 426 -12.84 31.20 -11.22
N VAL D 427 -13.55 30.10 -10.94
CA VAL D 427 -14.95 30.16 -10.54
C VAL D 427 -15.09 30.91 -9.22
N ILE D 428 -14.27 30.55 -8.23
CA ILE D 428 -14.41 31.20 -6.93
C ILE D 428 -13.87 32.63 -6.96
N ILE D 429 -12.92 32.93 -7.85
CA ILE D 429 -12.42 34.29 -7.98
C ILE D 429 -13.47 35.20 -8.62
N ILE D 430 -14.13 34.71 -9.68
CA ILE D 430 -15.20 35.47 -10.33
C ILE D 430 -16.38 35.65 -9.39
N THR D 431 -16.70 34.60 -8.61
CA THR D 431 -17.77 34.70 -7.63
C THR D 431 -17.43 35.70 -6.52
N TYR D 432 -16.16 35.72 -6.09
CA TYR D 432 -15.72 36.68 -5.08
C TYR D 432 -15.83 38.11 -5.58
N ALA D 433 -15.43 38.35 -6.83
CA ALA D 433 -15.55 39.70 -7.41
C ALA D 433 -17.01 40.10 -7.56
N SER D 434 -17.87 39.17 -7.97
CA SER D 434 -19.30 39.46 -8.10
C SER D 434 -19.93 39.75 -6.74
N LEU D 435 -19.51 39.02 -5.70
CA LEU D 435 -20.05 39.27 -4.36
C LEU D 435 -19.55 40.58 -3.78
N VAL D 436 -18.31 40.99 -4.10
CA VAL D 436 -17.81 42.28 -3.65
C VAL D 436 -18.56 43.42 -4.34
N LEU D 437 -18.84 43.26 -5.64
CA LEU D 437 -19.63 44.28 -6.33
C LEU D 437 -21.08 44.31 -5.85
N LEU D 438 -21.63 43.14 -5.49
CA LEU D 438 -22.97 43.09 -4.91
C LEU D 438 -23.00 43.78 -3.55
N THR D 439 -21.96 43.60 -2.74
CA THR D 439 -21.87 44.32 -1.47
C THR D 439 -21.69 45.82 -1.69
N MET D 440 -20.98 46.21 -2.76
CA MET D 440 -20.81 47.63 -3.07
C MET D 440 -22.13 48.28 -3.44
N VAL D 441 -22.93 47.62 -4.31
CA VAL D 441 -24.22 48.18 -4.65
C VAL D 441 -25.22 48.04 -3.50
N MET D 442 -25.01 47.09 -2.59
CA MET D 442 -25.81 47.02 -1.37
C MET D 442 -25.52 48.20 -0.45
N ARG D 443 -24.24 48.57 -0.34
CA ARG D 443 -23.86 49.74 0.45
C ARG D 443 -24.39 51.03 -0.17
N LEU D 444 -24.29 51.16 -1.49
CA LEU D 444 -24.77 52.37 -2.16
C LEU D 444 -26.28 52.43 -2.23
N THR D 445 -26.98 51.30 -2.14
CA THR D 445 -28.43 51.27 -2.15
C THR D 445 -29.03 51.24 -0.74
N ASN D 446 -28.19 51.08 0.29
CA ASN D 446 -28.60 51.01 1.70
C ASN D 446 -29.57 49.88 1.96
N MET D 447 -29.16 48.66 1.60
CA MET D 447 -29.94 47.46 1.87
C MET D 447 -29.35 46.70 3.04
N ASN D 448 -30.21 46.31 3.98
CA ASN D 448 -29.79 45.52 5.13
C ASN D 448 -29.46 44.09 4.69
N GLY D 449 -28.44 43.52 5.32
CA GLY D 449 -28.05 42.16 5.01
C GLY D 449 -26.74 42.05 4.27
N GLU D 450 -25.78 42.92 4.60
CA GLU D 450 -24.45 42.85 4.02
C GLU D 450 -23.64 41.67 4.54
N VAL D 451 -24.06 41.07 5.66
CA VAL D 451 -23.29 39.99 6.26
C VAL D 451 -23.31 38.75 5.38
N VAL D 452 -24.37 38.56 4.60
CA VAL D 452 -24.49 37.41 3.71
C VAL D 452 -23.47 37.49 2.57
N PRO D 453 -23.46 38.52 1.69
CA PRO D 453 -22.42 38.53 0.65
C PRO D 453 -21.03 38.80 1.20
N LEU D 454 -20.92 39.46 2.35
CA LEU D 454 -19.59 39.64 2.94
C LEU D 454 -19.02 38.32 3.46
N SER D 455 -19.87 37.44 4.00
CA SER D 455 -19.40 36.14 4.46
C SER D 455 -19.01 35.26 3.29
N PHE D 456 -19.86 35.18 2.25
CA PHE D 456 -19.48 34.43 1.05
C PHE D 456 -18.21 34.99 0.41
N ALA D 457 -18.10 36.32 0.33
CA ALA D 457 -16.92 36.93 -0.28
C ALA D 457 -15.66 36.68 0.54
N LEU D 458 -15.76 36.73 1.87
CA LEU D 458 -14.60 36.47 2.71
C LEU D 458 -14.11 35.03 2.56
N VAL D 459 -15.04 34.07 2.62
CA VAL D 459 -14.65 32.66 2.52
C VAL D 459 -14.07 32.36 1.14
N LEU D 460 -14.74 32.81 0.08
CA LEU D 460 -14.28 32.51 -1.28
C LEU D 460 -12.99 33.24 -1.62
N GLY D 461 -12.87 34.50 -1.22
CA GLY D 461 -11.66 35.26 -1.52
C GLY D 461 -10.45 34.76 -0.75
N TRP D 462 -10.64 34.31 0.49
CA TRP D 462 -9.51 33.75 1.22
C TRP D 462 -9.15 32.37 0.70
N CYS D 463 -10.15 31.57 0.32
CA CYS D 463 -9.85 30.26 -0.25
C CYS D 463 -9.27 30.37 -1.67
N SER D 464 -9.40 31.52 -2.31
CA SER D 464 -8.77 31.74 -3.61
C SER D 464 -7.27 32.00 -3.51
N VAL D 465 -6.72 32.17 -2.30
CA VAL D 465 -5.28 32.30 -2.14
C VAL D 465 -4.58 30.97 -2.40
N MET D 466 -5.30 29.85 -2.32
CA MET D 466 -4.75 28.55 -2.69
C MET D 466 -4.46 28.40 -4.17
N TYR D 467 -4.91 29.35 -5.01
CA TYR D 467 -4.53 29.33 -6.41
C TYR D 467 -3.03 29.54 -6.58
N PHE D 468 -2.43 30.37 -5.73
CA PHE D 468 -1.00 30.65 -5.80
C PHE D 468 -0.15 29.56 -5.19
N ALA D 469 -0.77 28.50 -4.64
CA ALA D 469 -0.03 27.37 -4.13
C ALA D 469 0.60 26.53 -5.23
N ARG D 470 0.12 26.65 -6.48
CA ARG D 470 0.64 25.86 -7.58
C ARG D 470 2.05 26.24 -7.97
N GLY D 471 2.52 27.41 -7.57
CA GLY D 471 3.88 27.83 -7.85
C GLY D 471 4.92 27.26 -6.91
N PHE D 472 4.52 26.44 -5.95
CA PHE D 472 5.43 25.87 -4.96
C PHE D 472 5.29 24.37 -4.95
N GLN D 473 6.42 23.68 -4.83
CA GLN D 473 6.43 22.22 -4.78
C GLN D 473 5.77 21.70 -3.51
N MET D 474 5.89 22.44 -2.41
CA MET D 474 5.35 22.00 -1.13
C MET D 474 3.83 21.99 -1.13
N LEU D 475 3.20 22.96 -1.80
CA LEU D 475 1.77 23.17 -1.64
C LEU D 475 0.94 22.84 -2.88
N GLY D 476 1.53 22.86 -4.07
CA GLY D 476 0.82 22.61 -5.31
C GLY D 476 0.18 21.24 -5.45
N PRO D 477 0.97 20.17 -5.32
CA PRO D 477 0.39 18.82 -5.31
C PRO D 477 -0.64 18.59 -4.21
N PHE D 478 -0.46 19.19 -3.03
CA PHE D 478 -1.46 19.03 -1.98
C PHE D 478 -2.76 19.74 -2.35
N THR D 479 -2.67 20.89 -3.01
CA THR D 479 -3.86 21.59 -3.48
C THR D 479 -4.58 20.79 -4.56
N ILE D 480 -3.82 20.14 -5.44
CA ILE D 480 -4.43 19.28 -6.46
C ILE D 480 -5.09 18.06 -5.82
N MET D 481 -4.47 17.51 -4.78
CA MET D 481 -5.08 16.38 -4.06
C MET D 481 -6.36 16.81 -3.35
N ILE D 482 -6.40 18.03 -2.84
CA ILE D 482 -7.63 18.57 -2.26
C ILE D 482 -8.71 18.68 -3.34
N GLN D 483 -8.34 19.16 -4.52
CA GLN D 483 -9.29 19.25 -5.64
C GLN D 483 -9.81 17.88 -6.05
N LYS D 484 -8.93 16.87 -6.06
CA LYS D 484 -9.36 15.53 -6.45
C LYS D 484 -10.22 14.88 -5.38
N MET D 485 -9.97 15.17 -4.10
CA MET D 485 -10.78 14.59 -3.04
C MET D 485 -12.13 15.27 -2.89
N ILE D 486 -12.22 16.56 -3.21
CA ILE D 486 -13.51 17.26 -3.13
C ILE D 486 -14.47 16.72 -4.18
N PHE D 487 -14.02 16.59 -5.42
CA PHE D 487 -14.85 16.10 -6.51
C PHE D 487 -14.88 14.58 -6.58
N GLY D 488 -14.17 13.91 -5.69
CA GLY D 488 -14.11 12.46 -5.67
C GLY D 488 -14.80 11.85 -4.48
N ASP D 489 -14.02 11.51 -3.44
CA ASP D 489 -14.54 10.79 -2.28
C ASP D 489 -15.52 11.62 -1.47
N LEU D 490 -15.30 12.94 -1.38
CA LEU D 490 -16.18 13.78 -0.58
C LEU D 490 -17.58 13.88 -1.17
N MET D 491 -17.70 13.85 -2.50
CA MET D 491 -19.00 13.97 -3.14
C MET D 491 -19.86 12.73 -2.89
N ARG D 492 -19.29 11.54 -3.10
CA ARG D 492 -20.03 10.31 -2.84
C ARG D 492 -20.30 10.11 -1.35
N PHE D 493 -19.35 10.53 -0.51
CA PHE D 493 -19.53 10.41 0.92
C PHE D 493 -20.64 11.33 1.41
N CYS D 494 -20.71 12.55 0.87
CA CYS D 494 -21.79 13.46 1.21
C CYS D 494 -23.12 12.99 0.64
N TRP D 495 -23.11 12.32 -0.51
CA TRP D 495 -24.35 11.84 -1.10
C TRP D 495 -24.98 10.74 -0.26
N LEU D 496 -24.15 9.85 0.31
CA LEU D 496 -24.73 8.84 1.21
C LEU D 496 -24.93 9.39 2.63
N MET D 497 -24.14 10.42 2.96
CA MET D 497 -24.26 11.11 4.24
C MET D 497 -25.58 11.85 4.37
N ALA D 498 -26.08 12.39 3.26
CA ALA D 498 -27.40 13.03 3.26
C ALA D 498 -28.48 12.02 3.61
N VAL D 499 -28.38 10.80 3.08
CA VAL D 499 -29.34 9.73 3.38
C VAL D 499 -29.29 9.35 4.85
N VAL D 500 -28.08 9.13 5.39
CA VAL D 500 -27.94 8.71 6.79
C VAL D 500 -28.43 9.81 7.73
N ILE D 501 -28.04 11.06 7.46
CA ILE D 501 -28.41 12.18 8.31
C ILE D 501 -29.90 12.47 8.24
N LEU D 502 -30.51 12.34 7.05
CA LEU D 502 -31.94 12.56 6.92
C LEU D 502 -32.73 11.52 7.70
N GLY D 503 -32.35 10.24 7.58
CA GLY D 503 -33.06 9.19 8.31
C GLY D 503 -32.93 9.33 9.81
N PHE D 504 -31.71 9.55 10.30
CA PHE D 504 -31.54 9.64 11.74
C PHE D 504 -32.05 10.96 12.31
N ALA D 505 -32.05 12.04 11.51
CA ALA D 505 -32.63 13.30 11.96
C ALA D 505 -34.15 13.19 12.08
N SER D 506 -34.79 12.51 11.13
CA SER D 506 -36.23 12.27 11.23
C SER D 506 -36.56 11.40 12.44
N ALA D 507 -35.74 10.37 12.69
CA ALA D 507 -35.95 9.52 13.85
C ALA D 507 -35.77 10.28 15.17
N PHE D 508 -34.74 11.12 15.25
CA PHE D 508 -34.50 11.90 16.46
C PHE D 508 -35.60 12.93 16.69
N HIS D 509 -36.07 13.58 15.61
CA HIS D 509 -37.12 14.58 15.76
C HIS D 509 -38.45 13.96 16.18
N ILE D 510 -38.80 12.80 15.63
CA ILE D 510 -40.02 12.15 16.09
C ILE D 510 -39.85 11.52 17.46
N THR D 511 -38.61 11.21 17.88
CA THR D 511 -38.40 10.71 19.23
C THR D 511 -38.59 11.82 20.26
N PHE D 512 -38.05 13.01 19.99
CA PHE D 512 -38.18 14.14 20.90
C PHE D 512 -39.32 15.07 20.54
N GLN D 513 -40.37 14.55 19.89
CA GLN D 513 -41.54 15.36 19.58
C GLN D 513 -42.51 15.44 20.76
N THR D 514 -42.35 14.59 21.77
CA THR D 514 -43.25 14.56 22.91
C THR D 514 -42.58 15.01 24.20
N GLU D 515 -41.33 15.43 24.14
CA GLU D 515 -40.58 15.82 25.33
C GLU D 515 -40.48 17.34 25.42
N ASP D 516 -39.98 17.81 26.56
CA ASP D 516 -39.80 19.23 26.78
C ASP D 516 -38.58 19.72 26.00
N PRO D 517 -38.72 20.74 25.14
CA PRO D 517 -37.57 21.24 24.39
C PRO D 517 -36.56 22.01 25.24
N ASN D 518 -36.88 22.36 26.48
CA ASN D 518 -35.94 23.09 27.32
C ASN D 518 -34.82 22.18 27.83
N ASN D 519 -35.15 20.92 28.15
CA ASN D 519 -34.16 20.01 28.70
C ASN D 519 -33.30 19.35 27.63
N LEU D 520 -33.82 19.21 26.40
CA LEU D 520 -33.03 18.71 25.29
C LEU D 520 -33.57 19.35 24.02
N GLY D 521 -32.93 20.43 23.59
CA GLY D 521 -33.37 21.20 22.44
C GLY D 521 -32.60 20.96 21.16
N GLU D 522 -31.82 19.87 21.08
CA GLU D 522 -31.10 19.57 19.85
C GLU D 522 -32.05 19.14 18.73
N PHE D 523 -33.16 18.49 19.08
CA PHE D 523 -34.09 17.97 18.10
C PHE D 523 -35.49 18.55 18.29
N SER D 524 -35.58 19.80 18.73
CA SER D 524 -36.89 20.42 18.95
C SER D 524 -37.58 20.74 17.63
N ASP D 525 -36.84 21.30 16.69
CA ASP D 525 -37.34 21.61 15.36
C ASP D 525 -36.63 20.73 14.33
N TYR D 526 -37.33 20.45 13.23
CA TYR D 526 -36.75 19.58 12.20
C TYR D 526 -35.52 20.16 11.50
N PRO D 527 -35.43 21.45 11.13
CA PRO D 527 -34.11 21.95 10.68
C PRO D 527 -33.06 21.90 11.77
N THR D 528 -33.44 22.18 13.02
CA THR D 528 -32.51 22.03 14.13
C THR D 528 -32.13 20.57 14.34
N ALA D 529 -33.07 19.64 14.12
CA ALA D 529 -32.76 18.23 14.22
C ALA D 529 -31.78 17.80 13.12
N LEU D 530 -31.97 18.32 11.91
CA LEU D 530 -31.06 18.00 10.79
C LEU D 530 -29.66 18.53 11.06
N PHE D 531 -29.56 19.77 11.53
CA PHE D 531 -28.26 20.36 11.84
C PHE D 531 -27.59 19.64 13.00
N SER D 532 -28.36 19.28 14.04
CA SER D 532 -27.80 18.59 15.18
C SER D 532 -27.35 17.18 14.82
N THR D 533 -28.10 16.49 13.96
CA THR D 533 -27.69 15.17 13.50
C THR D 533 -26.46 15.21 12.60
N PHE D 534 -26.34 16.23 11.76
CA PHE D 534 -25.11 16.40 10.98
C PHE D 534 -23.90 16.66 11.88
N GLU D 535 -24.08 17.52 12.89
CA GLU D 535 -23.01 17.78 13.85
C GLU D 535 -22.68 16.54 14.69
N LEU D 536 -23.67 15.72 15.00
CA LEU D 536 -23.43 14.52 15.78
C LEU D 536 -22.76 13.44 14.94
N PHE D 537 -23.03 13.43 13.63
CA PHE D 537 -22.27 12.56 12.74
C PHE D 537 -20.80 12.99 12.70
N LEU D 538 -20.56 14.29 12.56
CA LEU D 538 -19.17 14.76 12.54
C LEU D 538 -18.58 14.91 13.93
N THR D 539 -19.37 14.62 14.97
CA THR D 539 -18.97 14.68 16.39
C THR D 539 -18.34 16.01 16.78
N ILE D 540 -18.84 17.10 16.17
CA ILE D 540 -18.39 18.44 16.54
C ILE D 540 -19.22 19.01 17.68
N ILE D 541 -20.30 18.34 18.08
CA ILE D 541 -21.02 18.63 19.30
C ILE D 541 -21.14 17.35 20.11
N ASP D 542 -21.39 17.50 21.40
CA ASP D 542 -21.53 16.35 22.28
C ASP D 542 -22.86 15.65 22.05
N GLY D 543 -22.90 14.37 22.40
CA GLY D 543 -24.13 13.63 22.43
C GLY D 543 -25.06 14.19 23.49
N PRO D 544 -26.30 14.55 23.09
CA PRO D 544 -27.21 15.20 24.03
C PRO D 544 -27.70 14.25 25.12
N ALA D 545 -27.20 14.46 26.34
CA ALA D 545 -27.57 13.63 27.47
C ALA D 545 -27.77 14.53 28.68
N ASN D 546 -28.95 14.46 29.30
CA ASN D 546 -29.26 15.19 30.52
C ASN D 546 -29.58 14.14 31.59
N TYR D 547 -28.63 13.89 32.48
CA TYR D 547 -28.77 12.85 33.49
C TYR D 547 -29.73 13.21 34.61
N SER D 548 -30.08 14.49 34.74
CA SER D 548 -31.07 14.89 35.74
C SER D 548 -32.48 14.52 35.34
N VAL D 549 -32.74 14.30 34.05
CA VAL D 549 -34.06 13.95 33.55
C VAL D 549 -33.99 12.56 32.92
N ASP D 550 -35.16 12.03 32.57
CA ASP D 550 -35.28 10.71 31.98
C ASP D 550 -35.55 10.85 30.49
N LEU D 551 -34.52 10.58 29.67
CA LEU D 551 -34.68 10.58 28.23
C LEU D 551 -35.41 9.32 27.79
N PRO D 552 -36.11 9.36 26.65
CA PRO D 552 -36.73 8.15 26.13
C PRO D 552 -35.70 7.12 25.69
N PHE D 553 -36.07 5.85 25.82
CA PHE D 553 -35.18 4.75 25.43
C PHE D 553 -35.02 4.65 23.92
N MET D 554 -35.99 5.17 23.16
CA MET D 554 -35.86 5.17 21.70
C MET D 554 -34.72 6.07 21.24
N TYR D 555 -34.50 7.18 21.94
CA TYR D 555 -33.33 8.01 21.65
C TYR D 555 -32.04 7.24 21.92
N CYS D 556 -32.01 6.45 23.01
CA CYS D 556 -30.80 5.69 23.33
C CYS D 556 -30.51 4.63 22.28
N ILE D 557 -31.54 3.91 21.83
CA ILE D 557 -31.33 2.87 20.82
C ILE D 557 -30.95 3.50 19.47
N THR D 558 -31.66 4.57 19.08
CA THR D 558 -31.38 5.23 17.81
C THR D 558 -30.01 5.89 17.82
N TYR D 559 -29.59 6.45 18.95
CA TYR D 559 -28.28 7.08 19.02
C TYR D 559 -27.16 6.04 19.12
N ALA D 560 -27.41 4.88 19.72
CA ALA D 560 -26.44 3.81 19.66
C ALA D 560 -26.23 3.32 18.24
N ALA D 561 -27.33 3.16 17.49
CA ALA D 561 -27.20 2.78 16.07
C ALA D 561 -26.54 3.88 15.25
N PHE D 562 -26.83 5.14 15.57
CA PHE D 562 -26.22 6.27 14.87
C PHE D 562 -24.72 6.33 15.16
N ALA D 563 -24.31 6.05 16.40
CA ALA D 563 -22.90 6.07 16.73
C ALA D 563 -22.17 4.86 16.13
N ILE D 564 -22.85 3.73 15.98
CA ILE D 564 -22.21 2.57 15.36
C ILE D 564 -22.04 2.78 13.86
N ILE D 565 -23.11 3.19 13.17
CA ILE D 565 -23.07 3.26 11.72
C ILE D 565 -22.40 4.55 11.25
N ALA D 566 -22.80 5.69 11.79
CA ALA D 566 -22.31 6.98 11.32
C ALA D 566 -20.95 7.33 11.90
N THR D 567 -20.82 7.31 13.22
CA THR D 567 -19.57 7.74 13.86
C THR D 567 -18.47 6.71 13.71
N LEU D 568 -18.78 5.44 13.99
CA LEU D 568 -17.73 4.42 14.05
C LEU D 568 -17.39 3.89 12.65
N LEU D 569 -18.40 3.50 11.89
CA LEU D 569 -18.16 2.92 10.56
C LEU D 569 -17.86 4.00 9.52
N MET D 570 -18.80 4.91 9.29
CA MET D 570 -18.74 5.79 8.12
C MET D 570 -17.65 6.85 8.21
N LEU D 571 -17.46 7.46 9.39
CA LEU D 571 -16.49 8.53 9.53
C LEU D 571 -15.05 8.06 9.39
N ASN D 572 -14.78 6.79 9.70
CA ASN D 572 -13.45 6.22 9.51
C ASN D 572 -13.31 5.51 8.18
N LEU D 573 -14.42 5.06 7.59
CA LEU D 573 -14.38 4.53 6.23
C LEU D 573 -14.05 5.62 5.22
N PHE D 574 -14.43 6.87 5.52
CA PHE D 574 -14.00 8.00 4.69
C PHE D 574 -12.49 8.18 4.73
N ILE D 575 -11.89 8.02 5.91
CA ILE D 575 -10.44 8.11 6.05
C ILE D 575 -9.76 6.97 5.30
N ALA D 576 -10.33 5.76 5.38
CA ALA D 576 -9.78 4.61 4.65
C ALA D 576 -9.88 4.80 3.13
N MET D 577 -11.03 5.29 2.66
CA MET D 577 -11.24 5.53 1.24
C MET D 577 -10.29 6.61 0.72
N MET D 578 -10.10 7.68 1.49
CA MET D 578 -9.19 8.72 1.05
C MET D 578 -7.73 8.26 1.14
N GLY D 579 -7.42 7.36 2.09
CA GLY D 579 -6.08 6.81 2.14
C GLY D 579 -5.77 5.92 0.94
N ASP D 580 -6.78 5.19 0.45
CA ASP D 580 -6.61 4.44 -0.79
C ASP D 580 -6.46 5.37 -2.00
N THR D 581 -7.37 6.33 -2.12
CA THR D 581 -7.38 7.23 -3.27
C THR D 581 -6.18 8.15 -3.28
N HIS D 582 -5.55 8.40 -2.13
CA HIS D 582 -4.36 9.26 -2.10
C HIS D 582 -3.19 8.60 -2.80
N TRP D 583 -2.91 7.34 -2.47
CA TRP D 583 -1.80 6.67 -3.13
C TRP D 583 -2.16 6.20 -4.53
N ARG D 584 -3.45 6.09 -4.87
CA ARG D 584 -3.76 5.65 -6.23
C ARG D 584 -3.64 6.75 -7.28
N VAL D 585 -3.59 8.03 -6.90
CA VAL D 585 -3.51 9.11 -7.90
C VAL D 585 -2.31 10.03 -7.64
N ALA D 586 -1.30 9.57 -6.90
CA ALA D 586 -0.18 10.44 -6.52
C ALA D 586 0.70 10.79 -7.71
N GLN D 587 0.95 9.83 -8.61
CA GLN D 587 1.74 10.10 -9.81
C GLN D 587 1.01 11.07 -10.72
N GLU D 588 -0.29 10.86 -10.91
CA GLU D 588 -1.12 11.81 -11.67
C GLU D 588 -1.13 13.17 -11.01
N ARG D 589 -1.12 13.21 -9.67
CA ARG D 589 -1.02 14.47 -8.94
C ARG D 589 0.28 15.22 -9.26
N ASP D 590 1.40 14.49 -9.31
CA ASP D 590 2.67 15.14 -9.61
C ASP D 590 2.72 15.66 -11.04
N GLU D 591 2.24 14.87 -12.01
CA GLU D 591 2.22 15.34 -13.39
C GLU D 591 1.24 16.50 -13.58
N LEU D 592 0.12 16.48 -12.85
CA LEU D 592 -0.82 17.59 -12.88
C LEU D 592 -0.18 18.87 -12.32
N TRP D 593 0.63 18.74 -11.27
CA TRP D 593 1.30 19.92 -10.73
C TRP D 593 2.34 20.48 -11.69
N ARG D 594 3.09 19.59 -12.35
CA ARG D 594 4.09 20.05 -13.32
C ARG D 594 3.42 20.77 -14.50
N ALA D 595 2.32 20.20 -15.01
CA ALA D 595 1.58 20.87 -16.08
C ALA D 595 0.92 22.16 -15.60
N GLN D 596 0.53 22.22 -14.32
CA GLN D 596 0.00 23.47 -13.77
C GLN D 596 1.07 24.55 -13.71
N VAL D 597 2.30 24.17 -13.36
CA VAL D 597 3.41 25.13 -13.36
C VAL D 597 3.67 25.65 -14.77
N VAL D 598 3.65 24.76 -15.76
CA VAL D 598 3.86 25.18 -17.14
C VAL D 598 2.72 26.09 -17.63
N ALA D 599 1.47 25.76 -17.28
CA ALA D 599 0.34 26.59 -17.67
C ALA D 599 0.35 27.94 -16.98
N THR D 600 0.80 27.99 -15.72
CA THR D 600 0.96 29.25 -15.02
C THR D 600 2.03 30.11 -15.70
N THR D 601 3.12 29.48 -16.15
CA THR D 601 4.15 30.20 -16.89
C THR D 601 3.61 30.76 -18.19
N VAL D 602 2.80 29.97 -18.90
CA VAL D 602 2.20 30.42 -20.17
C VAL D 602 1.24 31.58 -19.93
N MET D 603 0.41 31.49 -18.89
CA MET D 603 -0.53 32.56 -18.56
C MET D 603 0.22 33.84 -18.16
N LEU D 604 1.29 33.70 -17.39
CA LEU D 604 2.07 34.87 -16.99
C LEU D 604 2.78 35.50 -18.18
N GLU D 605 3.27 34.69 -19.11
CA GLU D 605 3.90 35.27 -20.30
C GLU D 605 2.87 35.94 -21.21
N ARG D 606 1.64 35.41 -21.25
CA ARG D 606 0.62 36.00 -22.11
C ARG D 606 0.07 37.29 -21.54
N LYS D 607 -0.18 37.35 -20.23
CA LYS D 607 -0.91 38.48 -19.66
C LYS D 607 -0.01 39.62 -19.20
N MET D 608 1.20 39.33 -18.71
CA MET D 608 2.09 40.37 -18.24
C MET D 608 2.66 41.14 -19.44
N PRO D 609 3.11 42.39 -19.23
CA PRO D 609 3.66 43.17 -20.34
C PRO D 609 4.96 42.58 -20.89
N ARG D 610 5.22 42.88 -22.16
CA ARG D 610 6.33 42.27 -22.88
C ARG D 610 7.68 42.75 -22.37
N PHE D 611 7.76 43.98 -21.84
CA PHE D 611 9.03 44.51 -21.36
C PHE D 611 9.51 43.81 -20.09
N LEU D 612 8.62 43.14 -19.36
CA LEU D 612 9.00 42.34 -18.21
C LEU D 612 9.21 40.87 -18.54
N TRP D 613 8.79 40.43 -19.73
CA TRP D 613 8.99 39.06 -20.19
C TRP D 613 9.79 39.10 -21.49
N PRO D 614 11.12 39.11 -21.42
CA PRO D 614 11.91 39.07 -22.65
C PRO D 614 11.79 37.74 -23.36
N ARG D 615 12.07 37.77 -24.66
CA ARG D 615 11.94 36.57 -25.49
C ARG D 615 12.99 35.53 -25.11
N SER D 616 12.55 34.29 -24.96
CA SER D 616 13.41 33.22 -24.48
C SER D 616 14.22 32.62 -25.63
N GLY D 617 15.41 32.17 -25.30
CA GLY D 617 16.30 31.54 -26.27
C GLY D 617 17.45 32.45 -26.67
N ILE D 618 18.23 31.96 -27.62
CA ILE D 618 19.38 32.67 -28.16
C ILE D 618 19.03 33.17 -29.55
N CYS D 619 19.18 34.48 -29.77
CA CYS D 619 18.84 35.07 -31.05
C CYS D 619 19.85 34.68 -32.11
N GLY D 620 19.36 34.21 -33.26
CA GLY D 620 20.22 33.81 -34.35
C GLY D 620 20.74 34.94 -35.21
N TYR D 621 20.17 36.14 -35.07
CA TYR D 621 20.64 37.28 -35.86
C TYR D 621 22.00 37.77 -35.38
N GLU D 622 22.31 37.54 -34.10
CA GLU D 622 23.60 37.96 -33.55
C GLU D 622 24.75 37.06 -34.03
N TYR D 623 24.44 35.90 -34.59
CA TYR D 623 25.45 34.93 -34.98
C TYR D 623 25.32 34.49 -36.44
N GLY D 624 24.43 35.13 -37.21
CA GLY D 624 24.32 34.83 -38.61
C GLY D 624 23.48 33.62 -38.96
N LEU D 625 22.61 33.16 -38.05
CA LEU D 625 21.74 32.01 -38.30
C LEU D 625 20.32 32.44 -38.67
N GLY D 626 20.17 33.54 -39.39
CA GLY D 626 18.86 33.98 -39.83
C GLY D 626 18.11 34.71 -38.72
N ASP D 627 16.78 34.61 -38.77
CA ASP D 627 15.90 35.27 -37.83
C ASP D 627 15.17 34.26 -36.95
N ARG D 628 15.88 33.22 -36.55
CA ARG D 628 15.32 32.19 -35.67
C ARG D 628 15.95 32.28 -34.29
N TRP D 629 15.21 31.80 -33.30
CA TRP D 629 15.68 31.76 -31.92
C TRP D 629 15.85 30.31 -31.49
N PHE D 630 16.98 30.03 -30.83
CA PHE D 630 17.35 28.66 -30.51
C PHE D 630 17.58 28.51 -29.01
N LEU D 631 17.47 27.27 -28.54
CA LEU D 631 17.77 26.91 -27.16
C LEU D 631 18.86 25.84 -27.17
N ARG D 632 19.92 26.06 -26.39
CA ARG D 632 21.08 25.18 -26.38
C ARG D 632 20.97 24.21 -25.22
N VAL D 633 21.06 22.92 -25.52
CA VAL D 633 21.00 21.87 -24.51
C VAL D 633 22.30 21.09 -24.56
N GLU D 634 22.98 21.00 -23.43
CA GLU D 634 24.18 20.19 -23.28
C GLU D 634 23.84 18.98 -22.41
N ASN D 635 23.96 17.79 -22.98
CA ASN D 635 23.61 16.56 -22.29
C ASN D 635 24.82 15.66 -22.17
N HIS D 636 24.63 14.55 -21.46
CA HIS D 636 25.70 13.60 -21.16
C HIS D 636 25.25 12.22 -21.61
N HIS D 637 25.98 11.63 -22.55
CA HIS D 637 25.66 10.28 -23.03
C HIS D 637 26.79 9.31 -22.73
#